data_1O9Z
# 
_entry.id   1O9Z 
# 
_audit_conform.dict_name       mmcif_pdbx.dic 
_audit_conform.dict_version    5.398 
_audit_conform.dict_location   http://mmcif.pdb.org/dictionaries/ascii/mmcif_pdbx.dic 
# 
loop_
_database_2.database_id 
_database_2.database_code 
_database_2.pdbx_database_accession 
_database_2.pdbx_DOI 
PDB   1O9Z         pdb_00001o9z 10.2210/pdb1o9z/pdb 
PDBE  EBI-11913    ?            ?                   
WWPDB D_1290011913 ?            ?                   
# 
loop_
_pdbx_audit_revision_history.ordinal 
_pdbx_audit_revision_history.data_content_type 
_pdbx_audit_revision_history.major_revision 
_pdbx_audit_revision_history.minor_revision 
_pdbx_audit_revision_history.revision_date 
1 'Structure model' 1 0 2003-05-29 
2 'Structure model' 1 1 2011-05-08 
3 'Structure model' 1 2 2011-07-13 
4 'Structure model' 1 3 2019-07-24 
5 'Structure model' 1 4 2023-12-13 
6 'Structure model' 1 5 2024-11-13 
# 
_pdbx_audit_revision_details.ordinal             1 
_pdbx_audit_revision_details.revision_ordinal    1 
_pdbx_audit_revision_details.data_content_type   'Structure model' 
_pdbx_audit_revision_details.provider            repository 
_pdbx_audit_revision_details.type                'Initial release' 
_pdbx_audit_revision_details.description         ? 
_pdbx_audit_revision_details.details             ? 
# 
loop_
_pdbx_audit_revision_group.ordinal 
_pdbx_audit_revision_group.revision_ordinal 
_pdbx_audit_revision_group.data_content_type 
_pdbx_audit_revision_group.group 
1 2 'Structure model' 'Version format compliance' 
2 3 'Structure model' 'Version format compliance' 
3 4 'Structure model' 'Data collection'           
4 5 'Structure model' 'Data collection'           
5 5 'Structure model' 'Database references'       
6 5 'Structure model' Other                       
7 5 'Structure model' 'Refinement description'    
8 6 'Structure model' 'Structure summary'         
# 
loop_
_pdbx_audit_revision_category.ordinal 
_pdbx_audit_revision_category.revision_ordinal 
_pdbx_audit_revision_category.data_content_type 
_pdbx_audit_revision_category.category 
1 4 'Structure model' diffrn_source                 
2 5 'Structure model' chem_comp_atom                
3 5 'Structure model' chem_comp_bond                
4 5 'Structure model' database_2                    
5 5 'Structure model' pdbx_database_status          
6 5 'Structure model' pdbx_initial_refinement_model 
7 6 'Structure model' pdbx_entry_details            
8 6 'Structure model' pdbx_modification_feature     
# 
loop_
_pdbx_audit_revision_item.ordinal 
_pdbx_audit_revision_item.revision_ordinal 
_pdbx_audit_revision_item.data_content_type 
_pdbx_audit_revision_item.item 
1 4 'Structure model' '_diffrn_source.pdbx_synchrotron_site' 
2 5 'Structure model' '_database_2.pdbx_DOI'                 
3 5 'Structure model' '_database_2.pdbx_database_accession'  
4 5 'Structure model' '_pdbx_database_status.status_code_sf' 
# 
_pdbx_database_status.status_code                     REL 
_pdbx_database_status.entry_id                        1O9Z 
_pdbx_database_status.deposit_site                    PDBE 
_pdbx_database_status.process_site                    PDBE 
_pdbx_database_status.SG_entry                        . 
_pdbx_database_status.recvd_initial_deposition_date   2002-12-23 
_pdbx_database_status.pdb_format_compatible           Y 
_pdbx_database_status.status_code_sf                  REL 
_pdbx_database_status.status_code_mr                  ? 
_pdbx_database_status.status_code_cs                  ? 
_pdbx_database_status.methods_development_category    ? 
_pdbx_database_status.status_code_nmr_data            ? 
# 
loop_
_pdbx_database_related.db_name 
_pdbx_database_related.db_id 
_pdbx_database_related.content_type 
_pdbx_database_related.details 
PDB 1O9V unspecified 'F17-AG LECTIN DOMAIN FROM ESCHERICHIA COLI IN COMPLEX WITH A SELENIUM CARBOHYDRATE DERIVATIVE' 
PDB 1O9W unspecified 'F17-AG LECTIN DOMAIN FROM ESCHERICHIA COLI IN COMPLEX WITH N-ACETYL-GLUCOSAMINE'               
# 
loop_
_audit_author.name 
_audit_author.pdbx_ordinal 
'Buts, L.'      1  
'De Genst, E.'  2  
'Loris, R.'     3  
'Oscarson, S.'  4  
'Lahmann, M.'   5  
'Messens, J.'   6  
'Brosens, E.'   7  
'Wyns, L.'      8  
'Bouckaert, J.' 9  
'De Greve, H.'  10 
# 
loop_
_citation.id 
_citation.title 
_citation.journal_abbrev 
_citation.journal_volume 
_citation.page_first 
_citation.page_last 
_citation.year 
_citation.journal_id_ASTM 
_citation.country 
_citation.journal_id_ISSN 
_citation.journal_id_CSD 
_citation.book_publisher 
_citation.pdbx_database_id_PubMed 
_citation.pdbx_database_id_DOI 
primary 
;The Fimbrial Adhesin F17-G of Enterotoxigenic Escherichia Coli Has an Immunoglobulin-Like Lectin Domain that Binds N-Acetylglucosamine
;
Mol.Microbiol.             49  705  ? 2003 MOMIEE UK 0950-382X 2007 ? 12864853 10.1046/J.1365-2958.2003.03600.X 
1       
;Solving the Phase Problem for Carbohydrate -Binding Proteins Using Selenium Derivatives of Their Ligands: A Case Study Involving the Bacterial F17-G Adhesin
;
'Acta Crystallogr.,Sect.D' 59  1012 ? 2003 ABCRE6 DK 0907-4449 0766 ? 12777763 10.1107/S0907444903007170        
2       
;Identification, Characterization and Nucleotide Sequence of the F17G Gene, which Determines Receptor Binding of Escherichia Coli F17 Fimbriae
;
J.Bacteriol.               173 3366 ? 1991 JOBAAY US 0021-9193 0767 ? 1675211  ?                                
# 
loop_
_citation_author.citation_id 
_citation_author.name 
_citation_author.ordinal 
_citation_author.identifier_ORCID 
primary 'Buts, L.'         1  ? 
primary 'Bouckaert, J.'    2  ? 
primary 'De Genst, E.'     3  ? 
primary 'Loris, R.'        4  ? 
primary 'Oscarson, S.'     5  ? 
primary 'Lahmann, M.'      6  ? 
primary 'Messens, J.'      7  ? 
primary 'Brosens, E.'      8  ? 
primary 'Wyns, L.'         9  ? 
primary 'De Greve, H.'     10 ? 
1       'Buts, L.'         11 ? 
1       'Loris, R.'        12 ? 
1       'De Genst, E.'     13 ? 
1       'Oscarson, S.'     14 ? 
1       'Lahmann, M.'      15 ? 
1       'Messens, J.'      16 ? 
1       'Brosens, E.'      17 ? 
1       'Wyns, L.'         18 ? 
1       'De Greve, H.'     19 ? 
1       'Bouckaert, J.'    20 ? 
2       'Lintermans, P.F.' 21 ? 
2       'Bertels, A.'      22 ? 
2       'Schlicker, C.'    23 ? 
2       'Deboeck, F.'      24 ? 
2       'Charlier, G.'     25 ? 
2       'Pohl, P.'         26 ? 
2       'Norgren, M.'      27 ? 
2       'Normark, S.'      28 ? 
2       'Van Montagu, M.'  29 ? 
2       'De Greve, H.'     30 ? 
# 
loop_
_entity.id 
_entity.type 
_entity.src_method 
_entity.pdbx_description 
_entity.formula_weight 
_entity.pdbx_number_of_molecules 
_entity.pdbx_ec 
_entity.pdbx_mutation 
_entity.pdbx_fragment 
_entity.details 
1 polymer man 'F17-AG LECTIN DOMAIN' 19064.227 1   ? ? 'CARBOHYDRATE-BINDING DOMAIN, RESIDUES 23-199' ? 
2 water   nat water                  18.015    159 ? ? ?                                              ? 
# 
_entity_poly.entity_id                      1 
_entity_poly.type                           'polypeptide(L)' 
_entity_poly.nstd_linkage                   no 
_entity_poly.nstd_monomer                   no 
_entity_poly.pdbx_seq_one_letter_code       
;AVSFIGSTENDVGPSLGSYSRTHAMDNLPFVYDTRNKIGYQNANVWHISKGFCVGLDGKVDLPVVGSLDGQSIYGLTEEV
GLLIWMGDTKYSRGTAMSGNSWENVFSGWCVGANTASTQGLSVRVTPVILKRNSSSRYSVQKTSIGSIRMRPYNGSSAGS
VQTTVNFSLNPFTLNDT
;
_entity_poly.pdbx_seq_one_letter_code_can   
;AVSFIGSTENDVGPSLGSYSRTHAMDNLPFVYDTRNKIGYQNANVWHISKGFCVGLDGKVDLPVVGSLDGQSIYGLTEEV
GLLIWMGDTKYSRGTAMSGNSWENVFSGWCVGANTASTQGLSVRVTPVILKRNSSSRYSVQKTSIGSIRMRPYNGSSAGS
VQTTVNFSLNPFTLNDT
;
_entity_poly.pdbx_strand_id                 A 
_entity_poly.pdbx_target_identifier         ? 
# 
_pdbx_entity_nonpoly.entity_id   2 
_pdbx_entity_nonpoly.name        water 
_pdbx_entity_nonpoly.comp_id     HOH 
# 
loop_
_entity_poly_seq.entity_id 
_entity_poly_seq.num 
_entity_poly_seq.mon_id 
_entity_poly_seq.hetero 
1 1   ALA n 
1 2   VAL n 
1 3   SER n 
1 4   PHE n 
1 5   ILE n 
1 6   GLY n 
1 7   SER n 
1 8   THR n 
1 9   GLU n 
1 10  ASN n 
1 11  ASP n 
1 12  VAL n 
1 13  GLY n 
1 14  PRO n 
1 15  SER n 
1 16  LEU n 
1 17  GLY n 
1 18  SER n 
1 19  TYR n 
1 20  SER n 
1 21  ARG n 
1 22  THR n 
1 23  HIS n 
1 24  ALA n 
1 25  MET n 
1 26  ASP n 
1 27  ASN n 
1 28  LEU n 
1 29  PRO n 
1 30  PHE n 
1 31  VAL n 
1 32  TYR n 
1 33  ASP n 
1 34  THR n 
1 35  ARG n 
1 36  ASN n 
1 37  LYS n 
1 38  ILE n 
1 39  GLY n 
1 40  TYR n 
1 41  GLN n 
1 42  ASN n 
1 43  ALA n 
1 44  ASN n 
1 45  VAL n 
1 46  TRP n 
1 47  HIS n 
1 48  ILE n 
1 49  SER n 
1 50  LYS n 
1 51  GLY n 
1 52  PHE n 
1 53  CYS n 
1 54  VAL n 
1 55  GLY n 
1 56  LEU n 
1 57  ASP n 
1 58  GLY n 
1 59  LYS n 
1 60  VAL n 
1 61  ASP n 
1 62  LEU n 
1 63  PRO n 
1 64  VAL n 
1 65  VAL n 
1 66  GLY n 
1 67  SER n 
1 68  LEU n 
1 69  ASP n 
1 70  GLY n 
1 71  GLN n 
1 72  SER n 
1 73  ILE n 
1 74  TYR n 
1 75  GLY n 
1 76  LEU n 
1 77  THR n 
1 78  GLU n 
1 79  GLU n 
1 80  VAL n 
1 81  GLY n 
1 82  LEU n 
1 83  LEU n 
1 84  ILE n 
1 85  TRP n 
1 86  MET n 
1 87  GLY n 
1 88  ASP n 
1 89  THR n 
1 90  LYS n 
1 91  TYR n 
1 92  SER n 
1 93  ARG n 
1 94  GLY n 
1 95  THR n 
1 96  ALA n 
1 97  MET n 
1 98  SER n 
1 99  GLY n 
1 100 ASN n 
1 101 SER n 
1 102 TRP n 
1 103 GLU n 
1 104 ASN n 
1 105 VAL n 
1 106 PHE n 
1 107 SER n 
1 108 GLY n 
1 109 TRP n 
1 110 CYS n 
1 111 VAL n 
1 112 GLY n 
1 113 ALA n 
1 114 ASN n 
1 115 THR n 
1 116 ALA n 
1 117 SER n 
1 118 THR n 
1 119 GLN n 
1 120 GLY n 
1 121 LEU n 
1 122 SER n 
1 123 VAL n 
1 124 ARG n 
1 125 VAL n 
1 126 THR n 
1 127 PRO n 
1 128 VAL n 
1 129 ILE n 
1 130 LEU n 
1 131 LYS n 
1 132 ARG n 
1 133 ASN n 
1 134 SER n 
1 135 SER n 
1 136 SER n 
1 137 ARG n 
1 138 TYR n 
1 139 SER n 
1 140 VAL n 
1 141 GLN n 
1 142 LYS n 
1 143 THR n 
1 144 SER n 
1 145 ILE n 
1 146 GLY n 
1 147 SER n 
1 148 ILE n 
1 149 ARG n 
1 150 MET n 
1 151 ARG n 
1 152 PRO n 
1 153 TYR n 
1 154 ASN n 
1 155 GLY n 
1 156 SER n 
1 157 SER n 
1 158 ALA n 
1 159 GLY n 
1 160 SER n 
1 161 VAL n 
1 162 GLN n 
1 163 THR n 
1 164 THR n 
1 165 VAL n 
1 166 ASN n 
1 167 PHE n 
1 168 SER n 
1 169 LEU n 
1 170 ASN n 
1 171 PRO n 
1 172 PHE n 
1 173 THR n 
1 174 LEU n 
1 175 ASN n 
1 176 ASP n 
1 177 THR n 
# 
_entity_src_gen.entity_id                          1 
_entity_src_gen.pdbx_src_id                        1 
_entity_src_gen.pdbx_alt_source_flag               sample 
_entity_src_gen.pdbx_seq_type                      ? 
_entity_src_gen.pdbx_beg_seq_num                   ? 
_entity_src_gen.pdbx_end_seq_num                   ? 
_entity_src_gen.gene_src_common_name               ? 
_entity_src_gen.gene_src_genus                     ? 
_entity_src_gen.pdbx_gene_src_gene                 ? 
_entity_src_gen.gene_src_species                   ? 
_entity_src_gen.gene_src_strain                    ? 
_entity_src_gen.gene_src_tissue                    ? 
_entity_src_gen.gene_src_tissue_fraction           ? 
_entity_src_gen.gene_src_details                   ? 
_entity_src_gen.pdbx_gene_src_fragment             ? 
_entity_src_gen.pdbx_gene_src_scientific_name      'ESCHERICHIA COLI' 
_entity_src_gen.pdbx_gene_src_ncbi_taxonomy_id     562 
_entity_src_gen.pdbx_gene_src_variant              ? 
_entity_src_gen.pdbx_gene_src_cell_line            ? 
_entity_src_gen.pdbx_gene_src_atcc                 ? 
_entity_src_gen.pdbx_gene_src_organ                ? 
_entity_src_gen.pdbx_gene_src_organelle            ? 
_entity_src_gen.pdbx_gene_src_cell                 ? 
_entity_src_gen.pdbx_gene_src_cellular_location    ? 
_entity_src_gen.host_org_common_name               ? 
_entity_src_gen.pdbx_host_org_scientific_name      'ESCHERICHIA COLI' 
_entity_src_gen.pdbx_host_org_ncbi_taxonomy_id     511693 
_entity_src_gen.host_org_genus                     ? 
_entity_src_gen.pdbx_host_org_gene                 ? 
_entity_src_gen.pdbx_host_org_organ                ? 
_entity_src_gen.host_org_species                   ? 
_entity_src_gen.pdbx_host_org_tissue               ? 
_entity_src_gen.pdbx_host_org_tissue_fraction      ? 
_entity_src_gen.pdbx_host_org_strain               BL21 
_entity_src_gen.pdbx_host_org_variant              ? 
_entity_src_gen.pdbx_host_org_cell_line            ? 
_entity_src_gen.pdbx_host_org_atcc                 ? 
_entity_src_gen.pdbx_host_org_culture_collection   ? 
_entity_src_gen.pdbx_host_org_cell                 ? 
_entity_src_gen.pdbx_host_org_organelle            ? 
_entity_src_gen.pdbx_host_org_cellular_location    ? 
_entity_src_gen.pdbx_host_org_vector_type          ? 
_entity_src_gen.pdbx_host_org_vector               'CUSTOM (T7 PROMOTOR)' 
_entity_src_gen.host_org_details                   ? 
_entity_src_gen.expression_system_id               ? 
_entity_src_gen.plasmid_name                       PHD52 
_entity_src_gen.plasmid_details                    ? 
_entity_src_gen.pdbx_description                   ? 
# 
loop_
_chem_comp.id 
_chem_comp.type 
_chem_comp.mon_nstd_flag 
_chem_comp.name 
_chem_comp.pdbx_synonyms 
_chem_comp.formula 
_chem_comp.formula_weight 
ALA 'L-peptide linking' y ALANINE         ? 'C3 H7 N O2'     89.093  
ARG 'L-peptide linking' y ARGININE        ? 'C6 H15 N4 O2 1' 175.209 
ASN 'L-peptide linking' y ASPARAGINE      ? 'C4 H8 N2 O3'    132.118 
ASP 'L-peptide linking' y 'ASPARTIC ACID' ? 'C4 H7 N O4'     133.103 
CYS 'L-peptide linking' y CYSTEINE        ? 'C3 H7 N O2 S'   121.158 
GLN 'L-peptide linking' y GLUTAMINE       ? 'C5 H10 N2 O3'   146.144 
GLU 'L-peptide linking' y 'GLUTAMIC ACID' ? 'C5 H9 N O4'     147.129 
GLY 'peptide linking'   y GLYCINE         ? 'C2 H5 N O2'     75.067  
HIS 'L-peptide linking' y HISTIDINE       ? 'C6 H10 N3 O2 1' 156.162 
HOH non-polymer         . WATER           ? 'H2 O'           18.015  
ILE 'L-peptide linking' y ISOLEUCINE      ? 'C6 H13 N O2'    131.173 
LEU 'L-peptide linking' y LEUCINE         ? 'C6 H13 N O2'    131.173 
LYS 'L-peptide linking' y LYSINE          ? 'C6 H15 N2 O2 1' 147.195 
MET 'L-peptide linking' y METHIONINE      ? 'C5 H11 N O2 S'  149.211 
PHE 'L-peptide linking' y PHENYLALANINE   ? 'C9 H11 N O2'    165.189 
PRO 'L-peptide linking' y PROLINE         ? 'C5 H9 N O2'     115.130 
SER 'L-peptide linking' y SERINE          ? 'C3 H7 N O3'     105.093 
THR 'L-peptide linking' y THREONINE       ? 'C4 H9 N O3'     119.119 
TRP 'L-peptide linking' y TRYPTOPHAN      ? 'C11 H12 N2 O2'  204.225 
TYR 'L-peptide linking' y TYROSINE        ? 'C9 H11 N O3'    181.189 
VAL 'L-peptide linking' y VALINE          ? 'C5 H11 N O2'    117.146 
# 
loop_
_pdbx_poly_seq_scheme.asym_id 
_pdbx_poly_seq_scheme.entity_id 
_pdbx_poly_seq_scheme.seq_id 
_pdbx_poly_seq_scheme.mon_id 
_pdbx_poly_seq_scheme.ndb_seq_num 
_pdbx_poly_seq_scheme.pdb_seq_num 
_pdbx_poly_seq_scheme.auth_seq_num 
_pdbx_poly_seq_scheme.pdb_mon_id 
_pdbx_poly_seq_scheme.auth_mon_id 
_pdbx_poly_seq_scheme.pdb_strand_id 
_pdbx_poly_seq_scheme.pdb_ins_code 
_pdbx_poly_seq_scheme.hetero 
A 1 1   ALA 1   1   1   ALA ALA A . n 
A 1 2   VAL 2   2   2   VAL VAL A . n 
A 1 3   SER 3   3   3   SER SER A . n 
A 1 4   PHE 4   4   4   PHE PHE A . n 
A 1 5   ILE 5   5   5   ILE ILE A . n 
A 1 6   GLY 6   6   6   GLY GLY A . n 
A 1 7   SER 7   7   7   SER SER A . n 
A 1 8   THR 8   8   8   THR THR A . n 
A 1 9   GLU 9   9   9   GLU GLU A . n 
A 1 10  ASN 10  10  10  ASN ASN A . n 
A 1 11  ASP 11  11  11  ASP ASP A . n 
A 1 12  VAL 12  12  12  VAL VAL A . n 
A 1 13  GLY 13  13  13  GLY GLY A . n 
A 1 14  PRO 14  14  14  PRO PRO A . n 
A 1 15  SER 15  15  15  SER SER A . n 
A 1 16  LEU 16  16  16  LEU LEU A . n 
A 1 17  GLY 17  17  17  GLY GLY A . n 
A 1 18  SER 18  18  18  SER SER A . n 
A 1 19  TYR 19  19  19  TYR TYR A . n 
A 1 20  SER 20  20  20  SER SER A . n 
A 1 21  ARG 21  21  21  ARG ARG A . n 
A 1 22  THR 22  22  ?   ?   ?   A . n 
A 1 23  HIS 23  23  ?   ?   ?   A . n 
A 1 24  ALA 24  24  ?   ?   ?   A . n 
A 1 25  MET 25  25  ?   ?   ?   A . n 
A 1 26  ASP 26  26  ?   ?   ?   A . n 
A 1 27  ASN 27  27  ?   ?   ?   A . n 
A 1 28  LEU 28  28  28  LEU LEU A . n 
A 1 29  PRO 29  29  29  PRO PRO A . n 
A 1 30  PHE 30  30  30  PHE PHE A . n 
A 1 31  VAL 31  31  31  VAL VAL A . n 
A 1 32  TYR 32  32  32  TYR TYR A . n 
A 1 33  ASP 33  33  33  ASP ASP A . n 
A 1 34  THR 34  34  34  THR THR A . n 
A 1 35  ARG 35  35  35  ARG ARG A . n 
A 1 36  ASN 36  36  36  ASN ASN A . n 
A 1 37  LYS 37  37  37  LYS LYS A . n 
A 1 38  ILE 38  38  38  ILE ILE A . n 
A 1 39  GLY 39  39  39  GLY GLY A . n 
A 1 40  TYR 40  40  40  TYR TYR A . n 
A 1 41  GLN 41  41  41  GLN GLN A . n 
A 1 42  ASN 42  42  42  ASN ASN A . n 
A 1 43  ALA 43  43  43  ALA ALA A . n 
A 1 44  ASN 44  44  44  ASN ASN A . n 
A 1 45  VAL 45  45  45  VAL VAL A . n 
A 1 46  TRP 46  46  46  TRP TRP A . n 
A 1 47  HIS 47  47  47  HIS HIS A . n 
A 1 48  ILE 48  48  48  ILE ILE A . n 
A 1 49  SER 49  49  49  SER SER A . n 
A 1 50  LYS 50  50  50  LYS LYS A . n 
A 1 51  GLY 51  51  51  GLY GLY A . n 
A 1 52  PHE 52  52  52  PHE PHE A . n 
A 1 53  CYS 53  53  53  CYS CYS A . n 
A 1 54  VAL 54  54  54  VAL VAL A . n 
A 1 55  GLY 55  55  55  GLY GLY A . n 
A 1 56  LEU 56  56  56  LEU LEU A . n 
A 1 57  ASP 57  57  57  ASP ASP A . n 
A 1 58  GLY 58  58  58  GLY GLY A . n 
A 1 59  LYS 59  59  59  LYS LYS A . n 
A 1 60  VAL 60  60  60  VAL VAL A . n 
A 1 61  ASP 61  61  61  ASP ASP A . n 
A 1 62  LEU 62  62  62  LEU LEU A . n 
A 1 63  PRO 63  63  63  PRO PRO A . n 
A 1 64  VAL 64  64  64  VAL VAL A . n 
A 1 65  VAL 65  65  65  VAL VAL A . n 
A 1 66  GLY 66  66  66  GLY GLY A . n 
A 1 67  SER 67  67  67  SER SER A . n 
A 1 68  LEU 68  68  68  LEU LEU A . n 
A 1 69  ASP 69  69  69  ASP ASP A . n 
A 1 70  GLY 70  70  70  GLY GLY A . n 
A 1 71  GLN 71  71  71  GLN GLN A . n 
A 1 72  SER 72  72  72  SER SER A . n 
A 1 73  ILE 73  73  73  ILE ILE A . n 
A 1 74  TYR 74  74  74  TYR TYR A . n 
A 1 75  GLY 75  75  75  GLY GLY A . n 
A 1 76  LEU 76  76  76  LEU LEU A . n 
A 1 77  THR 77  77  77  THR THR A . n 
A 1 78  GLU 78  78  78  GLU GLU A . n 
A 1 79  GLU 79  79  79  GLU GLU A . n 
A 1 80  VAL 80  80  80  VAL VAL A . n 
A 1 81  GLY 81  81  81  GLY GLY A . n 
A 1 82  LEU 82  82  82  LEU LEU A . n 
A 1 83  LEU 83  83  83  LEU LEU A . n 
A 1 84  ILE 84  84  84  ILE ILE A . n 
A 1 85  TRP 85  85  85  TRP TRP A . n 
A 1 86  MET 86  86  86  MET MET A . n 
A 1 87  GLY 87  87  87  GLY GLY A . n 
A 1 88  ASP 88  88  88  ASP ASP A . n 
A 1 89  THR 89  89  89  THR THR A . n 
A 1 90  LYS 90  90  90  LYS LYS A . n 
A 1 91  TYR 91  91  91  TYR TYR A . n 
A 1 92  SER 92  92  92  SER SER A . n 
A 1 93  ARG 93  93  93  ARG ARG A . n 
A 1 94  GLY 94  94  94  GLY GLY A . n 
A 1 95  THR 95  95  95  THR THR A . n 
A 1 96  ALA 96  96  96  ALA ALA A . n 
A 1 97  MET 97  97  97  MET MET A . n 
A 1 98  SER 98  98  98  SER SER A . n 
A 1 99  GLY 99  99  99  GLY GLY A . n 
A 1 100 ASN 100 100 100 ASN ASN A . n 
A 1 101 SER 101 101 101 SER SER A . n 
A 1 102 TRP 102 102 102 TRP TRP A . n 
A 1 103 GLU 103 103 103 GLU GLU A . n 
A 1 104 ASN 104 104 104 ASN ASN A . n 
A 1 105 VAL 105 105 105 VAL VAL A . n 
A 1 106 PHE 106 106 106 PHE PHE A . n 
A 1 107 SER 107 107 107 SER SER A . n 
A 1 108 GLY 108 108 108 GLY GLY A . n 
A 1 109 TRP 109 109 109 TRP TRP A . n 
A 1 110 CYS 110 110 110 CYS CYS A . n 
A 1 111 VAL 111 111 111 VAL VAL A . n 
A 1 112 GLY 112 112 112 GLY GLY A . n 
A 1 113 ALA 113 113 113 ALA ALA A . n 
A 1 114 ASN 114 114 114 ASN ASN A . n 
A 1 115 THR 115 115 115 THR THR A . n 
A 1 116 ALA 116 116 116 ALA ALA A . n 
A 1 117 SER 117 117 117 SER SER A . n 
A 1 118 THR 118 118 118 THR THR A . n 
A 1 119 GLN 119 119 119 GLN GLN A . n 
A 1 120 GLY 120 120 120 GLY GLY A . n 
A 1 121 LEU 121 121 121 LEU LEU A . n 
A 1 122 SER 122 122 122 SER SER A . n 
A 1 123 VAL 123 123 123 VAL VAL A . n 
A 1 124 ARG 124 124 124 ARG ARG A . n 
A 1 125 VAL 125 125 125 VAL VAL A . n 
A 1 126 THR 126 126 126 THR THR A . n 
A 1 127 PRO 127 127 127 PRO PRO A . n 
A 1 128 VAL 128 128 128 VAL VAL A . n 
A 1 129 ILE 129 129 129 ILE ILE A . n 
A 1 130 LEU 130 130 130 LEU LEU A . n 
A 1 131 LYS 131 131 131 LYS LYS A . n 
A 1 132 ARG 132 132 132 ARG ARG A . n 
A 1 133 ASN 133 133 133 ASN ASN A . n 
A 1 134 SER 134 134 ?   ?   ?   A . n 
A 1 135 SER 135 135 135 SER SER A . n 
A 1 136 SER 136 136 136 SER SER A . n 
A 1 137 ARG 137 137 137 ARG ARG A . n 
A 1 138 TYR 138 138 138 TYR TYR A . n 
A 1 139 SER 139 139 139 SER SER A . n 
A 1 140 VAL 140 140 140 VAL VAL A . n 
A 1 141 GLN 141 141 141 GLN GLN A . n 
A 1 142 LYS 142 142 142 LYS LYS A . n 
A 1 143 THR 143 143 143 THR THR A . n 
A 1 144 SER 144 144 144 SER SER A . n 
A 1 145 ILE 145 145 145 ILE ILE A . n 
A 1 146 GLY 146 146 146 GLY GLY A . n 
A 1 147 SER 147 147 147 SER SER A . n 
A 1 148 ILE 148 148 148 ILE ILE A . n 
A 1 149 ARG 149 149 149 ARG ARG A . n 
A 1 150 MET 150 150 150 MET MET A . n 
A 1 151 ARG 151 151 151 ARG ARG A . n 
A 1 152 PRO 152 152 152 PRO PRO A . n 
A 1 153 TYR 153 153 153 TYR TYR A . n 
A 1 154 ASN 154 154 154 ASN ASN A . n 
A 1 155 GLY 155 155 155 GLY GLY A . n 
A 1 156 SER 156 156 156 SER SER A . n 
A 1 157 SER 157 157 157 SER SER A . n 
A 1 158 ALA 158 158 158 ALA ALA A . n 
A 1 159 GLY 159 159 159 GLY GLY A . n 
A 1 160 SER 160 160 160 SER SER A . n 
A 1 161 VAL 161 161 161 VAL VAL A . n 
A 1 162 GLN 162 162 162 GLN GLN A . n 
A 1 163 THR 163 163 163 THR THR A . n 
A 1 164 THR 164 164 164 THR THR A . n 
A 1 165 VAL 165 165 165 VAL VAL A . n 
A 1 166 ASN 166 166 166 ASN ASN A . n 
A 1 167 PHE 167 167 167 PHE PHE A . n 
A 1 168 SER 168 168 168 SER SER A . n 
A 1 169 LEU 169 169 169 LEU LEU A . n 
A 1 170 ASN 170 170 170 ASN ASN A . n 
A 1 171 PRO 171 171 171 PRO PRO A . n 
A 1 172 PHE 172 172 172 PHE PHE A . n 
A 1 173 THR 173 173 173 THR THR A . n 
A 1 174 LEU 174 174 174 LEU LEU A . n 
A 1 175 ASN 175 175 175 ASN ASN A . n 
A 1 176 ASP 176 176 176 ASP ASP A . n 
A 1 177 THR 177 177 177 THR THR A . n 
# 
loop_
_pdbx_nonpoly_scheme.asym_id 
_pdbx_nonpoly_scheme.entity_id 
_pdbx_nonpoly_scheme.mon_id 
_pdbx_nonpoly_scheme.ndb_seq_num 
_pdbx_nonpoly_scheme.pdb_seq_num 
_pdbx_nonpoly_scheme.auth_seq_num 
_pdbx_nonpoly_scheme.pdb_mon_id 
_pdbx_nonpoly_scheme.auth_mon_id 
_pdbx_nonpoly_scheme.pdb_strand_id 
_pdbx_nonpoly_scheme.pdb_ins_code 
B 2 HOH 1   2001 2001 HOH HOH A . 
B 2 HOH 2   2002 2002 HOH HOH A . 
B 2 HOH 3   2003 2003 HOH HOH A . 
B 2 HOH 4   2004 2004 HOH HOH A . 
B 2 HOH 5   2005 2005 HOH HOH A . 
B 2 HOH 6   2006 2006 HOH HOH A . 
B 2 HOH 7   2007 2007 HOH HOH A . 
B 2 HOH 8   2008 2008 HOH HOH A . 
B 2 HOH 9   2009 2009 HOH HOH A . 
B 2 HOH 10  2010 2010 HOH HOH A . 
B 2 HOH 11  2011 2011 HOH HOH A . 
B 2 HOH 12  2012 2012 HOH HOH A . 
B 2 HOH 13  2013 2013 HOH HOH A . 
B 2 HOH 14  2014 2014 HOH HOH A . 
B 2 HOH 15  2015 2015 HOH HOH A . 
B 2 HOH 16  2016 2016 HOH HOH A . 
B 2 HOH 17  2017 2017 HOH HOH A . 
B 2 HOH 18  2018 2018 HOH HOH A . 
B 2 HOH 19  2019 2019 HOH HOH A . 
B 2 HOH 20  2020 2020 HOH HOH A . 
B 2 HOH 21  2021 2021 HOH HOH A . 
B 2 HOH 22  2022 2022 HOH HOH A . 
B 2 HOH 23  2023 2023 HOH HOH A . 
B 2 HOH 24  2024 2024 HOH HOH A . 
B 2 HOH 25  2025 2025 HOH HOH A . 
B 2 HOH 26  2026 2026 HOH HOH A . 
B 2 HOH 27  2027 2027 HOH HOH A . 
B 2 HOH 28  2028 2028 HOH HOH A . 
B 2 HOH 29  2029 2029 HOH HOH A . 
B 2 HOH 30  2030 2030 HOH HOH A . 
B 2 HOH 31  2031 2031 HOH HOH A . 
B 2 HOH 32  2032 2032 HOH HOH A . 
B 2 HOH 33  2033 2033 HOH HOH A . 
B 2 HOH 34  2034 2034 HOH HOH A . 
B 2 HOH 35  2035 2035 HOH HOH A . 
B 2 HOH 36  2036 2036 HOH HOH A . 
B 2 HOH 37  2037 2037 HOH HOH A . 
B 2 HOH 38  2038 2038 HOH HOH A . 
B 2 HOH 39  2039 2039 HOH HOH A . 
B 2 HOH 40  2040 2040 HOH HOH A . 
B 2 HOH 41  2041 2041 HOH HOH A . 
B 2 HOH 42  2042 2042 HOH HOH A . 
B 2 HOH 43  2043 2043 HOH HOH A . 
B 2 HOH 44  2044 2044 HOH HOH A . 
B 2 HOH 45  2045 2045 HOH HOH A . 
B 2 HOH 46  2046 2046 HOH HOH A . 
B 2 HOH 47  2047 2047 HOH HOH A . 
B 2 HOH 48  2048 2048 HOH HOH A . 
B 2 HOH 49  2049 2049 HOH HOH A . 
B 2 HOH 50  2050 2050 HOH HOH A . 
B 2 HOH 51  2051 2051 HOH HOH A . 
B 2 HOH 52  2052 2052 HOH HOH A . 
B 2 HOH 53  2053 2053 HOH HOH A . 
B 2 HOH 54  2054 2054 HOH HOH A . 
B 2 HOH 55  2055 2055 HOH HOH A . 
B 2 HOH 56  2056 2056 HOH HOH A . 
B 2 HOH 57  2057 2057 HOH HOH A . 
B 2 HOH 58  2058 2058 HOH HOH A . 
B 2 HOH 59  2059 2059 HOH HOH A . 
B 2 HOH 60  2060 2060 HOH HOH A . 
B 2 HOH 61  2061 2061 HOH HOH A . 
B 2 HOH 62  2062 2062 HOH HOH A . 
B 2 HOH 63  2063 2063 HOH HOH A . 
B 2 HOH 64  2064 2064 HOH HOH A . 
B 2 HOH 65  2065 2065 HOH HOH A . 
B 2 HOH 66  2066 2066 HOH HOH A . 
B 2 HOH 67  2067 2067 HOH HOH A . 
B 2 HOH 68  2068 2068 HOH HOH A . 
B 2 HOH 69  2069 2069 HOH HOH A . 
B 2 HOH 70  2070 2070 HOH HOH A . 
B 2 HOH 71  2071 2071 HOH HOH A . 
B 2 HOH 72  2072 2072 HOH HOH A . 
B 2 HOH 73  2073 2073 HOH HOH A . 
B 2 HOH 74  2074 2074 HOH HOH A . 
B 2 HOH 75  2075 2075 HOH HOH A . 
B 2 HOH 76  2076 2076 HOH HOH A . 
B 2 HOH 77  2077 2077 HOH HOH A . 
B 2 HOH 78  2078 2078 HOH HOH A . 
B 2 HOH 79  2079 2079 HOH HOH A . 
B 2 HOH 80  2080 2080 HOH HOH A . 
B 2 HOH 81  2081 2081 HOH HOH A . 
B 2 HOH 82  2082 2082 HOH HOH A . 
B 2 HOH 83  2083 2083 HOH HOH A . 
B 2 HOH 84  2084 2084 HOH HOH A . 
B 2 HOH 85  2085 2085 HOH HOH A . 
B 2 HOH 86  2086 2086 HOH HOH A . 
B 2 HOH 87  2087 2087 HOH HOH A . 
B 2 HOH 88  2088 2088 HOH HOH A . 
B 2 HOH 89  2089 2089 HOH HOH A . 
B 2 HOH 90  2090 2090 HOH HOH A . 
B 2 HOH 91  2091 2091 HOH HOH A . 
B 2 HOH 92  2092 2092 HOH HOH A . 
B 2 HOH 93  2093 2093 HOH HOH A . 
B 2 HOH 94  2094 2094 HOH HOH A . 
B 2 HOH 95  2095 2095 HOH HOH A . 
B 2 HOH 96  2096 2096 HOH HOH A . 
B 2 HOH 97  2097 2097 HOH HOH A . 
B 2 HOH 98  2098 2098 HOH HOH A . 
B 2 HOH 99  2099 2099 HOH HOH A . 
B 2 HOH 100 2100 2100 HOH HOH A . 
B 2 HOH 101 2101 2101 HOH HOH A . 
B 2 HOH 102 2102 2102 HOH HOH A . 
B 2 HOH 103 2103 2103 HOH HOH A . 
B 2 HOH 104 2104 2104 HOH HOH A . 
B 2 HOH 105 2105 2105 HOH HOH A . 
B 2 HOH 106 2106 2106 HOH HOH A . 
B 2 HOH 107 2107 2107 HOH HOH A . 
B 2 HOH 108 2108 2108 HOH HOH A . 
B 2 HOH 109 2109 2109 HOH HOH A . 
B 2 HOH 110 2110 2110 HOH HOH A . 
B 2 HOH 111 2111 2111 HOH HOH A . 
B 2 HOH 112 2112 2112 HOH HOH A . 
B 2 HOH 113 2113 2113 HOH HOH A . 
B 2 HOH 114 2114 2114 HOH HOH A . 
B 2 HOH 115 2115 2115 HOH HOH A . 
B 2 HOH 116 2116 2116 HOH HOH A . 
B 2 HOH 117 2117 2117 HOH HOH A . 
B 2 HOH 118 2118 2118 HOH HOH A . 
B 2 HOH 119 2119 2119 HOH HOH A . 
B 2 HOH 120 2120 2120 HOH HOH A . 
B 2 HOH 121 2121 2121 HOH HOH A . 
B 2 HOH 122 2122 2122 HOH HOH A . 
B 2 HOH 123 2123 2123 HOH HOH A . 
B 2 HOH 124 2124 2124 HOH HOH A . 
B 2 HOH 125 2125 2125 HOH HOH A . 
B 2 HOH 126 2126 2126 HOH HOH A . 
B 2 HOH 127 2127 2127 HOH HOH A . 
B 2 HOH 128 2128 2128 HOH HOH A . 
B 2 HOH 129 2129 2129 HOH HOH A . 
B 2 HOH 130 2130 2130 HOH HOH A . 
B 2 HOH 131 2131 2131 HOH HOH A . 
B 2 HOH 132 2132 2132 HOH HOH A . 
B 2 HOH 133 2133 2133 HOH HOH A . 
B 2 HOH 134 2134 2134 HOH HOH A . 
B 2 HOH 135 2135 2135 HOH HOH A . 
B 2 HOH 136 2136 2136 HOH HOH A . 
B 2 HOH 137 2137 2137 HOH HOH A . 
B 2 HOH 138 2138 2138 HOH HOH A . 
B 2 HOH 139 2139 2139 HOH HOH A . 
B 2 HOH 140 2140 2140 HOH HOH A . 
B 2 HOH 141 2141 2141 HOH HOH A . 
B 2 HOH 142 2142 2142 HOH HOH A . 
B 2 HOH 143 2143 2143 HOH HOH A . 
B 2 HOH 144 2144 2144 HOH HOH A . 
B 2 HOH 145 2145 2145 HOH HOH A . 
B 2 HOH 146 2146 2146 HOH HOH A . 
B 2 HOH 147 2147 2147 HOH HOH A . 
B 2 HOH 148 2148 2148 HOH HOH A . 
B 2 HOH 149 2149 2149 HOH HOH A . 
B 2 HOH 150 2150 2150 HOH HOH A . 
B 2 HOH 151 2151 2151 HOH HOH A . 
B 2 HOH 152 2152 2152 HOH HOH A . 
B 2 HOH 153 2153 2153 HOH HOH A . 
B 2 HOH 154 2154 2154 HOH HOH A . 
B 2 HOH 155 2155 2155 HOH HOH A . 
B 2 HOH 156 2156 2156 HOH HOH A . 
B 2 HOH 157 2157 2157 HOH HOH A . 
B 2 HOH 158 2158 2158 HOH HOH A . 
B 2 HOH 159 2159 2159 HOH HOH A . 
# 
loop_
_pdbx_unobs_or_zero_occ_atoms.id 
_pdbx_unobs_or_zero_occ_atoms.PDB_model_num 
_pdbx_unobs_or_zero_occ_atoms.polymer_flag 
_pdbx_unobs_or_zero_occ_atoms.occupancy_flag 
_pdbx_unobs_or_zero_occ_atoms.auth_asym_id 
_pdbx_unobs_or_zero_occ_atoms.auth_comp_id 
_pdbx_unobs_or_zero_occ_atoms.auth_seq_id 
_pdbx_unobs_or_zero_occ_atoms.PDB_ins_code 
_pdbx_unobs_or_zero_occ_atoms.auth_atom_id 
_pdbx_unobs_or_zero_occ_atoms.label_alt_id 
_pdbx_unobs_or_zero_occ_atoms.label_asym_id 
_pdbx_unobs_or_zero_occ_atoms.label_comp_id 
_pdbx_unobs_or_zero_occ_atoms.label_seq_id 
_pdbx_unobs_or_zero_occ_atoms.label_atom_id 
1  1 Y 1 A ARG 21 ? CB  ? A ARG 21 CB  
2  1 Y 1 A ARG 21 ? CG  ? A ARG 21 CG  
3  1 Y 1 A ARG 21 ? CD  ? A ARG 21 CD  
4  1 Y 1 A ARG 21 ? NE  ? A ARG 21 NE  
5  1 Y 1 A ARG 21 ? CZ  ? A ARG 21 CZ  
6  1 Y 1 A ARG 21 ? NH1 ? A ARG 21 NH1 
7  1 Y 1 A ARG 21 ? NH2 ? A ARG 21 NH2 
8  1 Y 1 A LEU 28 ? CG  ? A LEU 28 CG  
9  1 Y 1 A LEU 28 ? CD1 ? A LEU 28 CD1 
10 1 Y 1 A LEU 28 ? CD2 ? A LEU 28 CD2 
11 1 Y 1 A ASP 33 ? CG  ? A ASP 33 CG  
12 1 Y 1 A ASP 33 ? OD1 ? A ASP 33 OD1 
13 1 Y 1 A ASP 33 ? OD2 ? A ASP 33 OD2 
14 1 Y 1 A ARG 35 ? CG  ? A ARG 35 CG  
15 1 Y 1 A ARG 35 ? CD  ? A ARG 35 CD  
16 1 Y 1 A ARG 35 ? NE  ? A ARG 35 NE  
17 1 Y 1 A ARG 35 ? CZ  ? A ARG 35 CZ  
18 1 Y 1 A ARG 35 ? NH1 ? A ARG 35 NH1 
19 1 Y 1 A ARG 35 ? NH2 ? A ARG 35 NH2 
20 1 Y 1 A LYS 50 ? NZ  ? A LYS 50 NZ  
21 1 Y 1 A LYS 90 ? CE  ? A LYS 90 CE  
22 1 Y 1 A LYS 90 ? NZ  ? A LYS 90 NZ  
# 
loop_
_software.name 
_software.classification 
_software.version 
_software.citation_id 
_software.pdbx_ordinal 
CNS       refinement       1.0 ? 1 
DENZO     'data reduction' .   ? 2 
SCALEPACK 'data scaling'   .   ? 3 
CNS       phasing          .   ? 4 
# 
_cell.entry_id           1O9Z 
_cell.length_a           42.862 
_cell.length_b           42.862 
_cell.length_c           285.702 
_cell.angle_alpha        90.00 
_cell.angle_beta         90.00 
_cell.angle_gamma        120.00 
_cell.Z_PDB              12 
_cell.pdbx_unique_axis   ? 
# 
_symmetry.entry_id                         1O9Z 
_symmetry.space_group_name_H-M             'P 61 2 2' 
_symmetry.pdbx_full_space_group_name_H-M   ? 
_symmetry.cell_setting                     ? 
_symmetry.Int_Tables_number                178 
# 
_exptl.entry_id          1O9Z 
_exptl.method            'X-RAY DIFFRACTION' 
_exptl.crystals_number   1 
# 
_exptl_crystal.id                    1 
_exptl_crystal.density_meas          ? 
_exptl_crystal.density_Matthews      1.89 
_exptl_crystal.density_percent_sol   33 
_exptl_crystal.description           ? 
# 
_exptl_crystal_grow.crystal_id      1 
_exptl_crystal_grow.method          ? 
_exptl_crystal_grow.temp            ? 
_exptl_crystal_grow.temp_details    ? 
_exptl_crystal_grow.pH              4.60 
_exptl_crystal_grow.pdbx_pH_range   ? 
_exptl_crystal_grow.pdbx_details    '30% PEG4000, 0.1M SODIUM ACETATE (PH 4.6), 0.2M AMMONIUM ACETATE' 
# 
_diffrn.id                     1 
_diffrn.ambient_temp           100.0 
_diffrn.ambient_temp_details   ? 
_diffrn.crystal_id             1 
# 
_diffrn_detector.diffrn_id              1 
_diffrn_detector.detector               CCD 
_diffrn_detector.type                   MARRESEARCH 
_diffrn_detector.pdbx_collection_date   2002-08-15 
_diffrn_detector.details                MIRRORS 
# 
_diffrn_radiation.diffrn_id                        1 
_diffrn_radiation.wavelength_id                    1 
_diffrn_radiation.pdbx_monochromatic_or_laue_m_l   M 
_diffrn_radiation.monochromator                    GRAPHITE 
_diffrn_radiation.pdbx_diffrn_protocol             'SINGLE WAVELENGTH' 
_diffrn_radiation.pdbx_scattering_type             x-ray 
# 
_diffrn_radiation_wavelength.id           1 
_diffrn_radiation_wavelength.wavelength   0.9611 
_diffrn_radiation_wavelength.wt           1.0 
# 
_diffrn_source.diffrn_id                   1 
_diffrn_source.source                      SYNCHROTRON 
_diffrn_source.type                        'EMBL/DESY, HAMBURG BEAMLINE BW7A' 
_diffrn_source.pdbx_synchrotron_site       'EMBL/DESY, HAMBURG' 
_diffrn_source.pdbx_synchrotron_beamline   BW7A 
_diffrn_source.pdbx_wavelength             0.9611 
_diffrn_source.pdbx_wavelength_list        ? 
# 
_reflns.pdbx_diffrn_id               1 
_reflns.pdbx_ordinal                 1 
_reflns.entry_id                     1O9Z 
_reflns.observed_criterion_sigma_I   ? 
_reflns.observed_criterion_sigma_F   ? 
_reflns.d_resolution_low             25.000 
_reflns.d_resolution_high            1.750 
_reflns.number_obs                   16982 
_reflns.number_all                   ? 
_reflns.percent_possible_obs         91.2 
_reflns.pdbx_Rmerge_I_obs            0.08100 
_reflns.pdbx_Rsym_value              ? 
_reflns.pdbx_netI_over_sigmaI        6.9000 
_reflns.B_iso_Wilson_estimate        23.6 
_reflns.pdbx_redundancy              40.000 
# 
_reflns_shell.pdbx_diffrn_id         1 
_reflns_shell.pdbx_ordinal           1 
_reflns_shell.d_res_high             1.75 
_reflns_shell.d_res_low              1.81 
_reflns_shell.percent_possible_all   86.1 
_reflns_shell.Rmerge_I_obs           0.54000 
_reflns_shell.pdbx_Rsym_value        ? 
_reflns_shell.meanI_over_sigI_obs    ? 
_reflns_shell.pdbx_redundancy        ? 
# 
_refine.pdbx_refine_id                           'X-RAY DIFFRACTION' 
_refine.entry_id                                 1O9Z 
_refine.pdbx_diffrn_id                           1 
_refine.pdbx_TLS_residual_ADP_flag               ? 
_refine.ls_number_reflns_obs                     15354 
_refine.ls_number_reflns_all                     ? 
_refine.pdbx_ls_sigma_I                          ? 
_refine.pdbx_ls_sigma_F                          0.0 
_refine.pdbx_data_cutoff_high_absF               1700996.19 
_refine.pdbx_data_cutoff_low_absF                ? 
_refine.pdbx_data_cutoff_high_rms_absF           ? 
_refine.ls_d_res_low                             35.93 
_refine.ls_d_res_high                            1.75 
_refine.ls_percent_reflns_obs                    90.9 
_refine.ls_R_factor_obs                          0.211 
_refine.ls_R_factor_all                          ? 
_refine.ls_R_factor_R_work                       0.211 
_refine.ls_R_factor_R_free                       0.245 
_refine.ls_R_factor_R_free_error                 0.008 
_refine.ls_R_factor_R_free_error_details         ? 
_refine.ls_percent_reflns_R_free                 5.9 
_refine.ls_number_reflns_R_free                  911 
_refine.ls_number_parameters                     ? 
_refine.ls_number_restraints                     ? 
_refine.occupancy_min                            ? 
_refine.occupancy_max                            ? 
_refine.correlation_coeff_Fo_to_Fc               ? 
_refine.correlation_coeff_Fo_to_Fc_free          ? 
_refine.B_iso_mean                               27.8 
_refine.aniso_B[1][1]                            -2.12 
_refine.aniso_B[2][2]                            -2.12 
_refine.aniso_B[3][3]                            4.24 
_refine.aniso_B[1][2]                            0.21 
_refine.aniso_B[1][3]                            0.00 
_refine.aniso_B[2][3]                            0.00 
_refine.solvent_model_details                    'FLAT MODEL' 
_refine.solvent_model_param_ksol                 0.37592 
_refine.solvent_model_param_bsol                 60.1778 
_refine.pdbx_solvent_vdw_probe_radii             ? 
_refine.pdbx_solvent_ion_probe_radii             ? 
_refine.pdbx_solvent_shrinkage_radii             ? 
_refine.pdbx_ls_cross_valid_method               THROUGHOUT 
_refine.details                                  ? 
_refine.pdbx_starting_model                      'PDB ENTRY 1O9V' 
_refine.pdbx_method_to_determine_struct          'MOLECULAR REPLACEMENT' 
_refine.pdbx_isotropic_thermal_model             RESTRAINED 
_refine.pdbx_stereochemistry_target_values       ? 
_refine.pdbx_stereochem_target_val_spec_case     ? 
_refine.pdbx_R_Free_selection_details            RANDOM 
_refine.pdbx_overall_ESU_R                       ? 
_refine.pdbx_overall_ESU_R_Free                  ? 
_refine.overall_SU_ML                            ? 
_refine.pdbx_overall_phase_error                 ? 
_refine.overall_SU_B                             ? 
_refine.overall_SU_R_Cruickshank_DPI             ? 
_refine.pdbx_overall_SU_R_free_Cruickshank_DPI   ? 
_refine.pdbx_overall_SU_R_Blow_DPI               ? 
_refine.pdbx_overall_SU_R_free_Blow_DPI          ? 
# 
_refine_analyze.pdbx_refine_id                  'X-RAY DIFFRACTION' 
_refine_analyze.entry_id                        1O9Z 
_refine_analyze.Luzzati_coordinate_error_obs    0.21 
_refine_analyze.Luzzati_sigma_a_obs             0.13 
_refine_analyze.Luzzati_d_res_low_obs           5.00 
_refine_analyze.Luzzati_coordinate_error_free   0.27 
_refine_analyze.Luzzati_sigma_a_free            0.17 
_refine_analyze.Luzzati_d_res_low_free          ? 
_refine_analyze.number_disordered_residues      ? 
_refine_analyze.occupancy_sum_hydrogen          ? 
_refine_analyze.occupancy_sum_non_hydrogen      ? 
# 
_refine_hist.pdbx_refine_id                   'X-RAY DIFFRACTION' 
_refine_hist.cycle_id                         LAST 
_refine_hist.pdbx_number_atoms_protein        1266 
_refine_hist.pdbx_number_atoms_nucleic_acid   0 
_refine_hist.pdbx_number_atoms_ligand         0 
_refine_hist.number_atoms_solvent             159 
_refine_hist.number_atoms_total               1425 
_refine_hist.d_res_high                       1.75 
_refine_hist.d_res_low                        35.93 
# 
loop_
_refine_ls_restr.type 
_refine_ls_restr.dev_ideal 
_refine_ls_restr.dev_ideal_target 
_refine_ls_restr.weight 
_refine_ls_restr.number 
_refine_ls_restr.pdbx_refine_id 
_refine_ls_restr.pdbx_restraint_function 
c_bond_d                0.007 ?    ? ? 'X-RAY DIFFRACTION' ? 
c_bond_d_na             ?     ?    ? ? 'X-RAY DIFFRACTION' ? 
c_bond_d_prot           ?     ?    ? ? 'X-RAY DIFFRACTION' ? 
c_angle_d               ?     ?    ? ? 'X-RAY DIFFRACTION' ? 
c_angle_d_na            ?     ?    ? ? 'X-RAY DIFFRACTION' ? 
c_angle_d_prot          ?     ?    ? ? 'X-RAY DIFFRACTION' ? 
c_angle_deg             1.5   ?    ? ? 'X-RAY DIFFRACTION' ? 
c_angle_deg_na          ?     ?    ? ? 'X-RAY DIFFRACTION' ? 
c_angle_deg_prot        ?     ?    ? ? 'X-RAY DIFFRACTION' ? 
c_dihedral_angle_d      26.7  ?    ? ? 'X-RAY DIFFRACTION' ? 
c_dihedral_angle_d_na   ?     ?    ? ? 'X-RAY DIFFRACTION' ? 
c_dihedral_angle_d_prot ?     ?    ? ? 'X-RAY DIFFRACTION' ? 
c_improper_angle_d      0.81  ?    ? ? 'X-RAY DIFFRACTION' ? 
c_improper_angle_d_na   ?     ?    ? ? 'X-RAY DIFFRACTION' ? 
c_improper_angle_d_prot ?     ?    ? ? 'X-RAY DIFFRACTION' ? 
c_mcbond_it             1.03  1.50 ? ? 'X-RAY DIFFRACTION' ? 
c_mcangle_it            1.65  2.00 ? ? 'X-RAY DIFFRACTION' ? 
c_scbond_it             1.57  2.00 ? ? 'X-RAY DIFFRACTION' ? 
c_scangle_it            2.17  2.50 ? ? 'X-RAY DIFFRACTION' ? 
# 
_refine_ls_shell.pdbx_refine_id                   'X-RAY DIFFRACTION' 
_refine_ls_shell.pdbx_total_number_of_bins_used   6 
_refine_ls_shell.d_res_high                       1.75 
_refine_ls_shell.d_res_low                        1.86 
_refine_ls_shell.number_reflns_R_work             2100 
_refine_ls_shell.R_factor_R_work                  0.295 
_refine_ls_shell.percent_reflns_obs               80.8 
_refine_ls_shell.R_factor_R_free                  0.365 
_refine_ls_shell.R_factor_R_free_error            0.032 
_refine_ls_shell.percent_reflns_R_free            5.8 
_refine_ls_shell.number_reflns_R_free             129 
_refine_ls_shell.number_reflns_all                ? 
_refine_ls_shell.R_factor_all                     ? 
# 
loop_
_pdbx_xplor_file.pdbx_refine_id 
_pdbx_xplor_file.serial_no 
_pdbx_xplor_file.param_file 
_pdbx_xplor_file.topol_file 
'X-RAY DIFFRACTION' 1 PROTEIN_REP.PARAM PROTEIN.TOP 
'X-RAY DIFFRACTION' 2 WATER_REP.PARAM   WATER.TOP   
'X-RAY DIFFRACTION' 3 ION.PARAM         ION.TOP     
'X-RAY DIFFRACTION' 4 ION.PARAM         ION.TOP     
# 
_struct.entry_id                  1O9Z 
_struct.title                     'F17-aG lectin domain from Escherichia coli (ligand free)' 
_struct.pdbx_model_details        ? 
_struct.pdbx_CASP_flag            ? 
_struct.pdbx_model_type_details   ? 
# 
_struct_keywords.entry_id        1O9Z 
_struct_keywords.pdbx_keywords   LECTIN 
_struct_keywords.text            'BACTERIAL ADHESIN, LECTIN, BACTERIAL ATTACHMENT, PATHOGENESIS, IMMUNOGLOBULIN FOLD' 
# 
loop_
_struct_asym.id 
_struct_asym.pdbx_blank_PDB_chainid_flag 
_struct_asym.pdbx_modified 
_struct_asym.entity_id 
_struct_asym.details 
A N N 1 ? 
B N N 2 ? 
# 
_struct_ref.id                         1 
_struct_ref.db_name                    UNP 
_struct_ref.db_code                    Q99003 
_struct_ref.entity_id                  1 
_struct_ref.pdbx_seq_one_letter_code   ? 
_struct_ref.pdbx_align_begin           ? 
_struct_ref.pdbx_db_accession          Q99003 
_struct_ref.pdbx_db_isoform            ? 
# 
_struct_ref_seq.align_id                      1 
_struct_ref_seq.ref_id                        1 
_struct_ref_seq.pdbx_PDB_id_code              1O9Z 
_struct_ref_seq.pdbx_strand_id                A 
_struct_ref_seq.seq_align_beg                 1 
_struct_ref_seq.pdbx_seq_align_beg_ins_code   ? 
_struct_ref_seq.seq_align_end                 177 
_struct_ref_seq.pdbx_seq_align_end_ins_code   ? 
_struct_ref_seq.pdbx_db_accession             Q99003 
_struct_ref_seq.db_align_beg                  23 
_struct_ref_seq.pdbx_db_align_beg_ins_code    ? 
_struct_ref_seq.db_align_end                  199 
_struct_ref_seq.pdbx_db_align_end_ins_code    ? 
_struct_ref_seq.pdbx_auth_seq_align_beg       1 
_struct_ref_seq.pdbx_auth_seq_align_end       177 
# 
_struct_ref_seq_dif.align_id                     1 
_struct_ref_seq_dif.pdbx_pdb_id_code             1O9Z 
_struct_ref_seq_dif.mon_id                       SER 
_struct_ref_seq_dif.pdbx_pdb_strand_id           A 
_struct_ref_seq_dif.seq_num                      136 
_struct_ref_seq_dif.pdbx_pdb_ins_code            ? 
_struct_ref_seq_dif.pdbx_seq_db_name             UNP 
_struct_ref_seq_dif.pdbx_seq_db_accession_code   Q99003 
_struct_ref_seq_dif.db_mon_id                    ALA 
_struct_ref_seq_dif.pdbx_seq_db_seq_num          158 
_struct_ref_seq_dif.details                      conflict 
_struct_ref_seq_dif.pdbx_auth_seq_num            136 
_struct_ref_seq_dif.pdbx_ordinal                 1 
# 
_pdbx_struct_assembly.id                   1 
_pdbx_struct_assembly.details              author_and_software_defined_assembly 
_pdbx_struct_assembly.method_details       PQS 
_pdbx_struct_assembly.oligomeric_details   monomeric 
_pdbx_struct_assembly.oligomeric_count     1 
# 
_pdbx_struct_assembly_gen.assembly_id       1 
_pdbx_struct_assembly_gen.oper_expression   1 
_pdbx_struct_assembly_gen.asym_id_list      A,B 
# 
_pdbx_struct_oper_list.id                   1 
_pdbx_struct_oper_list.type                 'identity operation' 
_pdbx_struct_oper_list.name                 1_555 
_pdbx_struct_oper_list.symmetry_operation   x,y,z 
_pdbx_struct_oper_list.matrix[1][1]         1.0000000000 
_pdbx_struct_oper_list.matrix[1][2]         0.0000000000 
_pdbx_struct_oper_list.matrix[1][3]         0.0000000000 
_pdbx_struct_oper_list.vector[1]            0.0000000000 
_pdbx_struct_oper_list.matrix[2][1]         0.0000000000 
_pdbx_struct_oper_list.matrix[2][2]         1.0000000000 
_pdbx_struct_oper_list.matrix[2][3]         0.0000000000 
_pdbx_struct_oper_list.vector[2]            0.0000000000 
_pdbx_struct_oper_list.matrix[3][1]         0.0000000000 
_pdbx_struct_oper_list.matrix[3][2]         0.0000000000 
_pdbx_struct_oper_list.matrix[3][3]         1.0000000000 
_pdbx_struct_oper_list.vector[3]            0.0000000000 
# 
_struct_biol.id   1 
# 
_struct_conf.conf_type_id            HELX_P 
_struct_conf.id                      HELX_P1 
_struct_conf.pdbx_PDB_helix_id       1 
_struct_conf.beg_label_comp_id       LYS 
_struct_conf.beg_label_asym_id       A 
_struct_conf.beg_label_seq_id        90 
_struct_conf.pdbx_beg_PDB_ins_code   ? 
_struct_conf.end_label_comp_id       GLY 
_struct_conf.end_label_asym_id       A 
_struct_conf.end_label_seq_id        94 
_struct_conf.pdbx_end_PDB_ins_code   ? 
_struct_conf.beg_auth_comp_id        LYS 
_struct_conf.beg_auth_asym_id        A 
_struct_conf.beg_auth_seq_id         90 
_struct_conf.end_auth_comp_id        GLY 
_struct_conf.end_auth_asym_id        A 
_struct_conf.end_auth_seq_id         94 
_struct_conf.pdbx_PDB_helix_class    5 
_struct_conf.details                 ? 
_struct_conf.pdbx_PDB_helix_length   5 
# 
_struct_conf_type.id          HELX_P 
_struct_conf_type.criteria    ? 
_struct_conf_type.reference   ? 
# 
_struct_conn.id                            disulf1 
_struct_conn.conn_type_id                  disulf 
_struct_conn.pdbx_leaving_atom_flag        ? 
_struct_conn.pdbx_PDB_id                   ? 
_struct_conn.ptnr1_label_asym_id           A 
_struct_conn.ptnr1_label_comp_id           CYS 
_struct_conn.ptnr1_label_seq_id            53 
_struct_conn.ptnr1_label_atom_id           SG 
_struct_conn.pdbx_ptnr1_label_alt_id       ? 
_struct_conn.pdbx_ptnr1_PDB_ins_code       ? 
_struct_conn.pdbx_ptnr1_standard_comp_id   ? 
_struct_conn.ptnr1_symmetry                1_555 
_struct_conn.ptnr2_label_asym_id           A 
_struct_conn.ptnr2_label_comp_id           CYS 
_struct_conn.ptnr2_label_seq_id            110 
_struct_conn.ptnr2_label_atom_id           SG 
_struct_conn.pdbx_ptnr2_label_alt_id       ? 
_struct_conn.pdbx_ptnr2_PDB_ins_code       ? 
_struct_conn.ptnr1_auth_asym_id            A 
_struct_conn.ptnr1_auth_comp_id            CYS 
_struct_conn.ptnr1_auth_seq_id             53 
_struct_conn.ptnr2_auth_asym_id            A 
_struct_conn.ptnr2_auth_comp_id            CYS 
_struct_conn.ptnr2_auth_seq_id             110 
_struct_conn.ptnr2_symmetry                1_555 
_struct_conn.pdbx_ptnr3_label_atom_id      ? 
_struct_conn.pdbx_ptnr3_label_seq_id       ? 
_struct_conn.pdbx_ptnr3_label_comp_id      ? 
_struct_conn.pdbx_ptnr3_label_asym_id      ? 
_struct_conn.pdbx_ptnr3_label_alt_id       ? 
_struct_conn.pdbx_ptnr3_PDB_ins_code       ? 
_struct_conn.details                       ? 
_struct_conn.pdbx_dist_value               2.038 
_struct_conn.pdbx_value_order              ? 
_struct_conn.pdbx_role                     ? 
# 
_struct_conn_type.id          disulf 
_struct_conn_type.criteria    ? 
_struct_conn_type.reference   ? 
# 
_pdbx_modification_feature.ordinal                            1 
_pdbx_modification_feature.label_comp_id                      CYS 
_pdbx_modification_feature.label_asym_id                      A 
_pdbx_modification_feature.label_seq_id                       53 
_pdbx_modification_feature.label_alt_id                       ? 
_pdbx_modification_feature.modified_residue_label_comp_id     CYS 
_pdbx_modification_feature.modified_residue_label_asym_id     A 
_pdbx_modification_feature.modified_residue_label_seq_id      110 
_pdbx_modification_feature.modified_residue_label_alt_id      ? 
_pdbx_modification_feature.auth_comp_id                       CYS 
_pdbx_modification_feature.auth_asym_id                       A 
_pdbx_modification_feature.auth_seq_id                        53 
_pdbx_modification_feature.PDB_ins_code                       ? 
_pdbx_modification_feature.symmetry                           1_555 
_pdbx_modification_feature.modified_residue_auth_comp_id      CYS 
_pdbx_modification_feature.modified_residue_auth_asym_id      A 
_pdbx_modification_feature.modified_residue_auth_seq_id       110 
_pdbx_modification_feature.modified_residue_PDB_ins_code      ? 
_pdbx_modification_feature.modified_residue_symmetry          1_555 
_pdbx_modification_feature.comp_id_linking_atom               SG 
_pdbx_modification_feature.modified_residue_id_linking_atom   SG 
_pdbx_modification_feature.modified_residue_id                . 
_pdbx_modification_feature.ref_pcm_id                         . 
_pdbx_modification_feature.ref_comp_id                        . 
_pdbx_modification_feature.type                               None 
_pdbx_modification_feature.category                           'Disulfide bridge' 
# 
_struct_mon_prot_cis.pdbx_id                1 
_struct_mon_prot_cis.label_comp_id          LEU 
_struct_mon_prot_cis.label_seq_id           28 
_struct_mon_prot_cis.label_asym_id          A 
_struct_mon_prot_cis.label_alt_id           . 
_struct_mon_prot_cis.pdbx_PDB_ins_code      ? 
_struct_mon_prot_cis.auth_comp_id           LEU 
_struct_mon_prot_cis.auth_seq_id            28 
_struct_mon_prot_cis.auth_asym_id           A 
_struct_mon_prot_cis.pdbx_label_comp_id_2   PRO 
_struct_mon_prot_cis.pdbx_label_seq_id_2    29 
_struct_mon_prot_cis.pdbx_label_asym_id_2   A 
_struct_mon_prot_cis.pdbx_PDB_ins_code_2    ? 
_struct_mon_prot_cis.pdbx_auth_comp_id_2    PRO 
_struct_mon_prot_cis.pdbx_auth_seq_id_2     29 
_struct_mon_prot_cis.pdbx_auth_asym_id_2    A 
_struct_mon_prot_cis.pdbx_PDB_model_num     1 
_struct_mon_prot_cis.pdbx_omega_angle       0.06 
# 
loop_
_struct_sheet.id 
_struct_sheet.type 
_struct_sheet.number_strands 
_struct_sheet.details 
AA ? 4 ? 
AB ? 4 ? 
AC ? 5 ? 
AD ? 3 ? 
# 
loop_
_struct_sheet_order.sheet_id 
_struct_sheet_order.range_id_1 
_struct_sheet_order.range_id_2 
_struct_sheet_order.offset 
_struct_sheet_order.sense 
AA 1 2 ? anti-parallel 
AA 2 3 ? anti-parallel 
AA 3 4 ? anti-parallel 
AB 1 2 ? anti-parallel 
AB 2 3 ? anti-parallel 
AB 3 4 ? anti-parallel 
AC 1 2 ? parallel      
AC 2 3 ? anti-parallel 
AC 3 4 ? anti-parallel 
AC 4 5 ? anti-parallel 
AD 1 2 ? parallel      
AD 2 3 ? anti-parallel 
# 
loop_
_struct_sheet_range.sheet_id 
_struct_sheet_range.id 
_struct_sheet_range.beg_label_comp_id 
_struct_sheet_range.beg_label_asym_id 
_struct_sheet_range.beg_label_seq_id 
_struct_sheet_range.pdbx_beg_PDB_ins_code 
_struct_sheet_range.end_label_comp_id 
_struct_sheet_range.end_label_asym_id 
_struct_sheet_range.end_label_seq_id 
_struct_sheet_range.pdbx_end_PDB_ins_code 
_struct_sheet_range.beg_auth_comp_id 
_struct_sheet_range.beg_auth_asym_id 
_struct_sheet_range.beg_auth_seq_id 
_struct_sheet_range.end_auth_comp_id 
_struct_sheet_range.end_auth_asym_id 
_struct_sheet_range.end_auth_seq_id 
AA 1 VAL A 2   ? PHE A 4   ? VAL A 2   PHE A 4   
AA 2 GLY A 39  ? SER A 49  ? GLY A 39  SER A 49  
AA 3 ALA A 116 ? ILE A 129 ? ALA A 116 ILE A 129 
AA 4 PHE A 30  ? VAL A 31  ? PHE A 30  VAL A 31  
AB 1 VAL A 2   ? PHE A 4   ? VAL A 2   PHE A 4   
AB 2 GLY A 39  ? SER A 49  ? GLY A 39  SER A 49  
AB 3 ALA A 116 ? ILE A 129 ? ALA A 116 ILE A 129 
AB 4 VAL A 80  ? GLY A 87  ? VAL A 80  GLY A 87  
AC 1 GLU A 9   ? VAL A 12  ? GLU A 9   VAL A 12  
AC 2 THR A 164 ? LEU A 169 ? THR A 164 LEU A 169 
AC 3 THR A 143 ? TYR A 153 ? THR A 143 TYR A 153 
AC 4 CYS A 53  ? VAL A 60  ? CYS A 53  VAL A 60  
AC 5 GLU A 103 ? CYS A 110 ? GLU A 103 CYS A 110 
AD 1 GLY A 17  ? SER A 20  ? GLY A 17  SER A 20  
AD 2 PHE A 172 ? ASN A 175 ? PHE A 172 ASN A 175 
AD 3 ARG A 137 ? VAL A 140 ? ARG A 137 VAL A 140 
# 
loop_
_pdbx_struct_sheet_hbond.sheet_id 
_pdbx_struct_sheet_hbond.range_id_1 
_pdbx_struct_sheet_hbond.range_id_2 
_pdbx_struct_sheet_hbond.range_1_label_atom_id 
_pdbx_struct_sheet_hbond.range_1_label_comp_id 
_pdbx_struct_sheet_hbond.range_1_label_asym_id 
_pdbx_struct_sheet_hbond.range_1_label_seq_id 
_pdbx_struct_sheet_hbond.range_1_PDB_ins_code 
_pdbx_struct_sheet_hbond.range_1_auth_atom_id 
_pdbx_struct_sheet_hbond.range_1_auth_comp_id 
_pdbx_struct_sheet_hbond.range_1_auth_asym_id 
_pdbx_struct_sheet_hbond.range_1_auth_seq_id 
_pdbx_struct_sheet_hbond.range_2_label_atom_id 
_pdbx_struct_sheet_hbond.range_2_label_comp_id 
_pdbx_struct_sheet_hbond.range_2_label_asym_id 
_pdbx_struct_sheet_hbond.range_2_label_seq_id 
_pdbx_struct_sheet_hbond.range_2_PDB_ins_code 
_pdbx_struct_sheet_hbond.range_2_auth_atom_id 
_pdbx_struct_sheet_hbond.range_2_auth_comp_id 
_pdbx_struct_sheet_hbond.range_2_auth_asym_id 
_pdbx_struct_sheet_hbond.range_2_auth_seq_id 
AA 1 2 N SER A 3   ? N SER A 3   O HIS A 47  ? O HIS A 47  
AA 2 3 N ILE A 48  ? N ILE A 48  O SER A 117 ? O SER A 117 
AA 3 4 N ILE A 129 ? N ILE A 129 O PHE A 30  ? O PHE A 30  
AB 1 2 N SER A 3   ? N SER A 3   O HIS A 47  ? O HIS A 47  
AB 2 3 N ILE A 48  ? N ILE A 48  O SER A 117 ? O SER A 117 
AB 3 4 N VAL A 128 ? N VAL A 128 O GLY A 81  ? O GLY A 81  
AC 1 2 N ASN A 10  ? N ASN A 10  O ASN A 166 ? O ASN A 166 
AC 2 3 N LEU A 169 ? N LEU A 169 O THR A 143 ? O THR A 143 
AC 3 4 N TYR A 153 ? N TYR A 153 O CYS A 53  ? O CYS A 53  
AC 4 5 N GLY A 58  ? N GLY A 58  O GLU A 103 ? O GLU A 103 
AD 1 2 N TYR A 19  ? N TYR A 19  O THR A 173 ? O THR A 173 
AD 2 3 N LEU A 174 ? N LEU A 174 O TYR A 138 ? O TYR A 138 
# 
_pdbx_entry_details.entry_id                   1O9Z 
_pdbx_entry_details.compound_details           ? 
_pdbx_entry_details.source_details             ? 
_pdbx_entry_details.nonpolymer_details         ? 
_pdbx_entry_details.sequence_details           ? 
_pdbx_entry_details.has_ligand_of_interest     ? 
_pdbx_entry_details.has_protein_modification   Y 
# 
loop_
_pdbx_validate_torsion.id 
_pdbx_validate_torsion.PDB_model_num 
_pdbx_validate_torsion.auth_comp_id 
_pdbx_validate_torsion.auth_asym_id 
_pdbx_validate_torsion.auth_seq_id 
_pdbx_validate_torsion.PDB_ins_code 
_pdbx_validate_torsion.label_alt_id 
_pdbx_validate_torsion.phi 
_pdbx_validate_torsion.psi 
1 1 ARG A 35  ? ? 52.05   -119.78 
2 1 ARG A 132 ? ? -117.95 -147.75 
3 1 SER A 136 ? ? -150.57 12.05   
# 
_pdbx_struct_special_symmetry.id              1 
_pdbx_struct_special_symmetry.PDB_model_num   1 
_pdbx_struct_special_symmetry.auth_asym_id    A 
_pdbx_struct_special_symmetry.auth_comp_id    HOH 
_pdbx_struct_special_symmetry.auth_seq_id     2072 
_pdbx_struct_special_symmetry.PDB_ins_code    ? 
_pdbx_struct_special_symmetry.label_asym_id   B 
_pdbx_struct_special_symmetry.label_comp_id   HOH 
_pdbx_struct_special_symmetry.label_seq_id    . 
# 
_pdbx_database_remark.id     700 
_pdbx_database_remark.text   
;
SHEET
THE SHEET STRUCTURE OF THIS MOLECULE IS BIFURCATED. IN
ORDER TO REPRESENT THIS FEATURE IN THE SHEET RECORDS BELOW,
TWO SHEETS ARE DEFINED.
;
# 
loop_
_pdbx_unobs_or_zero_occ_residues.id 
_pdbx_unobs_or_zero_occ_residues.PDB_model_num 
_pdbx_unobs_or_zero_occ_residues.polymer_flag 
_pdbx_unobs_or_zero_occ_residues.occupancy_flag 
_pdbx_unobs_or_zero_occ_residues.auth_asym_id 
_pdbx_unobs_or_zero_occ_residues.auth_comp_id 
_pdbx_unobs_or_zero_occ_residues.auth_seq_id 
_pdbx_unobs_or_zero_occ_residues.PDB_ins_code 
_pdbx_unobs_or_zero_occ_residues.label_asym_id 
_pdbx_unobs_or_zero_occ_residues.label_comp_id 
_pdbx_unobs_or_zero_occ_residues.label_seq_id 
1 1 Y 1 A THR 22  ? A THR 22  
2 1 Y 1 A HIS 23  ? A HIS 23  
3 1 Y 1 A ALA 24  ? A ALA 24  
4 1 Y 1 A MET 25  ? A MET 25  
5 1 Y 1 A ASP 26  ? A ASP 26  
6 1 Y 1 A ASN 27  ? A ASN 27  
7 1 Y 1 A SER 134 ? A SER 134 
# 
loop_
_chem_comp_atom.comp_id 
_chem_comp_atom.atom_id 
_chem_comp_atom.type_symbol 
_chem_comp_atom.pdbx_aromatic_flag 
_chem_comp_atom.pdbx_stereo_config 
_chem_comp_atom.pdbx_ordinal 
ALA N    N N N 1   
ALA CA   C N S 2   
ALA C    C N N 3   
ALA O    O N N 4   
ALA CB   C N N 5   
ALA OXT  O N N 6   
ALA H    H N N 7   
ALA H2   H N N 8   
ALA HA   H N N 9   
ALA HB1  H N N 10  
ALA HB2  H N N 11  
ALA HB3  H N N 12  
ALA HXT  H N N 13  
ARG N    N N N 14  
ARG CA   C N S 15  
ARG C    C N N 16  
ARG O    O N N 17  
ARG CB   C N N 18  
ARG CG   C N N 19  
ARG CD   C N N 20  
ARG NE   N N N 21  
ARG CZ   C N N 22  
ARG NH1  N N N 23  
ARG NH2  N N N 24  
ARG OXT  O N N 25  
ARG H    H N N 26  
ARG H2   H N N 27  
ARG HA   H N N 28  
ARG HB2  H N N 29  
ARG HB3  H N N 30  
ARG HG2  H N N 31  
ARG HG3  H N N 32  
ARG HD2  H N N 33  
ARG HD3  H N N 34  
ARG HE   H N N 35  
ARG HH11 H N N 36  
ARG HH12 H N N 37  
ARG HH21 H N N 38  
ARG HH22 H N N 39  
ARG HXT  H N N 40  
ASN N    N N N 41  
ASN CA   C N S 42  
ASN C    C N N 43  
ASN O    O N N 44  
ASN CB   C N N 45  
ASN CG   C N N 46  
ASN OD1  O N N 47  
ASN ND2  N N N 48  
ASN OXT  O N N 49  
ASN H    H N N 50  
ASN H2   H N N 51  
ASN HA   H N N 52  
ASN HB2  H N N 53  
ASN HB3  H N N 54  
ASN HD21 H N N 55  
ASN HD22 H N N 56  
ASN HXT  H N N 57  
ASP N    N N N 58  
ASP CA   C N S 59  
ASP C    C N N 60  
ASP O    O N N 61  
ASP CB   C N N 62  
ASP CG   C N N 63  
ASP OD1  O N N 64  
ASP OD2  O N N 65  
ASP OXT  O N N 66  
ASP H    H N N 67  
ASP H2   H N N 68  
ASP HA   H N N 69  
ASP HB2  H N N 70  
ASP HB3  H N N 71  
ASP HD2  H N N 72  
ASP HXT  H N N 73  
CYS N    N N N 74  
CYS CA   C N R 75  
CYS C    C N N 76  
CYS O    O N N 77  
CYS CB   C N N 78  
CYS SG   S N N 79  
CYS OXT  O N N 80  
CYS H    H N N 81  
CYS H2   H N N 82  
CYS HA   H N N 83  
CYS HB2  H N N 84  
CYS HB3  H N N 85  
CYS HG   H N N 86  
CYS HXT  H N N 87  
GLN N    N N N 88  
GLN CA   C N S 89  
GLN C    C N N 90  
GLN O    O N N 91  
GLN CB   C N N 92  
GLN CG   C N N 93  
GLN CD   C N N 94  
GLN OE1  O N N 95  
GLN NE2  N N N 96  
GLN OXT  O N N 97  
GLN H    H N N 98  
GLN H2   H N N 99  
GLN HA   H N N 100 
GLN HB2  H N N 101 
GLN HB3  H N N 102 
GLN HG2  H N N 103 
GLN HG3  H N N 104 
GLN HE21 H N N 105 
GLN HE22 H N N 106 
GLN HXT  H N N 107 
GLU N    N N N 108 
GLU CA   C N S 109 
GLU C    C N N 110 
GLU O    O N N 111 
GLU CB   C N N 112 
GLU CG   C N N 113 
GLU CD   C N N 114 
GLU OE1  O N N 115 
GLU OE2  O N N 116 
GLU OXT  O N N 117 
GLU H    H N N 118 
GLU H2   H N N 119 
GLU HA   H N N 120 
GLU HB2  H N N 121 
GLU HB3  H N N 122 
GLU HG2  H N N 123 
GLU HG3  H N N 124 
GLU HE2  H N N 125 
GLU HXT  H N N 126 
GLY N    N N N 127 
GLY CA   C N N 128 
GLY C    C N N 129 
GLY O    O N N 130 
GLY OXT  O N N 131 
GLY H    H N N 132 
GLY H2   H N N 133 
GLY HA2  H N N 134 
GLY HA3  H N N 135 
GLY HXT  H N N 136 
HIS N    N N N 137 
HIS CA   C N S 138 
HIS C    C N N 139 
HIS O    O N N 140 
HIS CB   C N N 141 
HIS CG   C Y N 142 
HIS ND1  N Y N 143 
HIS CD2  C Y N 144 
HIS CE1  C Y N 145 
HIS NE2  N Y N 146 
HIS OXT  O N N 147 
HIS H    H N N 148 
HIS H2   H N N 149 
HIS HA   H N N 150 
HIS HB2  H N N 151 
HIS HB3  H N N 152 
HIS HD1  H N N 153 
HIS HD2  H N N 154 
HIS HE1  H N N 155 
HIS HE2  H N N 156 
HIS HXT  H N N 157 
HOH O    O N N 158 
HOH H1   H N N 159 
HOH H2   H N N 160 
ILE N    N N N 161 
ILE CA   C N S 162 
ILE C    C N N 163 
ILE O    O N N 164 
ILE CB   C N S 165 
ILE CG1  C N N 166 
ILE CG2  C N N 167 
ILE CD1  C N N 168 
ILE OXT  O N N 169 
ILE H    H N N 170 
ILE H2   H N N 171 
ILE HA   H N N 172 
ILE HB   H N N 173 
ILE HG12 H N N 174 
ILE HG13 H N N 175 
ILE HG21 H N N 176 
ILE HG22 H N N 177 
ILE HG23 H N N 178 
ILE HD11 H N N 179 
ILE HD12 H N N 180 
ILE HD13 H N N 181 
ILE HXT  H N N 182 
LEU N    N N N 183 
LEU CA   C N S 184 
LEU C    C N N 185 
LEU O    O N N 186 
LEU CB   C N N 187 
LEU CG   C N N 188 
LEU CD1  C N N 189 
LEU CD2  C N N 190 
LEU OXT  O N N 191 
LEU H    H N N 192 
LEU H2   H N N 193 
LEU HA   H N N 194 
LEU HB2  H N N 195 
LEU HB3  H N N 196 
LEU HG   H N N 197 
LEU HD11 H N N 198 
LEU HD12 H N N 199 
LEU HD13 H N N 200 
LEU HD21 H N N 201 
LEU HD22 H N N 202 
LEU HD23 H N N 203 
LEU HXT  H N N 204 
LYS N    N N N 205 
LYS CA   C N S 206 
LYS C    C N N 207 
LYS O    O N N 208 
LYS CB   C N N 209 
LYS CG   C N N 210 
LYS CD   C N N 211 
LYS CE   C N N 212 
LYS NZ   N N N 213 
LYS OXT  O N N 214 
LYS H    H N N 215 
LYS H2   H N N 216 
LYS HA   H N N 217 
LYS HB2  H N N 218 
LYS HB3  H N N 219 
LYS HG2  H N N 220 
LYS HG3  H N N 221 
LYS HD2  H N N 222 
LYS HD3  H N N 223 
LYS HE2  H N N 224 
LYS HE3  H N N 225 
LYS HZ1  H N N 226 
LYS HZ2  H N N 227 
LYS HZ3  H N N 228 
LYS HXT  H N N 229 
MET N    N N N 230 
MET CA   C N S 231 
MET C    C N N 232 
MET O    O N N 233 
MET CB   C N N 234 
MET CG   C N N 235 
MET SD   S N N 236 
MET CE   C N N 237 
MET OXT  O N N 238 
MET H    H N N 239 
MET H2   H N N 240 
MET HA   H N N 241 
MET HB2  H N N 242 
MET HB3  H N N 243 
MET HG2  H N N 244 
MET HG3  H N N 245 
MET HE1  H N N 246 
MET HE2  H N N 247 
MET HE3  H N N 248 
MET HXT  H N N 249 
PHE N    N N N 250 
PHE CA   C N S 251 
PHE C    C N N 252 
PHE O    O N N 253 
PHE CB   C N N 254 
PHE CG   C Y N 255 
PHE CD1  C Y N 256 
PHE CD2  C Y N 257 
PHE CE1  C Y N 258 
PHE CE2  C Y N 259 
PHE CZ   C Y N 260 
PHE OXT  O N N 261 
PHE H    H N N 262 
PHE H2   H N N 263 
PHE HA   H N N 264 
PHE HB2  H N N 265 
PHE HB3  H N N 266 
PHE HD1  H N N 267 
PHE HD2  H N N 268 
PHE HE1  H N N 269 
PHE HE2  H N N 270 
PHE HZ   H N N 271 
PHE HXT  H N N 272 
PRO N    N N N 273 
PRO CA   C N S 274 
PRO C    C N N 275 
PRO O    O N N 276 
PRO CB   C N N 277 
PRO CG   C N N 278 
PRO CD   C N N 279 
PRO OXT  O N N 280 
PRO H    H N N 281 
PRO HA   H N N 282 
PRO HB2  H N N 283 
PRO HB3  H N N 284 
PRO HG2  H N N 285 
PRO HG3  H N N 286 
PRO HD2  H N N 287 
PRO HD3  H N N 288 
PRO HXT  H N N 289 
SER N    N N N 290 
SER CA   C N S 291 
SER C    C N N 292 
SER O    O N N 293 
SER CB   C N N 294 
SER OG   O N N 295 
SER OXT  O N N 296 
SER H    H N N 297 
SER H2   H N N 298 
SER HA   H N N 299 
SER HB2  H N N 300 
SER HB3  H N N 301 
SER HG   H N N 302 
SER HXT  H N N 303 
THR N    N N N 304 
THR CA   C N S 305 
THR C    C N N 306 
THR O    O N N 307 
THR CB   C N R 308 
THR OG1  O N N 309 
THR CG2  C N N 310 
THR OXT  O N N 311 
THR H    H N N 312 
THR H2   H N N 313 
THR HA   H N N 314 
THR HB   H N N 315 
THR HG1  H N N 316 
THR HG21 H N N 317 
THR HG22 H N N 318 
THR HG23 H N N 319 
THR HXT  H N N 320 
TRP N    N N N 321 
TRP CA   C N S 322 
TRP C    C N N 323 
TRP O    O N N 324 
TRP CB   C N N 325 
TRP CG   C Y N 326 
TRP CD1  C Y N 327 
TRP CD2  C Y N 328 
TRP NE1  N Y N 329 
TRP CE2  C Y N 330 
TRP CE3  C Y N 331 
TRP CZ2  C Y N 332 
TRP CZ3  C Y N 333 
TRP CH2  C Y N 334 
TRP OXT  O N N 335 
TRP H    H N N 336 
TRP H2   H N N 337 
TRP HA   H N N 338 
TRP HB2  H N N 339 
TRP HB3  H N N 340 
TRP HD1  H N N 341 
TRP HE1  H N N 342 
TRP HE3  H N N 343 
TRP HZ2  H N N 344 
TRP HZ3  H N N 345 
TRP HH2  H N N 346 
TRP HXT  H N N 347 
TYR N    N N N 348 
TYR CA   C N S 349 
TYR C    C N N 350 
TYR O    O N N 351 
TYR CB   C N N 352 
TYR CG   C Y N 353 
TYR CD1  C Y N 354 
TYR CD2  C Y N 355 
TYR CE1  C Y N 356 
TYR CE2  C Y N 357 
TYR CZ   C Y N 358 
TYR OH   O N N 359 
TYR OXT  O N N 360 
TYR H    H N N 361 
TYR H2   H N N 362 
TYR HA   H N N 363 
TYR HB2  H N N 364 
TYR HB3  H N N 365 
TYR HD1  H N N 366 
TYR HD2  H N N 367 
TYR HE1  H N N 368 
TYR HE2  H N N 369 
TYR HH   H N N 370 
TYR HXT  H N N 371 
VAL N    N N N 372 
VAL CA   C N S 373 
VAL C    C N N 374 
VAL O    O N N 375 
VAL CB   C N N 376 
VAL CG1  C N N 377 
VAL CG2  C N N 378 
VAL OXT  O N N 379 
VAL H    H N N 380 
VAL H2   H N N 381 
VAL HA   H N N 382 
VAL HB   H N N 383 
VAL HG11 H N N 384 
VAL HG12 H N N 385 
VAL HG13 H N N 386 
VAL HG21 H N N 387 
VAL HG22 H N N 388 
VAL HG23 H N N 389 
VAL HXT  H N N 390 
# 
loop_
_chem_comp_bond.comp_id 
_chem_comp_bond.atom_id_1 
_chem_comp_bond.atom_id_2 
_chem_comp_bond.value_order 
_chem_comp_bond.pdbx_aromatic_flag 
_chem_comp_bond.pdbx_stereo_config 
_chem_comp_bond.pdbx_ordinal 
ALA N   CA   sing N N 1   
ALA N   H    sing N N 2   
ALA N   H2   sing N N 3   
ALA CA  C    sing N N 4   
ALA CA  CB   sing N N 5   
ALA CA  HA   sing N N 6   
ALA C   O    doub N N 7   
ALA C   OXT  sing N N 8   
ALA CB  HB1  sing N N 9   
ALA CB  HB2  sing N N 10  
ALA CB  HB3  sing N N 11  
ALA OXT HXT  sing N N 12  
ARG N   CA   sing N N 13  
ARG N   H    sing N N 14  
ARG N   H2   sing N N 15  
ARG CA  C    sing N N 16  
ARG CA  CB   sing N N 17  
ARG CA  HA   sing N N 18  
ARG C   O    doub N N 19  
ARG C   OXT  sing N N 20  
ARG CB  CG   sing N N 21  
ARG CB  HB2  sing N N 22  
ARG CB  HB3  sing N N 23  
ARG CG  CD   sing N N 24  
ARG CG  HG2  sing N N 25  
ARG CG  HG3  sing N N 26  
ARG CD  NE   sing N N 27  
ARG CD  HD2  sing N N 28  
ARG CD  HD3  sing N N 29  
ARG NE  CZ   sing N N 30  
ARG NE  HE   sing N N 31  
ARG CZ  NH1  sing N N 32  
ARG CZ  NH2  doub N N 33  
ARG NH1 HH11 sing N N 34  
ARG NH1 HH12 sing N N 35  
ARG NH2 HH21 sing N N 36  
ARG NH2 HH22 sing N N 37  
ARG OXT HXT  sing N N 38  
ASN N   CA   sing N N 39  
ASN N   H    sing N N 40  
ASN N   H2   sing N N 41  
ASN CA  C    sing N N 42  
ASN CA  CB   sing N N 43  
ASN CA  HA   sing N N 44  
ASN C   O    doub N N 45  
ASN C   OXT  sing N N 46  
ASN CB  CG   sing N N 47  
ASN CB  HB2  sing N N 48  
ASN CB  HB3  sing N N 49  
ASN CG  OD1  doub N N 50  
ASN CG  ND2  sing N N 51  
ASN ND2 HD21 sing N N 52  
ASN ND2 HD22 sing N N 53  
ASN OXT HXT  sing N N 54  
ASP N   CA   sing N N 55  
ASP N   H    sing N N 56  
ASP N   H2   sing N N 57  
ASP CA  C    sing N N 58  
ASP CA  CB   sing N N 59  
ASP CA  HA   sing N N 60  
ASP C   O    doub N N 61  
ASP C   OXT  sing N N 62  
ASP CB  CG   sing N N 63  
ASP CB  HB2  sing N N 64  
ASP CB  HB3  sing N N 65  
ASP CG  OD1  doub N N 66  
ASP CG  OD2  sing N N 67  
ASP OD2 HD2  sing N N 68  
ASP OXT HXT  sing N N 69  
CYS N   CA   sing N N 70  
CYS N   H    sing N N 71  
CYS N   H2   sing N N 72  
CYS CA  C    sing N N 73  
CYS CA  CB   sing N N 74  
CYS CA  HA   sing N N 75  
CYS C   O    doub N N 76  
CYS C   OXT  sing N N 77  
CYS CB  SG   sing N N 78  
CYS CB  HB2  sing N N 79  
CYS CB  HB3  sing N N 80  
CYS SG  HG   sing N N 81  
CYS OXT HXT  sing N N 82  
GLN N   CA   sing N N 83  
GLN N   H    sing N N 84  
GLN N   H2   sing N N 85  
GLN CA  C    sing N N 86  
GLN CA  CB   sing N N 87  
GLN CA  HA   sing N N 88  
GLN C   O    doub N N 89  
GLN C   OXT  sing N N 90  
GLN CB  CG   sing N N 91  
GLN CB  HB2  sing N N 92  
GLN CB  HB3  sing N N 93  
GLN CG  CD   sing N N 94  
GLN CG  HG2  sing N N 95  
GLN CG  HG3  sing N N 96  
GLN CD  OE1  doub N N 97  
GLN CD  NE2  sing N N 98  
GLN NE2 HE21 sing N N 99  
GLN NE2 HE22 sing N N 100 
GLN OXT HXT  sing N N 101 
GLU N   CA   sing N N 102 
GLU N   H    sing N N 103 
GLU N   H2   sing N N 104 
GLU CA  C    sing N N 105 
GLU CA  CB   sing N N 106 
GLU CA  HA   sing N N 107 
GLU C   O    doub N N 108 
GLU C   OXT  sing N N 109 
GLU CB  CG   sing N N 110 
GLU CB  HB2  sing N N 111 
GLU CB  HB3  sing N N 112 
GLU CG  CD   sing N N 113 
GLU CG  HG2  sing N N 114 
GLU CG  HG3  sing N N 115 
GLU CD  OE1  doub N N 116 
GLU CD  OE2  sing N N 117 
GLU OE2 HE2  sing N N 118 
GLU OXT HXT  sing N N 119 
GLY N   CA   sing N N 120 
GLY N   H    sing N N 121 
GLY N   H2   sing N N 122 
GLY CA  C    sing N N 123 
GLY CA  HA2  sing N N 124 
GLY CA  HA3  sing N N 125 
GLY C   O    doub N N 126 
GLY C   OXT  sing N N 127 
GLY OXT HXT  sing N N 128 
HIS N   CA   sing N N 129 
HIS N   H    sing N N 130 
HIS N   H2   sing N N 131 
HIS CA  C    sing N N 132 
HIS CA  CB   sing N N 133 
HIS CA  HA   sing N N 134 
HIS C   O    doub N N 135 
HIS C   OXT  sing N N 136 
HIS CB  CG   sing N N 137 
HIS CB  HB2  sing N N 138 
HIS CB  HB3  sing N N 139 
HIS CG  ND1  sing Y N 140 
HIS CG  CD2  doub Y N 141 
HIS ND1 CE1  doub Y N 142 
HIS ND1 HD1  sing N N 143 
HIS CD2 NE2  sing Y N 144 
HIS CD2 HD2  sing N N 145 
HIS CE1 NE2  sing Y N 146 
HIS CE1 HE1  sing N N 147 
HIS NE2 HE2  sing N N 148 
HIS OXT HXT  sing N N 149 
HOH O   H1   sing N N 150 
HOH O   H2   sing N N 151 
ILE N   CA   sing N N 152 
ILE N   H    sing N N 153 
ILE N   H2   sing N N 154 
ILE CA  C    sing N N 155 
ILE CA  CB   sing N N 156 
ILE CA  HA   sing N N 157 
ILE C   O    doub N N 158 
ILE C   OXT  sing N N 159 
ILE CB  CG1  sing N N 160 
ILE CB  CG2  sing N N 161 
ILE CB  HB   sing N N 162 
ILE CG1 CD1  sing N N 163 
ILE CG1 HG12 sing N N 164 
ILE CG1 HG13 sing N N 165 
ILE CG2 HG21 sing N N 166 
ILE CG2 HG22 sing N N 167 
ILE CG2 HG23 sing N N 168 
ILE CD1 HD11 sing N N 169 
ILE CD1 HD12 sing N N 170 
ILE CD1 HD13 sing N N 171 
ILE OXT HXT  sing N N 172 
LEU N   CA   sing N N 173 
LEU N   H    sing N N 174 
LEU N   H2   sing N N 175 
LEU CA  C    sing N N 176 
LEU CA  CB   sing N N 177 
LEU CA  HA   sing N N 178 
LEU C   O    doub N N 179 
LEU C   OXT  sing N N 180 
LEU CB  CG   sing N N 181 
LEU CB  HB2  sing N N 182 
LEU CB  HB3  sing N N 183 
LEU CG  CD1  sing N N 184 
LEU CG  CD2  sing N N 185 
LEU CG  HG   sing N N 186 
LEU CD1 HD11 sing N N 187 
LEU CD1 HD12 sing N N 188 
LEU CD1 HD13 sing N N 189 
LEU CD2 HD21 sing N N 190 
LEU CD2 HD22 sing N N 191 
LEU CD2 HD23 sing N N 192 
LEU OXT HXT  sing N N 193 
LYS N   CA   sing N N 194 
LYS N   H    sing N N 195 
LYS N   H2   sing N N 196 
LYS CA  C    sing N N 197 
LYS CA  CB   sing N N 198 
LYS CA  HA   sing N N 199 
LYS C   O    doub N N 200 
LYS C   OXT  sing N N 201 
LYS CB  CG   sing N N 202 
LYS CB  HB2  sing N N 203 
LYS CB  HB3  sing N N 204 
LYS CG  CD   sing N N 205 
LYS CG  HG2  sing N N 206 
LYS CG  HG3  sing N N 207 
LYS CD  CE   sing N N 208 
LYS CD  HD2  sing N N 209 
LYS CD  HD3  sing N N 210 
LYS CE  NZ   sing N N 211 
LYS CE  HE2  sing N N 212 
LYS CE  HE3  sing N N 213 
LYS NZ  HZ1  sing N N 214 
LYS NZ  HZ2  sing N N 215 
LYS NZ  HZ3  sing N N 216 
LYS OXT HXT  sing N N 217 
MET N   CA   sing N N 218 
MET N   H    sing N N 219 
MET N   H2   sing N N 220 
MET CA  C    sing N N 221 
MET CA  CB   sing N N 222 
MET CA  HA   sing N N 223 
MET C   O    doub N N 224 
MET C   OXT  sing N N 225 
MET CB  CG   sing N N 226 
MET CB  HB2  sing N N 227 
MET CB  HB3  sing N N 228 
MET CG  SD   sing N N 229 
MET CG  HG2  sing N N 230 
MET CG  HG3  sing N N 231 
MET SD  CE   sing N N 232 
MET CE  HE1  sing N N 233 
MET CE  HE2  sing N N 234 
MET CE  HE3  sing N N 235 
MET OXT HXT  sing N N 236 
PHE N   CA   sing N N 237 
PHE N   H    sing N N 238 
PHE N   H2   sing N N 239 
PHE CA  C    sing N N 240 
PHE CA  CB   sing N N 241 
PHE CA  HA   sing N N 242 
PHE C   O    doub N N 243 
PHE C   OXT  sing N N 244 
PHE CB  CG   sing N N 245 
PHE CB  HB2  sing N N 246 
PHE CB  HB3  sing N N 247 
PHE CG  CD1  doub Y N 248 
PHE CG  CD2  sing Y N 249 
PHE CD1 CE1  sing Y N 250 
PHE CD1 HD1  sing N N 251 
PHE CD2 CE2  doub Y N 252 
PHE CD2 HD2  sing N N 253 
PHE CE1 CZ   doub Y N 254 
PHE CE1 HE1  sing N N 255 
PHE CE2 CZ   sing Y N 256 
PHE CE2 HE2  sing N N 257 
PHE CZ  HZ   sing N N 258 
PHE OXT HXT  sing N N 259 
PRO N   CA   sing N N 260 
PRO N   CD   sing N N 261 
PRO N   H    sing N N 262 
PRO CA  C    sing N N 263 
PRO CA  CB   sing N N 264 
PRO CA  HA   sing N N 265 
PRO C   O    doub N N 266 
PRO C   OXT  sing N N 267 
PRO CB  CG   sing N N 268 
PRO CB  HB2  sing N N 269 
PRO CB  HB3  sing N N 270 
PRO CG  CD   sing N N 271 
PRO CG  HG2  sing N N 272 
PRO CG  HG3  sing N N 273 
PRO CD  HD2  sing N N 274 
PRO CD  HD3  sing N N 275 
PRO OXT HXT  sing N N 276 
SER N   CA   sing N N 277 
SER N   H    sing N N 278 
SER N   H2   sing N N 279 
SER CA  C    sing N N 280 
SER CA  CB   sing N N 281 
SER CA  HA   sing N N 282 
SER C   O    doub N N 283 
SER C   OXT  sing N N 284 
SER CB  OG   sing N N 285 
SER CB  HB2  sing N N 286 
SER CB  HB3  sing N N 287 
SER OG  HG   sing N N 288 
SER OXT HXT  sing N N 289 
THR N   CA   sing N N 290 
THR N   H    sing N N 291 
THR N   H2   sing N N 292 
THR CA  C    sing N N 293 
THR CA  CB   sing N N 294 
THR CA  HA   sing N N 295 
THR C   O    doub N N 296 
THR C   OXT  sing N N 297 
THR CB  OG1  sing N N 298 
THR CB  CG2  sing N N 299 
THR CB  HB   sing N N 300 
THR OG1 HG1  sing N N 301 
THR CG2 HG21 sing N N 302 
THR CG2 HG22 sing N N 303 
THR CG2 HG23 sing N N 304 
THR OXT HXT  sing N N 305 
TRP N   CA   sing N N 306 
TRP N   H    sing N N 307 
TRP N   H2   sing N N 308 
TRP CA  C    sing N N 309 
TRP CA  CB   sing N N 310 
TRP CA  HA   sing N N 311 
TRP C   O    doub N N 312 
TRP C   OXT  sing N N 313 
TRP CB  CG   sing N N 314 
TRP CB  HB2  sing N N 315 
TRP CB  HB3  sing N N 316 
TRP CG  CD1  doub Y N 317 
TRP CG  CD2  sing Y N 318 
TRP CD1 NE1  sing Y N 319 
TRP CD1 HD1  sing N N 320 
TRP CD2 CE2  doub Y N 321 
TRP CD2 CE3  sing Y N 322 
TRP NE1 CE2  sing Y N 323 
TRP NE1 HE1  sing N N 324 
TRP CE2 CZ2  sing Y N 325 
TRP CE3 CZ3  doub Y N 326 
TRP CE3 HE3  sing N N 327 
TRP CZ2 CH2  doub Y N 328 
TRP CZ2 HZ2  sing N N 329 
TRP CZ3 CH2  sing Y N 330 
TRP CZ3 HZ3  sing N N 331 
TRP CH2 HH2  sing N N 332 
TRP OXT HXT  sing N N 333 
TYR N   CA   sing N N 334 
TYR N   H    sing N N 335 
TYR N   H2   sing N N 336 
TYR CA  C    sing N N 337 
TYR CA  CB   sing N N 338 
TYR CA  HA   sing N N 339 
TYR C   O    doub N N 340 
TYR C   OXT  sing N N 341 
TYR CB  CG   sing N N 342 
TYR CB  HB2  sing N N 343 
TYR CB  HB3  sing N N 344 
TYR CG  CD1  doub Y N 345 
TYR CG  CD2  sing Y N 346 
TYR CD1 CE1  sing Y N 347 
TYR CD1 HD1  sing N N 348 
TYR CD2 CE2  doub Y N 349 
TYR CD2 HD2  sing N N 350 
TYR CE1 CZ   doub Y N 351 
TYR CE1 HE1  sing N N 352 
TYR CE2 CZ   sing Y N 353 
TYR CE2 HE2  sing N N 354 
TYR CZ  OH   sing N N 355 
TYR OH  HH   sing N N 356 
TYR OXT HXT  sing N N 357 
VAL N   CA   sing N N 358 
VAL N   H    sing N N 359 
VAL N   H2   sing N N 360 
VAL CA  C    sing N N 361 
VAL CA  CB   sing N N 362 
VAL CA  HA   sing N N 363 
VAL C   O    doub N N 364 
VAL C   OXT  sing N N 365 
VAL CB  CG1  sing N N 366 
VAL CB  CG2  sing N N 367 
VAL CB  HB   sing N N 368 
VAL CG1 HG11 sing N N 369 
VAL CG1 HG12 sing N N 370 
VAL CG1 HG13 sing N N 371 
VAL CG2 HG21 sing N N 372 
VAL CG2 HG22 sing N N 373 
VAL CG2 HG23 sing N N 374 
VAL OXT HXT  sing N N 375 
# 
_pdbx_initial_refinement_model.id               1 
_pdbx_initial_refinement_model.entity_id_list   ? 
_pdbx_initial_refinement_model.type             'experimental model' 
_pdbx_initial_refinement_model.source_name      PDB 
_pdbx_initial_refinement_model.accession_code   1O9V 
_pdbx_initial_refinement_model.details          'PDB ENTRY 1O9V' 
# 
_atom_sites.entry_id                    1O9Z 
_atom_sites.fract_transf_matrix[1][1]   0.00321704 
_atom_sites.fract_transf_matrix[1][2]   -0.01273346 
_atom_sites.fract_transf_matrix[1][3]   0.02352203 
_atom_sites.fract_transf_matrix[2][1]   -0.00033142 
_atom_sites.fract_transf_matrix[2][2]   0.01396760 
_atom_sites.fract_transf_matrix[2][3]   0.02303389 
_atom_sites.fract_transf_matrix[3][1]   -0.00346275 
_atom_sites.fract_transf_matrix[3][2]   -0.00045604 
_atom_sites.fract_transf_matrix[3][3]   0.00022672 
_atom_sites.fract_transf_vector[1]      1.149376 
_atom_sites.fract_transf_vector[2]      0.890932 
_atom_sites.fract_transf_vector[3]      0.041163 
# 
loop_
_atom_type.symbol 
C 
N 
O 
S 
# 
loop_
_atom_site.group_PDB 
_atom_site.id 
_atom_site.type_symbol 
_atom_site.label_atom_id 
_atom_site.label_alt_id 
_atom_site.label_comp_id 
_atom_site.label_asym_id 
_atom_site.label_entity_id 
_atom_site.label_seq_id 
_atom_site.pdbx_PDB_ins_code 
_atom_site.Cartn_x 
_atom_site.Cartn_y 
_atom_site.Cartn_z 
_atom_site.occupancy 
_atom_site.B_iso_or_equiv 
_atom_site.pdbx_formal_charge 
_atom_site.auth_seq_id 
_atom_site.auth_comp_id 
_atom_site.auth_asym_id 
_atom_site.auth_atom_id 
_atom_site.pdbx_PDB_model_num 
ATOM   1    N N   . ALA A 1 1   ? -5.811  -12.549 21.740  1.00 27.74 ? 1    ALA A N   1 
ATOM   2    C CA  . ALA A 1 1   ? -6.820  -12.713 20.661  1.00 26.38 ? 1    ALA A CA  1 
ATOM   3    C C   . ALA A 1 1   ? -6.638  -11.670 19.571  1.00 26.18 ? 1    ALA A C   1 
ATOM   4    O O   . ALA A 1 1   ? -5.804  -10.760 19.678  1.00 25.55 ? 1    ALA A O   1 
ATOM   5    C CB  . ALA A 1 1   ? -8.237  -12.606 21.248  1.00 27.84 ? 1    ALA A CB  1 
ATOM   6    N N   . VAL A 1 2   ? -7.426  -11.813 18.511  1.00 24.56 ? 2    VAL A N   1 
ATOM   7    C CA  . VAL A 1 2   ? -7.384  -10.879 17.404  1.00 23.92 ? 2    VAL A CA  1 
ATOM   8    C C   . VAL A 1 2   ? -8.753  -10.775 16.757  1.00 24.15 ? 2    VAL A C   1 
ATOM   9    O O   . VAL A 1 2   ? -9.499  -11.760 16.685  1.00 24.30 ? 2    VAL A O   1 
ATOM   10   C CB  . VAL A 1 2   ? -6.355  -11.311 16.323  1.00 23.33 ? 2    VAL A CB  1 
ATOM   11   C CG1 . VAL A 1 2   ? -6.713  -12.664 15.763  1.00 24.17 ? 2    VAL A CG1 1 
ATOM   12   C CG2 . VAL A 1 2   ? -6.291  -10.272 15.212  1.00 23.80 ? 2    VAL A CG2 1 
ATOM   13   N N   . SER A 1 3   ? -9.090  -9.563  16.323  1.00 23.34 ? 3    SER A N   1 
ATOM   14   C CA  . SER A 1 3   ? -10.351 -9.322  15.627  1.00 23.08 ? 3    SER A CA  1 
ATOM   15   C C   . SER A 1 3   ? -10.083 -8.303  14.519  1.00 22.88 ? 3    SER A C   1 
ATOM   16   O O   . SER A 1 3   ? -9.160  -7.482  14.615  1.00 22.52 ? 3    SER A O   1 
ATOM   17   C CB  . SER A 1 3   ? -11.432 -8.801  16.591  1.00 22.93 ? 3    SER A CB  1 
ATOM   18   O OG  . SER A 1 3   ? -11.060 -7.568  17.171  1.00 22.16 ? 3    SER A OG  1 
ATOM   19   N N   . PHE A 1 4   ? -10.877 -8.373  13.457  1.00 21.60 ? 4    PHE A N   1 
ATOM   20   C CA  . PHE A 1 4   ? -10.730 -7.455  12.329  1.00 21.38 ? 4    PHE A CA  1 
ATOM   21   C C   . PHE A 1 4   ? -11.662 -6.269  12.545  1.00 21.71 ? 4    PHE A C   1 
ATOM   22   O O   . PHE A 1 4   ? -12.869 -6.444  12.706  1.00 20.75 ? 4    PHE A O   1 
ATOM   23   C CB  . PHE A 1 4   ? -11.085 -8.160  11.014  1.00 21.11 ? 4    PHE A CB  1 
ATOM   24   C CG  . PHE A 1 4   ? -11.055 -7.250  9.805   1.00 20.46 ? 4    PHE A CG  1 
ATOM   25   C CD1 . PHE A 1 4   ? -9.860  -6.666  9.384   1.00 21.71 ? 4    PHE A CD1 1 
ATOM   26   C CD2 . PHE A 1 4   ? -12.218 -6.961  9.104   1.00 22.36 ? 4    PHE A CD2 1 
ATOM   27   C CE1 . PHE A 1 4   ? -9.828  -5.813  8.289   1.00 22.34 ? 4    PHE A CE1 1 
ATOM   28   C CE2 . PHE A 1 4   ? -12.193 -6.103  7.996   1.00 21.36 ? 4    PHE A CE2 1 
ATOM   29   C CZ  . PHE A 1 4   ? -10.990 -5.532  7.594   1.00 22.38 ? 4    PHE A CZ  1 
ATOM   30   N N   . ILE A 1 5   ? -11.102 -5.063  12.535  1.00 22.90 ? 5    ILE A N   1 
ATOM   31   C CA  . ILE A 1 5   ? -11.891 -3.854  12.757  1.00 24.40 ? 5    ILE A CA  1 
ATOM   32   C C   . ILE A 1 5   ? -11.748 -2.826  11.637  1.00 24.69 ? 5    ILE A C   1 
ATOM   33   O O   . ILE A 1 5   ? -12.161 -1.680  11.794  1.00 26.42 ? 5    ILE A O   1 
ATOM   34   C CB  . ILE A 1 5   ? -11.499 -3.175  14.093  1.00 23.07 ? 5    ILE A CB  1 
ATOM   35   C CG1 . ILE A 1 5   ? -9.989  -2.912  14.111  1.00 23.23 ? 5    ILE A CG1 1 
ATOM   36   C CG2 . ILE A 1 5   ? -11.873 -4.062  15.268  1.00 23.89 ? 5    ILE A CG2 1 
ATOM   37   C CD1 . ILE A 1 5   ? -9.518  -2.028  15.254  1.00 21.64 ? 5    ILE A CD1 1 
ATOM   38   N N   . GLY A 1 6   ? -11.171 -3.227  10.504  1.00 25.04 ? 6    GLY A N   1 
ATOM   39   C CA  . GLY A 1 6   ? -10.997 -2.282  9.414   1.00 24.53 ? 6    GLY A CA  1 
ATOM   40   C C   . GLY A 1 6   ? -11.987 -2.464  8.279   1.00 25.96 ? 6    GLY A C   1 
ATOM   41   O O   . GLY A 1 6   ? -13.051 -3.058  8.457   1.00 26.09 ? 6    GLY A O   1 
ATOM   42   N N   . SER A 1 7   ? -11.628 -1.944  7.108   1.00 25.47 ? 7    SER A N   1 
ATOM   43   C CA  . SER A 1 7   ? -12.467 -2.044  5.917   1.00 26.96 ? 7    SER A CA  1 
ATOM   44   C C   . SER A 1 7   ? -11.778 -2.963  4.903   1.00 26.56 ? 7    SER A C   1 
ATOM   45   O O   . SER A 1 7   ? -10.557 -2.908  4.739   1.00 24.73 ? 7    SER A O   1 
ATOM   46   C CB  . SER A 1 7   ? -12.670 -0.650  5.311   1.00 28.01 ? 7    SER A CB  1 
ATOM   47   O OG  . SER A 1 7   ? -13.369 -0.727  4.086   1.00 32.87 ? 7    SER A OG  1 
ATOM   48   N N   . THR A 1 8   ? -12.557 -3.814  4.240   1.00 24.60 ? 8    THR A N   1 
ATOM   49   C CA  . THR A 1 8   ? -12.011 -4.739  3.249   1.00 24.49 ? 8    THR A CA  1 
ATOM   50   C C   . THR A 1 8   ? -11.523 -3.992  2.004   1.00 23.35 ? 8    THR A C   1 
ATOM   51   O O   . THR A 1 8   ? -10.461 -4.300  1.456   1.00 23.74 ? 8    THR A O   1 
ATOM   52   C CB  . THR A 1 8   ? -13.080 -5.779  2.837   1.00 24.42 ? 8    THR A CB  1 
ATOM   53   O OG1 . THR A 1 8   ? -13.491 -6.511  3.998   1.00 26.37 ? 8    THR A OG1 1 
ATOM   54   C CG2 . THR A 1 8   ? -12.536 -6.745  1.815   1.00 24.39 ? 8    THR A CG2 1 
ATOM   55   N N   . GLU A 1 9   ? -12.305 -3.015  1.556   1.00 22.87 ? 9    GLU A N   1 
ATOM   56   C CA  . GLU A 1 9   ? -11.951 -2.233  0.372   1.00 23.13 ? 9    GLU A CA  1 
ATOM   57   C C   . GLU A 1 9   ? -11.519 -0.819  0.781   1.00 23.44 ? 9    GLU A C   1 
ATOM   58   O O   . GLU A 1 9   ? -12.208 -0.147  1.546   1.00 23.69 ? 9    GLU A O   1 
ATOM   59   C CB  . GLU A 1 9   ? -13.143 -2.186  -0.586  1.00 23.54 ? 9    GLU A CB  1 
ATOM   60   C CG  . GLU A 1 9   ? -13.628 -3.566  -1.024  1.00 25.23 ? 9    GLU A CG  1 
ATOM   61   C CD  . GLU A 1 9   ? -12.585 -4.350  -1.809  1.00 27.02 ? 9    GLU A CD  1 
ATOM   62   O OE1 . GLU A 1 9   ? -11.914 -3.746  -2.674  1.00 26.31 ? 9    GLU A OE1 1 
ATOM   63   O OE2 . GLU A 1 9   ? -12.446 -5.575  -1.570  1.00 28.38 ? 9    GLU A OE2 1 
ATOM   64   N N   . ASN A 1 10  ? -10.386 -0.367  0.250   1.00 23.52 ? 10   ASN A N   1 
ATOM   65   C CA  . ASN A 1 10  ? -9.835  0.927   0.629   1.00 22.41 ? 10   ASN A CA  1 
ATOM   66   C C   . ASN A 1 10  ? -9.304  1.727   -0.550  1.00 23.05 ? 10   ASN A C   1 
ATOM   67   O O   . ASN A 1 10  ? -8.632  1.187   -1.429  1.00 21.81 ? 10   ASN A O   1 
ATOM   68   C CB  . ASN A 1 10  ? -8.714  0.689   1.644   1.00 22.35 ? 10   ASN A CB  1 
ATOM   69   C CG  . ASN A 1 10  ? -9.177  -0.139  2.832   1.00 18.38 ? 10   ASN A CG  1 
ATOM   70   O OD1 . ASN A 1 10  ? -9.737  0.391   3.783   1.00 20.63 ? 10   ASN A OD1 1 
ATOM   71   N ND2 . ASN A 1 10  ? -8.967  -1.454  2.769   1.00 20.08 ? 10   ASN A ND2 1 
ATOM   72   N N   . ASP A 1 11  ? -9.596  3.028   -0.554  1.00 23.12 ? 11   ASP A N   1 
ATOM   73   C CA  . ASP A 1 11  ? -9.145  3.897   -1.630  1.00 22.57 ? 11   ASP A CA  1 
ATOM   74   C C   . ASP A 1 11  ? -7.843  4.598   -1.273  1.00 22.74 ? 11   ASP A C   1 
ATOM   75   O O   . ASP A 1 11  ? -7.651  5.055   -0.135  1.00 22.64 ? 11   ASP A O   1 
ATOM   76   C CB  . ASP A 1 11  ? -10.211 4.940   -1.966  1.00 24.66 ? 11   ASP A CB  1 
ATOM   77   C CG  . ASP A 1 11  ? -11.450 4.323   -2.583  1.00 28.15 ? 11   ASP A CG  1 
ATOM   78   O OD1 . ASP A 1 11  ? -11.330 3.259   -3.241  1.00 26.57 ? 11   ASP A OD1 1 
ATOM   79   O OD2 . ASP A 1 11  ? -12.538 4.918   -2.426  1.00 28.66 ? 11   ASP A OD2 1 
ATOM   80   N N   . VAL A 1 12  ? -6.952  4.670   -2.260  1.00 21.64 ? 12   VAL A N   1 
ATOM   81   C CA  . VAL A 1 12  ? -5.651  5.303   -2.064  1.00 21.88 ? 12   VAL A CA  1 
ATOM   82   C C   . VAL A 1 12  ? -5.613  6.636   -2.800  1.00 21.88 ? 12   VAL A C   1 
ATOM   83   O O   . VAL A 1 12  ? -5.718  6.676   -4.029  1.00 21.11 ? 12   VAL A O   1 
ATOM   84   C CB  . VAL A 1 12  ? -4.512  4.378   -2.572  1.00 20.56 ? 12   VAL A CB  1 
ATOM   85   C CG1 . VAL A 1 12  ? -3.153  5.038   -2.366  1.00 20.44 ? 12   VAL A CG1 1 
ATOM   86   C CG2 . VAL A 1 12  ? -4.558  3.049   -1.831  1.00 21.37 ? 12   VAL A CG2 1 
ATOM   87   N N   . GLY A 1 13  ? -5.461  7.716   -2.030  1.00 22.58 ? 13   GLY A N   1 
ATOM   88   C CA  . GLY A 1 13  ? -5.393  9.057   -2.586  1.00 22.09 ? 13   GLY A CA  1 
ATOM   89   C C   . GLY A 1 13  ? -6.761  9.698   -2.751  1.00 22.88 ? 13   GLY A C   1 
ATOM   90   O O   . GLY A 1 13  ? -7.777  8.995   -2.781  1.00 21.57 ? 13   GLY A O   1 
ATOM   91   N N   . PRO A 1 14  ? -6.822  11.034  -2.859  1.00 21.91 ? 14   PRO A N   1 
ATOM   92   C CA  . PRO A 1 14  ? -8.111  11.719  -3.029  1.00 23.14 ? 14   PRO A CA  1 
ATOM   93   C C   . PRO A 1 14  ? -8.663  11.507  -4.431  1.00 23.32 ? 14   PRO A C   1 
ATOM   94   O O   . PRO A 1 14  ? -7.918  11.515  -5.412  1.00 24.19 ? 14   PRO A O   1 
ATOM   95   C CB  . PRO A 1 14  ? -7.767  13.184  -2.757  1.00 23.87 ? 14   PRO A CB  1 
ATOM   96   C CG  . PRO A 1 14  ? -6.325  13.277  -3.222  1.00 22.03 ? 14   PRO A CG  1 
ATOM   97   C CD  . PRO A 1 14  ? -5.735  12.008  -2.647  1.00 22.67 ? 14   PRO A CD  1 
ATOM   98   N N   . SER A 1 15  ? -9.977  11.319  -4.522  1.00 24.01 ? 15   SER A N   1 
ATOM   99   C CA  . SER A 1 15  ? -10.621 11.103  -5.806  1.00 24.11 ? 15   SER A CA  1 
ATOM   100  C C   . SER A 1 15  ? -10.428 12.288  -6.740  1.00 23.82 ? 15   SER A C   1 
ATOM   101  O O   . SER A 1 15  ? -10.666 13.443  -6.363  1.00 24.22 ? 15   SER A O   1 
ATOM   102  C CB  . SER A 1 15  ? -12.120 10.841  -5.613  1.00 25.48 ? 15   SER A CB  1 
ATOM   103  O OG  . SER A 1 15  ? -12.704 10.417  -6.839  1.00 27.43 ? 15   SER A OG  1 
ATOM   104  N N   . LEU A 1 16  ? -10.012 11.980  -7.964  1.00 23.37 ? 16   LEU A N   1 
ATOM   105  C CA  . LEU A 1 16  ? -9.766  12.976  -9.001  1.00 25.05 ? 16   LEU A CA  1 
ATOM   106  C C   . LEU A 1 16  ? -8.808  14.083  -8.547  1.00 24.21 ? 16   LEU A C   1 
ATOM   107  O O   . LEU A 1 16  ? -8.974  15.254  -8.897  1.00 25.07 ? 16   LEU A O   1 
ATOM   108  C CB  . LEU A 1 16  ? -11.091 13.574  -9.496  1.00 27.98 ? 16   LEU A CB  1 
ATOM   109  C CG  . LEU A 1 16  ? -11.843 12.757  -10.565 1.00 31.37 ? 16   LEU A CG  1 
ATOM   110  C CD1 . LEU A 1 16  ? -11.034 12.722  -11.855 1.00 35.06 ? 16   LEU A CD1 1 
ATOM   111  C CD2 . LEU A 1 16  ? -12.089 11.345  -10.078 1.00 34.36 ? 16   LEU A CD2 1 
ATOM   112  N N   . GLY A 1 17  ? -7.807  13.698  -7.760  1.00 22.37 ? 17   GLY A N   1 
ATOM   113  C CA  . GLY A 1 17  ? -6.828  14.668  -7.304  1.00 22.01 ? 17   GLY A CA  1 
ATOM   114  C C   . GLY A 1 17  ? -5.946  14.993  -8.494  1.00 21.79 ? 17   GLY A C   1 
ATOM   115  O O   . GLY A 1 17  ? -5.801  14.152  -9.382  1.00 22.45 ? 17   GLY A O   1 
ATOM   116  N N   . SER A 1 18  ? -5.374  16.197  -8.526  1.00 22.06 ? 18   SER A N   1 
ATOM   117  C CA  . SER A 1 18  ? -4.499  16.622  -9.616  1.00 21.94 ? 18   SER A CA  1 
ATOM   118  C C   . SER A 1 18  ? -3.126  16.911  -9.025  1.00 23.09 ? 18   SER A C   1 
ATOM   119  O O   . SER A 1 18  ? -3.027  17.516  -7.960  1.00 22.82 ? 18   SER A O   1 
ATOM   120  C CB  . SER A 1 18  ? -5.029  17.892  -10.287 1.00 23.95 ? 18   SER A CB  1 
ATOM   121  O OG  . SER A 1 18  ? -6.323  17.693  -10.813 1.00 27.72 ? 18   SER A OG  1 
ATOM   122  N N   . TYR A 1 19  ? -2.078  16.491  -9.729  1.00 23.49 ? 19   TYR A N   1 
ATOM   123  C CA  . TYR A 1 19  ? -0.709  16.677  -9.256  1.00 24.19 ? 19   TYR A CA  1 
ATOM   124  C C   . TYR A 1 19  ? 0.155   17.294  -10.349 1.00 24.93 ? 19   TYR A C   1 
ATOM   125  O O   . TYR A 1 19  ? 0.034   16.937  -11.526 1.00 25.38 ? 19   TYR A O   1 
ATOM   126  C CB  . TYR A 1 19  ? -0.130  15.317  -8.835  1.00 23.78 ? 19   TYR A CB  1 
ATOM   127  C CG  . TYR A 1 19  ? -0.990  14.613  -7.802  1.00 22.13 ? 19   TYR A CG  1 
ATOM   128  C CD1 . TYR A 1 19  ? -0.834  14.882  -6.447  1.00 23.63 ? 19   TYR A CD1 1 
ATOM   129  C CD2 . TYR A 1 19  ? -2.024  13.750  -8.188  1.00 23.04 ? 19   TYR A CD2 1 
ATOM   130  C CE1 . TYR A 1 19  ? -1.685  14.322  -5.494  1.00 22.09 ? 19   TYR A CE1 1 
ATOM   131  C CE2 . TYR A 1 19  ? -2.886  13.184  -7.242  1.00 21.35 ? 19   TYR A CE2 1 
ATOM   132  C CZ  . TYR A 1 19  ? -2.708  13.482  -5.893  1.00 22.48 ? 19   TYR A CZ  1 
ATOM   133  O OH  . TYR A 1 19  ? -3.553  12.981  -4.927  1.00 21.53 ? 19   TYR A OH  1 
ATOM   134  N N   . SER A 1 20  ? 1.022   18.217  -9.947  1.00 24.78 ? 20   SER A N   1 
ATOM   135  C CA  . SER A 1 20  ? 1.932   18.898  -10.867 1.00 27.36 ? 20   SER A CA  1 
ATOM   136  C C   . SER A 1 20  ? 3.373   18.571  -10.495 1.00 29.72 ? 20   SER A C   1 
ATOM   137  O O   . SER A 1 20  ? 3.644   18.083  -9.398  1.00 29.55 ? 20   SER A O   1 
ATOM   138  C CB  . SER A 1 20  ? 1.734   20.417  -10.791 1.00 27.53 ? 20   SER A CB  1 
ATOM   139  O OG  . SER A 1 20  ? 0.435   20.787  -11.207 1.00 29.96 ? 20   SER A OG  1 
ATOM   140  N N   . ARG A 1 21  ? 4.296   18.844  -11.410 1.00 31.31 ? 21   ARG A N   1 
ATOM   141  C CA  . ARG A 1 21  ? 5.709   18.589  -11.157 1.00 34.39 ? 21   ARG A CA  1 
ATOM   142  C C   . ARG A 1 21  ? 6.334   19.801  -10.476 1.00 36.04 ? 21   ARG A C   1 
ATOM   143  O O   . ARG A 1 21  ? 6.218   20.928  -10.972 1.00 38.27 ? 21   ARG A O   1 
ATOM   144  N N   . LEU A 1 28  ? 12.776  11.289  -18.257 1.00 45.41 ? 28   LEU A N   1 
ATOM   145  C CA  . LEU A 1 28  ? 11.966  10.081  -18.105 1.00 45.04 ? 28   LEU A CA  1 
ATOM   146  C C   . LEU A 1 28  ? 12.850  8.882   -17.759 1.00 44.41 ? 28   LEU A C   1 
ATOM   147  O O   . LEU A 1 28  ? 13.928  8.715   -18.328 1.00 45.18 ? 28   LEU A O   1 
ATOM   148  C CB  . LEU A 1 28  ? 11.185  9.797   -19.399 1.00 45.10 ? 28   LEU A CB  1 
ATOM   149  N N   . PRO A 1 29  ? 12.407  8.028   -16.816 1.00 43.15 ? 29   PRO A N   1 
ATOM   150  C CA  . PRO A 1 29  ? 11.139  8.154   -16.091 1.00 41.24 ? 29   PRO A CA  1 
ATOM   151  C C   . PRO A 1 29  ? 11.198  9.291   -15.080 1.00 39.73 ? 29   PRO A C   1 
ATOM   152  O O   . PRO A 1 29  ? 12.168  9.429   -14.330 1.00 39.39 ? 29   PRO A O   1 
ATOM   153  C CB  . PRO A 1 29  ? 10.987  6.790   -15.426 1.00 41.57 ? 29   PRO A CB  1 
ATOM   154  C CG  . PRO A 1 29  ? 12.413  6.448   -15.085 1.00 42.74 ? 29   PRO A CG  1 
ATOM   155  C CD  . PRO A 1 29  ? 13.161  6.847   -16.352 1.00 42.99 ? 29   PRO A CD  1 
ATOM   156  N N   . PHE A 1 30  ? 10.155  10.110  -15.077 1.00 37.87 ? 30   PHE A N   1 
ATOM   157  C CA  . PHE A 1 30  ? 10.082  11.236  -14.165 1.00 36.19 ? 30   PHE A CA  1 
ATOM   158  C C   . PHE A 1 30  ? 9.150   10.904  -12.997 1.00 34.34 ? 30   PHE A C   1 
ATOM   159  O O   . PHE A 1 30  ? 7.965   10.599  -13.196 1.00 33.40 ? 30   PHE A O   1 
ATOM   160  C CB  . PHE A 1 30  ? 9.566   12.472  -14.903 1.00 38.69 ? 30   PHE A CB  1 
ATOM   161  C CG  . PHE A 1 30  ? 9.475   13.695  -14.036 1.00 40.53 ? 30   PHE A CG  1 
ATOM   162  C CD1 . PHE A 1 30  ? 10.628  14.347  -13.609 1.00 42.51 ? 30   PHE A CD1 1 
ATOM   163  C CD2 . PHE A 1 30  ? 8.239   14.193  -13.642 1.00 42.01 ? 30   PHE A CD2 1 
ATOM   164  C CE1 . PHE A 1 30  ? 10.548  15.485  -12.798 1.00 43.67 ? 30   PHE A CE1 1 
ATOM   165  C CE2 . PHE A 1 30  ? 8.146   15.331  -12.830 1.00 43.01 ? 30   PHE A CE2 1 
ATOM   166  C CZ  . PHE A 1 30  ? 9.304   15.976  -12.410 1.00 43.29 ? 30   PHE A CZ  1 
ATOM   167  N N   . VAL A 1 31  ? 9.693   10.975  -11.788 1.00 31.84 ? 31   VAL A N   1 
ATOM   168  C CA  . VAL A 1 31  ? 8.934   10.682  -10.577 1.00 30.11 ? 31   VAL A CA  1 
ATOM   169  C C   . VAL A 1 31  ? 8.341   11.950  -9.980  1.00 30.87 ? 31   VAL A C   1 
ATOM   170  O O   . VAL A 1 31  ? 9.054   12.931  -9.759  1.00 31.00 ? 31   VAL A O   1 
ATOM   171  C CB  . VAL A 1 31  ? 9.834   10.030  -9.507  1.00 28.75 ? 31   VAL A CB  1 
ATOM   172  C CG1 . VAL A 1 31  ? 9.012   9.628   -8.285  1.00 26.92 ? 31   VAL A CG1 1 
ATOM   173  C CG2 . VAL A 1 31  ? 10.546  8.841   -10.097 1.00 27.80 ? 31   VAL A CG2 1 
ATOM   174  N N   . TYR A 1 32  ? 7.035   11.932  -9.733  1.00 31.29 ? 32   TYR A N   1 
ATOM   175  C CA  . TYR A 1 32  ? 6.349   13.067  -9.127  1.00 32.47 ? 32   TYR A CA  1 
ATOM   176  C C   . TYR A 1 32  ? 6.483   12.977  -7.608  1.00 33.84 ? 32   TYR A C   1 
ATOM   177  O O   . TYR A 1 32  ? 6.276   11.910  -7.018  1.00 35.18 ? 32   TYR A O   1 
ATOM   178  C CB  . TYR A 1 32  ? 4.856   13.065  -9.498  1.00 31.49 ? 32   TYR A CB  1 
ATOM   179  C CG  . TYR A 1 32  ? 4.532   13.749  -10.804 1.00 32.25 ? 32   TYR A CG  1 
ATOM   180  C CD1 . TYR A 1 32  ? 5.216   13.426  -11.978 1.00 32.71 ? 32   TYR A CD1 1 
ATOM   181  C CD2 . TYR A 1 32  ? 3.535   14.721  -10.869 1.00 32.89 ? 32   TYR A CD2 1 
ATOM   182  C CE1 . TYR A 1 32  ? 4.916   14.060  -13.181 1.00 33.74 ? 32   TYR A CE1 1 
ATOM   183  C CE2 . TYR A 1 32  ? 3.227   15.360  -12.066 1.00 33.53 ? 32   TYR A CE2 1 
ATOM   184  C CZ  . TYR A 1 32  ? 3.922   15.031  -13.215 1.00 33.70 ? 32   TYR A CZ  1 
ATOM   185  O OH  . TYR A 1 32  ? 3.656   15.705  -14.381 1.00 34.68 ? 32   TYR A OH  1 
ATOM   186  N N   . ASP A 1 33  ? 6.823   14.100  -6.981  1.00 34.19 ? 33   ASP A N   1 
ATOM   187  C CA  . ASP A 1 33  ? 6.975   14.159  -5.530  1.00 35.03 ? 33   ASP A CA  1 
ATOM   188  C C   . ASP A 1 33  ? 5.616   14.431  -4.895  1.00 34.99 ? 33   ASP A C   1 
ATOM   189  O O   . ASP A 1 33  ? 5.266   15.584  -4.616  1.00 35.98 ? 33   ASP A O   1 
ATOM   190  C CB  . ASP A 1 33  ? 7.958   15.270  -5.151  1.00 36.07 ? 33   ASP A CB  1 
ATOM   191  N N   . THR A 1 34  ? 4.840   13.374  -4.676  1.00 33.61 ? 34   THR A N   1 
ATOM   192  C CA  . THR A 1 34  ? 3.516   13.540  -4.090  1.00 32.51 ? 34   THR A CA  1 
ATOM   193  C C   . THR A 1 34  ? 3.485   13.227  -2.599  1.00 31.98 ? 34   THR A C   1 
ATOM   194  O O   . THR A 1 34  ? 2.427   13.289  -1.970  1.00 31.98 ? 34   THR A O   1 
ATOM   195  C CB  . THR A 1 34  ? 2.476   12.668  -4.827  1.00 31.47 ? 34   THR A CB  1 
ATOM   196  O OG1 . THR A 1 34  ? 2.835   11.286  -4.719  1.00 30.65 ? 34   THR A OG1 1 
ATOM   197  C CG2 . THR A 1 34  ? 2.415   13.057  -6.293  1.00 31.41 ? 34   THR A CG2 1 
ATOM   198  N N   . ARG A 1 35  ? 4.653   12.916  -2.038  1.00 31.74 ? 35   ARG A N   1 
ATOM   199  C CA  . ARG A 1 35  ? 4.791   12.597  -0.618  1.00 31.18 ? 35   ARG A CA  1 
ATOM   200  C C   . ARG A 1 35  ? 3.812   11.511  -0.170  1.00 30.69 ? 35   ARG A C   1 
ATOM   201  O O   . ARG A 1 35  ? 3.850   10.390  -0.670  1.00 29.92 ? 35   ARG A O   1 
ATOM   202  C CB  . ARG A 1 35  ? 4.583   13.851  0.230   1.00 31.15 ? 35   ARG A CB  1 
ATOM   203  N N   . ASN A 1 36  ? 2.950   11.850  0.784   1.00 29.89 ? 36   ASN A N   1 
ATOM   204  C CA  . ASN A 1 36  ? 1.965   10.903  1.289   1.00 29.70 ? 36   ASN A CA  1 
ATOM   205  C C   . ASN A 1 36  ? 0.566   11.250  0.786   1.00 28.48 ? 36   ASN A C   1 
ATOM   206  O O   . ASN A 1 36  ? -0.422  10.671  1.245   1.00 28.78 ? 36   ASN A O   1 
ATOM   207  C CB  . ASN A 1 36  ? 1.959   10.891  2.824   1.00 30.12 ? 36   ASN A CB  1 
ATOM   208  C CG  . ASN A 1 36  ? 3.326   10.598  3.422   1.00 31.52 ? 36   ASN A CG  1 
ATOM   209  O OD1 . ASN A 1 36  ? 4.080   9.755   2.928   1.00 32.17 ? 36   ASN A OD1 1 
ATOM   210  N ND2 . ASN A 1 36  ? 3.645   11.291  4.509   1.00 34.01 ? 36   ASN A ND2 1 
ATOM   211  N N   . LYS A 1 37  ? 0.480   12.188  -0.156  1.00 27.11 ? 37   LYS A N   1 
ATOM   212  C CA  . LYS A 1 37  ? -0.817  12.602  -0.707  1.00 26.94 ? 37   LYS A CA  1 
ATOM   213  C C   . LYS A 1 37  ? -1.607  11.445  -1.322  1.00 25.68 ? 37   LYS A C   1 
ATOM   214  O O   . LYS A 1 37  ? -2.814  11.298  -1.088  1.00 24.90 ? 37   LYS A O   1 
ATOM   215  C CB  . LYS A 1 37  ? -0.625  13.696  -1.757  1.00 29.25 ? 37   LYS A CB  1 
ATOM   216  C CG  . LYS A 1 37  ? -0.387  15.079  -1.183  1.00 33.59 ? 37   LYS A CG  1 
ATOM   217  C CD  . LYS A 1 37  ? -1.631  15.591  -0.451  1.00 36.43 ? 37   LYS A CD  1 
ATOM   218  C CE  . LYS A 1 37  ? -1.444  17.030  0.020   1.00 38.79 ? 37   LYS A CE  1 
ATOM   219  N NZ  . LYS A 1 37  ? -2.637  17.534  0.759   1.00 40.06 ? 37   LYS A NZ  1 
ATOM   220  N N   . ILE A 1 38  ? -0.934  10.630  -2.122  1.00 22.90 ? 38   ILE A N   1 
ATOM   221  C CA  . ILE A 1 38  ? -1.606  9.496   -2.736  1.00 22.97 ? 38   ILE A CA  1 
ATOM   222  C C   . ILE A 1 38  ? -1.329  8.283   -1.867  1.00 22.37 ? 38   ILE A C   1 
ATOM   223  O O   . ILE A 1 38  ? -0.440  7.482   -2.143  1.00 24.38 ? 38   ILE A O   1 
ATOM   224  C CB  . ILE A 1 38  ? -1.117  9.231   -4.177  1.00 22.72 ? 38   ILE A CB  1 
ATOM   225  C CG1 . ILE A 1 38  ? -0.977  10.555  -4.929  1.00 22.09 ? 38   ILE A CG1 1 
ATOM   226  C CG2 . ILE A 1 38  ? -2.140  8.353   -4.923  1.00 22.17 ? 38   ILE A CG2 1 
ATOM   227  C CD1 . ILE A 1 38  ? -0.512  10.404  -6.353  1.00 23.16 ? 38   ILE A CD1 1 
ATOM   228  N N   . GLY A 1 39  ? -2.085  8.174   -0.787  1.00 22.52 ? 39   GLY A N   1 
ATOM   229  C CA  . GLY A 1 39  ? -1.896  7.061   0.108   1.00 22.28 ? 39   GLY A CA  1 
ATOM   230  C C   . GLY A 1 39  ? -3.134  6.734   0.913   1.00 23.03 ? 39   GLY A C   1 
ATOM   231  O O   . GLY A 1 39  ? -4.176  7.387   0.793   1.00 24.08 ? 39   GLY A O   1 
ATOM   232  N N   . TYR A 1 40  ? -3.016  5.673   1.699   1.00 22.07 ? 40   TYR A N   1 
ATOM   233  C CA  . TYR A 1 40  ? -4.071  5.224   2.592   1.00 21.85 ? 40   TYR A CA  1 
ATOM   234  C C   . TYR A 1 40  ? -3.335  4.796   3.840   1.00 22.27 ? 40   TYR A C   1 
ATOM   235  O O   . TYR A 1 40  ? -2.329  4.094   3.776   1.00 21.36 ? 40   TYR A O   1 
ATOM   236  C CB  . TYR A 1 40  ? -4.840  4.011   2.055   1.00 21.54 ? 40   TYR A CB  1 
ATOM   237  C CG  . TYR A 1 40  ? -5.842  3.472   3.061   1.00 22.45 ? 40   TYR A CG  1 
ATOM   238  C CD1 . TYR A 1 40  ? -7.120  4.032   3.179   1.00 23.87 ? 40   TYR A CD1 1 
ATOM   239  C CD2 . TYR A 1 40  ? -5.499  2.441   3.932   1.00 23.11 ? 40   TYR A CD2 1 
ATOM   240  C CE1 . TYR A 1 40  ? -8.027  3.582   4.140   1.00 23.70 ? 40   TYR A CE1 1 
ATOM   241  C CE2 . TYR A 1 40  ? -6.397  1.979   4.902   1.00 23.93 ? 40   TYR A CE2 1 
ATOM   242  C CZ  . TYR A 1 40  ? -7.660  2.554   4.999   1.00 25.34 ? 40   TYR A CZ  1 
ATOM   243  O OH  . TYR A 1 40  ? -8.553  2.099   5.947   1.00 24.13 ? 40   TYR A OH  1 
ATOM   244  N N   . GLN A 1 41  ? -3.853  5.225   4.975   1.00 22.70 ? 41   GLN A N   1 
ATOM   245  C CA  . GLN A 1 41  ? -3.274  4.902   6.252   1.00 22.29 ? 41   GLN A CA  1 
ATOM   246  C C   . GLN A 1 41  ? -4.393  4.668   7.259   1.00 21.57 ? 41   GLN A C   1 
ATOM   247  O O   . GLN A 1 41  ? -5.380  5.411   7.281   1.00 22.82 ? 41   GLN A O   1 
ATOM   248  C CB  . GLN A 1 41  ? -2.404  6.068   6.691   1.00 24.20 ? 41   GLN A CB  1 
ATOM   249  C CG  . GLN A 1 41  ? -1.830  5.943   8.060   1.00 25.96 ? 41   GLN A CG  1 
ATOM   250  C CD  . GLN A 1 41  ? -1.012  7.169   8.411   1.00 28.08 ? 41   GLN A CD  1 
ATOM   251  O OE1 . GLN A 1 41  ? -1.527  8.289   8.418   1.00 28.36 ? 41   GLN A OE1 1 
ATOM   252  N NE2 . GLN A 1 41  ? 0.266   6.965   8.690   1.00 26.37 ? 41   GLN A NE2 1 
ATOM   253  N N   . ASN A 1 42  ? -4.243  3.636   8.086   1.00 20.50 ? 42   ASN A N   1 
ATOM   254  C CA  . ASN A 1 42  ? -5.237  3.330   9.110   1.00 20.73 ? 42   ASN A CA  1 
ATOM   255  C C   . ASN A 1 42  ? -4.538  2.596   10.244  1.00 20.12 ? 42   ASN A C   1 
ATOM   256  O O   . ASN A 1 42  ? -4.044  1.492   10.049  1.00 20.96 ? 42   ASN A O   1 
ATOM   257  C CB  . ASN A 1 42  ? -6.351  2.457   8.529   1.00 20.67 ? 42   ASN A CB  1 
ATOM   258  C CG  . ASN A 1 42  ? -7.529  2.307   9.473   1.00 24.76 ? 42   ASN A CG  1 
ATOM   259  O OD1 . ASN A 1 42  ? -7.429  2.610   10.670  1.00 23.22 ? 42   ASN A OD1 1 
ATOM   260  N ND2 . ASN A 1 42  ? -8.655  1.820   8.945   1.00 23.14 ? 42   ASN A ND2 1 
ATOM   261  N N   . ALA A 1 43  ? -4.493  3.216   11.423  1.00 18.74 ? 43   ALA A N   1 
ATOM   262  C CA  . ALA A 1 43  ? -3.839  2.630   12.589  1.00 20.33 ? 43   ALA A CA  1 
ATOM   263  C C   . ALA A 1 43  ? -4.636  1.502   13.234  1.00 20.32 ? 43   ALA A C   1 
ATOM   264  O O   . ALA A 1 43  ? -4.106  0.728   14.032  1.00 20.66 ? 43   ALA A O   1 
ATOM   265  C CB  . ALA A 1 43  ? -3.580  3.719   13.640  1.00 19.80 ? 43   ALA A CB  1 
ATOM   266  N N   . ASN A 1 44  ? -5.906  1.399   12.881  1.00 22.54 ? 44   ASN A N   1 
ATOM   267  C CA  . ASN A 1 44  ? -6.756  0.395   13.506  1.00 23.78 ? 44   ASN A CA  1 
ATOM   268  C C   . ASN A 1 44  ? -7.457  -0.556  12.548  1.00 23.39 ? 44   ASN A C   1 
ATOM   269  O O   . ASN A 1 44  ? -8.659  -0.416  12.281  1.00 23.52 ? 44   ASN A O   1 
ATOM   270  C CB  . ASN A 1 44  ? -7.777  1.125   14.371  1.00 25.22 ? 44   ASN A CB  1 
ATOM   271  C CG  . ASN A 1 44  ? -7.151  2.273   15.142  1.00 25.33 ? 44   ASN A CG  1 
ATOM   272  O OD1 . ASN A 1 44  ? -6.314  2.066   16.022  1.00 27.69 ? 44   ASN A OD1 1 
ATOM   273  N ND2 . ASN A 1 44  ? -7.544  3.498   14.800  1.00 29.62 ? 44   ASN A ND2 1 
ATOM   274  N N   . VAL A 1 45  ? -6.708  -1.528  12.035  1.00 21.80 ? 45   VAL A N   1 
ATOM   275  C CA  . VAL A 1 45  ? -7.273  -2.505  11.114  1.00 21.00 ? 45   VAL A CA  1 
ATOM   276  C C   . VAL A 1 45  ? -7.580  -3.827  11.822  1.00 21.02 ? 45   VAL A C   1 
ATOM   277  O O   . VAL A 1 45  ? -8.543  -4.508  11.473  1.00 20.63 ? 45   VAL A O   1 
ATOM   278  C CB  . VAL A 1 45  ? -6.334  -2.756  9.928   1.00 20.71 ? 45   VAL A CB  1 
ATOM   279  C CG1 . VAL A 1 45  ? -6.944  -3.800  9.000   1.00 21.34 ? 45   VAL A CG1 1 
ATOM   280  C CG2 . VAL A 1 45  ? -6.114  -1.450  9.166   1.00 21.15 ? 45   VAL A CG2 1 
ATOM   281  N N   . TRP A 1 46  ? -6.748  -4.190  12.796  1.00 21.30 ? 46   TRP A N   1 
ATOM   282  C CA  . TRP A 1 46  ? -6.954  -5.392  13.605  1.00 21.21 ? 46   TRP A CA  1 
ATOM   283  C C   . TRP A 1 46  ? -6.786  -4.993  15.061  1.00 22.44 ? 46   TRP A C   1 
ATOM   284  O O   . TRP A 1 46  ? -5.981  -4.103  15.384  1.00 22.42 ? 46   TRP A O   1 
ATOM   285  C CB  . TRP A 1 46  ? -5.914  -6.485  13.297  1.00 20.25 ? 46   TRP A CB  1 
ATOM   286  C CG  . TRP A 1 46  ? -6.083  -7.129  11.959  1.00 19.68 ? 46   TRP A CG  1 
ATOM   287  C CD1 . TRP A 1 46  ? -6.960  -8.128  11.623  1.00 19.83 ? 46   TRP A CD1 1 
ATOM   288  C CD2 . TRP A 1 46  ? -5.410  -6.765  10.760  1.00 18.45 ? 46   TRP A CD2 1 
ATOM   289  N NE1 . TRP A 1 46  ? -6.873  -8.400  10.277  1.00 19.46 ? 46   TRP A NE1 1 
ATOM   290  C CE2 . TRP A 1 46  ? -5.927  -7.576  9.725   1.00 19.10 ? 46   TRP A CE2 1 
ATOM   291  C CE3 . TRP A 1 46  ? -4.418  -5.823  10.452  1.00 17.44 ? 46   TRP A CE3 1 
ATOM   292  C CZ2 . TRP A 1 46  ? -5.480  -7.473  8.406   1.00 18.16 ? 46   TRP A CZ2 1 
ATOM   293  C CZ3 . TRP A 1 46  ? -3.978  -5.722  9.143   1.00 16.83 ? 46   TRP A CZ3 1 
ATOM   294  C CH2 . TRP A 1 46  ? -4.506  -6.542  8.136   1.00 17.56 ? 46   TRP A CH2 1 
ATOM   295  N N   . HIS A 1 47  ? -7.562  -5.629  15.935  1.00 21.98 ? 47   HIS A N   1 
ATOM   296  C CA  . HIS A 1 47  ? -7.457  -5.393  17.364  1.00 23.49 ? 47   HIS A CA  1 
ATOM   297  C C   . HIS A 1 47  ? -6.775  -6.639  17.921  1.00 23.39 ? 47   HIS A C   1 
ATOM   298  O O   . HIS A 1 47  ? -7.243  -7.758  17.717  1.00 23.59 ? 47   HIS A O   1 
ATOM   299  C CB  . HIS A 1 47  ? -8.836  -5.197  18.004  1.00 26.45 ? 47   HIS A CB  1 
ATOM   300  C CG  . HIS A 1 47  ? -8.776  -4.971  19.483  1.00 30.26 ? 47   HIS A CG  1 
ATOM   301  N ND1 . HIS A 1 47  ? -8.799  -6.006  20.396  1.00 32.97 ? 47   HIS A ND1 1 
ATOM   302  C CD2 . HIS A 1 47  ? -8.614  -3.835  20.205  1.00 32.15 ? 47   HIS A CD2 1 
ATOM   303  C CE1 . HIS A 1 47  ? -8.652  -5.517  21.615  1.00 33.70 ? 47   HIS A CE1 1 
ATOM   304  N NE2 . HIS A 1 47  ? -8.537  -4.202  21.527  1.00 32.88 ? 47   HIS A NE2 1 
ATOM   305  N N   . ILE A 1 48  ? -5.648  -6.449  18.592  1.00 22.03 ? 48   ILE A N   1 
ATOM   306  C CA  . ILE A 1 48  ? -4.907  -7.582  19.120  1.00 23.52 ? 48   ILE A CA  1 
ATOM   307  C C   . ILE A 1 48  ? -4.705  -7.468  20.616  1.00 23.88 ? 48   ILE A C   1 
ATOM   308  O O   . ILE A 1 48  ? -4.679  -6.365  21.163  1.00 24.36 ? 48   ILE A O   1 
ATOM   309  C CB  . ILE A 1 48  ? -3.529  -7.716  18.433  1.00 22.21 ? 48   ILE A CB  1 
ATOM   310  C CG1 . ILE A 1 48  ? -2.709  -6.439  18.625  1.00 22.64 ? 48   ILE A CG1 1 
ATOM   311  C CG2 . ILE A 1 48  ? -3.710  -7.976  16.946  1.00 22.86 ? 48   ILE A CG2 1 
ATOM   312  C CD1 . ILE A 1 48  ? -1.270  -6.566  18.108  1.00 22.91 ? 48   ILE A CD1 1 
ATOM   313  N N   . SER A 1 49  ? -4.562  -8.611  21.279  1.00 22.92 ? 49   SER A N   1 
ATOM   314  C CA  . SER A 1 49  ? -4.386  -8.594  22.720  1.00 24.02 ? 49   SER A CA  1 
ATOM   315  C C   . SER A 1 49  ? -3.746  -9.848  23.264  1.00 23.98 ? 49   SER A C   1 
ATOM   316  O O   . SER A 1 49  ? -3.595  -10.843 22.567  1.00 24.30 ? 49   SER A O   1 
ATOM   317  C CB  . SER A 1 49  ? -5.745  -8.407  23.399  1.00 23.66 ? 49   SER A CB  1 
ATOM   318  O OG  . SER A 1 49  ? -6.525  -9.584  23.255  1.00 26.01 ? 49   SER A OG  1 
ATOM   319  N N   . LYS A 1 50  ? -3.359  -9.774  24.532  1.00 23.94 ? 50   LYS A N   1 
ATOM   320  C CA  . LYS A 1 50  ? -2.784  -10.898 25.240  1.00 24.75 ? 50   LYS A CA  1 
ATOM   321  C C   . LYS A 1 50  ? -1.764  -11.763 24.509  1.00 24.79 ? 50   LYS A C   1 
ATOM   322  O O   . LYS A 1 50  ? -2.019  -12.932 24.184  1.00 25.19 ? 50   LYS A O   1 
ATOM   323  C CB  . LYS A 1 50  ? -3.917  -11.759 25.784  1.00 25.42 ? 50   LYS A CB  1 
ATOM   324  C CG  . LYS A 1 50  ? -4.819  -10.960 26.722  1.00 27.90 ? 50   LYS A CG  1 
ATOM   325  C CD  . LYS A 1 50  ? -5.770  -11.830 27.515  1.00 29.31 ? 50   LYS A CD  1 
ATOM   326  C CE  . LYS A 1 50  ? -6.563  -10.969 28.489  1.00 32.11 ? 50   LYS A CE  1 
ATOM   327  N N   . GLY A 1 51  ? -0.599  -11.170 24.254  1.00 24.17 ? 51   GLY A N   1 
ATOM   328  C CA  . GLY A 1 51  ? 0.491   -11.895 23.627  1.00 23.37 ? 51   GLY A CA  1 
ATOM   329  C C   . GLY A 1 51  ? 0.425   -12.140 22.136  1.00 24.39 ? 51   GLY A C   1 
ATOM   330  O O   . GLY A 1 51  ? 1.350   -12.733 21.581  1.00 24.89 ? 51   GLY A O   1 
ATOM   331  N N   . PHE A 1 52  ? -0.636  -11.686 21.477  1.00 23.00 ? 52   PHE A N   1 
ATOM   332  C CA  . PHE A 1 52  ? -0.728  -11.910 20.038  1.00 22.27 ? 52   PHE A CA  1 
ATOM   333  C C   . PHE A 1 52  ? 0.461   -11.257 19.352  1.00 21.43 ? 52   PHE A C   1 
ATOM   334  O O   . PHE A 1 52  ? 0.812   -10.119 19.660  1.00 19.96 ? 52   PHE A O   1 
ATOM   335  C CB  . PHE A 1 52  ? -2.009  -11.314 19.466  1.00 22.46 ? 52   PHE A CB  1 
ATOM   336  C CG  . PHE A 1 52  ? -2.408  -11.910 18.135  1.00 20.95 ? 52   PHE A CG  1 
ATOM   337  C CD1 . PHE A 1 52  ? -3.091  -13.119 18.081  1.00 22.07 ? 52   PHE A CD1 1 
ATOM   338  C CD2 . PHE A 1 52  ? -2.076  -11.275 16.938  1.00 22.38 ? 52   PHE A CD2 1 
ATOM   339  C CE1 . PHE A 1 52  ? -3.445  -13.694 16.855  1.00 21.01 ? 52   PHE A CE1 1 
ATOM   340  C CE2 . PHE A 1 52  ? -2.422  -11.837 15.708  1.00 21.62 ? 52   PHE A CE2 1 
ATOM   341  C CZ  . PHE A 1 52  ? -3.110  -13.053 15.670  1.00 20.85 ? 52   PHE A CZ  1 
ATOM   342  N N   . CYS A 1 53  ? 1.078   -11.988 18.429  1.00 21.13 ? 53   CYS A N   1 
ATOM   343  C CA  . CYS A 1 53  ? 2.221   -11.483 17.672  1.00 21.45 ? 53   CYS A CA  1 
ATOM   344  C C   . CYS A 1 53  ? 1.815   -11.403 16.204  1.00 21.41 ? 53   CYS A C   1 
ATOM   345  O O   . CYS A 1 53  ? 1.381   -12.401 15.636  1.00 20.35 ? 53   CYS A O   1 
ATOM   346  C CB  . CYS A 1 53  ? 3.388   -12.442 17.781  1.00 20.67 ? 53   CYS A CB  1 
ATOM   347  S SG  . CYS A 1 53  ? 4.159   -12.589 19.420  1.00 23.34 ? 53   CYS A SG  1 
ATOM   348  N N   . VAL A 1 54  ? 1.987   -10.238 15.581  1.00 22.34 ? 54   VAL A N   1 
ATOM   349  C CA  . VAL A 1 54  ? 1.581   -10.085 14.187  1.00 20.67 ? 54   VAL A CA  1 
ATOM   350  C C   . VAL A 1 54  ? 2.413   -9.085  13.360  1.00 20.65 ? 54   VAL A C   1 
ATOM   351  O O   . VAL A 1 54  ? 2.893   -8.055  13.864  1.00 20.60 ? 54   VAL A O   1 
ATOM   352  C CB  . VAL A 1 54  ? 0.071   -9.690  14.131  1.00 21.27 ? 54   VAL A CB  1 
ATOM   353  C CG1 . VAL A 1 54  ? -0.122  -8.308  14.710  1.00 21.24 ? 54   VAL A CG1 1 
ATOM   354  C CG2 . VAL A 1 54  ? -0.454  -9.755  12.697  1.00 20.80 ? 54   VAL A CG2 1 
ATOM   355  N N   . GLY A 1 55  ? 2.598   -9.430  12.087  1.00 19.98 ? 55   GLY A N   1 
ATOM   356  C CA  . GLY A 1 55  ? 3.316   -8.585  11.144  1.00 18.11 ? 55   GLY A CA  1 
ATOM   357  C C   . GLY A 1 55  ? 2.420   -8.421  9.919   1.00 18.27 ? 55   GLY A C   1 
ATOM   358  O O   . GLY A 1 55  ? 1.219   -8.721  9.988   1.00 16.66 ? 55   GLY A O   1 
ATOM   359  N N   . LEU A 1 56  ? 2.979   -7.968  8.797   1.00 16.35 ? 56   LEU A N   1 
ATOM   360  C CA  . LEU A 1 56  ? 2.189   -7.765  7.580   1.00 16.80 ? 56   LEU A CA  1 
ATOM   361  C C   . LEU A 1 56  ? 2.907   -8.198  6.300   1.00 17.81 ? 56   LEU A C   1 
ATOM   362  O O   . LEU A 1 56  ? 4.117   -8.005  6.163   1.00 17.95 ? 56   LEU A O   1 
ATOM   363  C CB  . LEU A 1 56  ? 1.829   -6.277  7.416   1.00 17.30 ? 56   LEU A CB  1 
ATOM   364  C CG  . LEU A 1 56  ? 1.096   -5.461  8.493   1.00 15.75 ? 56   LEU A CG  1 
ATOM   365  C CD1 . LEU A 1 56  ? 1.261   -3.980  8.180   1.00 15.70 ? 56   LEU A CD1 1 
ATOM   366  C CD2 . LEU A 1 56  ? -0.375  -5.839  8.566   1.00 15.51 ? 56   LEU A CD2 1 
ATOM   367  N N   . ASP A 1 57  ? 2.145   -8.776  5.369   1.00 18.24 ? 57   ASP A N   1 
ATOM   368  C CA  . ASP A 1 57  ? 2.649   -9.161  4.059   1.00 19.06 ? 57   ASP A CA  1 
ATOM   369  C C   . ASP A 1 57  ? 1.894   -8.259  3.083   1.00 19.71 ? 57   ASP A C   1 
ATOM   370  O O   . ASP A 1 57  ? 0.733   -7.923  3.317   1.00 19.38 ? 57   ASP A O   1 
ATOM   371  C CB  . ASP A 1 57  ? 2.309   -10.611 3.707   1.00 19.76 ? 57   ASP A CB  1 
ATOM   372  C CG  . ASP A 1 57  ? 3.041   -11.611 4.564   1.00 23.14 ? 57   ASP A CG  1 
ATOM   373  O OD1 . ASP A 1 57  ? 4.203   -11.338 4.919   1.00 23.84 ? 57   ASP A OD1 1 
ATOM   374  O OD2 . ASP A 1 57  ? 2.446   -12.672 4.855   1.00 25.20 ? 57   ASP A OD2 1 
ATOM   375  N N   . GLY A 1 58  ? 2.560   -7.870  2.001   1.00 19.10 ? 58   GLY A N   1 
ATOM   376  C CA  . GLY A 1 58  ? 1.947   -7.026  0.996   1.00 18.79 ? 58   GLY A CA  1 
ATOM   377  C C   . GLY A 1 58  ? 2.067   -7.662  -0.378  1.00 19.34 ? 58   GLY A C   1 
ATOM   378  O O   . GLY A 1 58  ? 3.010   -8.398  -0.646  1.00 17.96 ? 58   GLY A O   1 
ATOM   379  N N   . LYS A 1 59  ? 1.114   -7.373  -1.259  1.00 19.45 ? 59   LYS A N   1 
ATOM   380  C CA  . LYS A 1 59  ? 1.142   -7.927  -2.613  1.00 20.32 ? 59   LYS A CA  1 
ATOM   381  C C   . LYS A 1 59  ? 0.599   -6.932  -3.628  1.00 20.44 ? 59   LYS A C   1 
ATOM   382  O O   . LYS A 1 59  ? -0.514  -6.447  -3.470  1.00 21.47 ? 59   LYS A O   1 
ATOM   383  C CB  . LYS A 1 59  ? 0.311   -9.224  -2.688  1.00 20.47 ? 59   LYS A CB  1 
ATOM   384  C CG  . LYS A 1 59  ? 0.237   -9.824  -4.106  1.00 21.97 ? 59   LYS A CG  1 
ATOM   385  C CD  . LYS A 1 59  ? -0.279  -11.261 -4.111  1.00 23.20 ? 59   LYS A CD  1 
ATOM   386  C CE  . LYS A 1 59  ? -1.764  -11.356 -3.746  1.00 24.48 ? 59   LYS A CE  1 
ATOM   387  N NZ  . LYS A 1 59  ? -2.659  -11.114 -4.928  1.00 28.63 ? 59   LYS A NZ  1 
ATOM   388  N N   . VAL A 1 60  ? 1.385   -6.624  -4.660  1.00 20.45 ? 60   VAL A N   1 
ATOM   389  C CA  . VAL A 1 60  ? 0.938   -5.714  -5.715  1.00 21.09 ? 60   VAL A CA  1 
ATOM   390  C C   . VAL A 1 60  ? 0.501   -6.552  -6.921  1.00 22.10 ? 60   VAL A C   1 
ATOM   391  O O   . VAL A 1 60  ? 1.216   -7.451  -7.347  1.00 22.93 ? 60   VAL A O   1 
ATOM   392  C CB  . VAL A 1 60  ? 2.052   -4.736  -6.151  1.00 21.27 ? 60   VAL A CB  1 
ATOM   393  C CG1 . VAL A 1 60  ? 1.588   -3.938  -7.371  1.00 21.50 ? 60   VAL A CG1 1 
ATOM   394  C CG2 . VAL A 1 60  ? 2.383   -3.783  -5.010  1.00 21.10 ? 60   VAL A CG2 1 
ATOM   395  N N   . ASP A 1 61  ? -0.682  -6.257  -7.455  1.00 21.45 ? 61   ASP A N   1 
ATOM   396  C CA  . ASP A 1 61  ? -1.226  -7.005  -8.590  1.00 22.58 ? 61   ASP A CA  1 
ATOM   397  C C   . ASP A 1 61  ? -1.019  -6.348  -9.943  1.00 23.83 ? 61   ASP A C   1 
ATOM   398  O O   . ASP A 1 61  ? -1.312  -6.945  -10.984 1.00 24.70 ? 61   ASP A O   1 
ATOM   399  C CB  . ASP A 1 61  ? -2.711  -7.272  -8.365  1.00 22.50 ? 61   ASP A CB  1 
ATOM   400  C CG  . ASP A 1 61  ? -2.952  -8.176  -7.176  1.00 23.24 ? 61   ASP A CG  1 
ATOM   401  O OD1 . ASP A 1 61  ? -2.010  -8.920  -6.797  1.00 23.58 ? 61   ASP A OD1 1 
ATOM   402  O OD2 . ASP A 1 61  ? -4.066  -8.159  -6.623  1.00 24.66 ? 61   ASP A OD2 1 
ATOM   403  N N   . LEU A 1 62  ? -0.506  -5.124  -9.924  1.00 23.57 ? 62   LEU A N   1 
ATOM   404  C CA  . LEU A 1 62  ? -0.226  -4.369  -11.140 1.00 24.07 ? 62   LEU A CA  1 
ATOM   405  C C   . LEU A 1 62  ? 0.996   -4.933  -11.853 1.00 25.15 ? 62   LEU A C   1 
ATOM   406  O O   . LEU A 1 62  ? 1.897   -5.482  -11.211 1.00 26.03 ? 62   LEU A O   1 
ATOM   407  C CB  . LEU A 1 62  ? 0.057   -2.915  -10.780 1.00 24.16 ? 62   LEU A CB  1 
ATOM   408  C CG  . LEU A 1 62  ? -1.093  -2.097  -10.201 1.00 23.64 ? 62   LEU A CG  1 
ATOM   409  C CD1 . LEU A 1 62  ? -0.537  -0.850  -9.527  1.00 24.04 ? 62   LEU A CD1 1 
ATOM   410  C CD2 . LEU A 1 62  ? -2.061  -1.727  -11.324 1.00 23.61 ? 62   LEU A CD2 1 
ATOM   411  N N   . PRO A 1 63  ? 1.045   -4.811  -13.194 1.00 25.44 ? 63   PRO A N   1 
ATOM   412  C CA  . PRO A 1 63  ? 2.185   -5.311  -13.975 1.00 25.35 ? 63   PRO A CA  1 
ATOM   413  C C   . PRO A 1 63  ? 3.458   -4.506  -13.722 1.00 26.20 ? 63   PRO A C   1 
ATOM   414  O O   . PRO A 1 63  ? 3.415   -3.278  -13.563 1.00 25.79 ? 63   PRO A O   1 
ATOM   415  C CB  . PRO A 1 63  ? 1.699   -5.178  -15.423 1.00 25.81 ? 63   PRO A CB  1 
ATOM   416  C CG  . PRO A 1 63  ? 0.753   -4.011  -15.350 1.00 25.14 ? 63   PRO A CG  1 
ATOM   417  C CD  . PRO A 1 63  ? -0.020  -4.327  -14.090 1.00 24.76 ? 63   PRO A CD  1 
ATOM   418  N N   . VAL A 1 64  ? 4.589   -5.203  -13.670 1.00 25.83 ? 64   VAL A N   1 
ATOM   419  C CA  . VAL A 1 64  ? 5.873   -4.553  -13.455 1.00 26.41 ? 64   VAL A CA  1 
ATOM   420  C C   . VAL A 1 64  ? 6.357   -4.162  -14.845 1.00 27.16 ? 64   VAL A C   1 
ATOM   421  O O   . VAL A 1 64  ? 6.494   -5.024  -15.721 1.00 27.85 ? 64   VAL A O   1 
ATOM   422  C CB  . VAL A 1 64  ? 6.893   -5.506  -12.812 1.00 25.50 ? 64   VAL A CB  1 
ATOM   423  C CG1 . VAL A 1 64  ? 8.252   -4.825  -12.720 1.00 24.68 ? 64   VAL A CG1 1 
ATOM   424  C CG2 . VAL A 1 64  ? 6.412   -5.917  -11.423 1.00 25.38 ? 64   VAL A CG2 1 
ATOM   425  N N   . VAL A 1 65  ? 6.619   -2.875  -15.043 1.00 27.59 ? 65   VAL A N   1 
ATOM   426  C CA  . VAL A 1 65  ? 7.037   -2.374  -16.345 1.00 27.60 ? 65   VAL A CA  1 
ATOM   427  C C   . VAL A 1 65  ? 8.402   -1.703  -16.355 1.00 28.99 ? 65   VAL A C   1 
ATOM   428  O O   . VAL A 1 65  ? 8.832   -1.169  -17.374 1.00 28.42 ? 65   VAL A O   1 
ATOM   429  C CB  . VAL A 1 65  ? 5.990   -1.380  -16.892 1.00 27.32 ? 65   VAL A CB  1 
ATOM   430  C CG1 . VAL A 1 65  ? 4.634   -2.050  -16.935 1.00 27.33 ? 65   VAL A CG1 1 
ATOM   431  C CG2 . VAL A 1 65  ? 5.934   -0.133  -16.016 1.00 28.42 ? 65   VAL A CG2 1 
ATOM   432  N N   . GLY A 1 66  ? 9.085   -1.735  -15.217 1.00 29.51 ? 66   GLY A N   1 
ATOM   433  C CA  . GLY A 1 66  ? 10.397  -1.124  -15.139 1.00 29.73 ? 66   GLY A CA  1 
ATOM   434  C C   . GLY A 1 66  ? 10.970  -1.235  -13.742 1.00 30.66 ? 66   GLY A C   1 
ATOM   435  O O   . GLY A 1 66  ? 10.417  -1.920  -12.884 1.00 29.99 ? 66   GLY A O   1 
ATOM   436  N N   . SER A 1 67  ? 12.076  -0.544  -13.506 1.00 31.20 ? 67   SER A N   1 
ATOM   437  C CA  . SER A 1 67  ? 12.725  -0.587  -12.204 1.00 32.48 ? 67   SER A CA  1 
ATOM   438  C C   . SER A 1 67  ? 13.434  0.722   -11.911 1.00 32.69 ? 67   SER A C   1 
ATOM   439  O O   . SER A 1 67  ? 13.899  1.405   -12.823 1.00 32.22 ? 67   SER A O   1 
ATOM   440  C CB  . SER A 1 67  ? 13.738  -1.734  -12.169 1.00 33.28 ? 67   SER A CB  1 
ATOM   441  O OG  . SER A 1 67  ? 14.559  -1.668  -11.018 1.00 37.43 ? 67   SER A OG  1 
ATOM   442  N N   . LEU A 1 68  ? 13.506  1.076   -10.633 1.00 32.33 ? 68   LEU A N   1 
ATOM   443  C CA  . LEU A 1 68  ? 14.183  2.299   -10.232 1.00 32.11 ? 68   LEU A CA  1 
ATOM   444  C C   . LEU A 1 68  ? 14.732  2.132   -8.822  1.00 31.68 ? 68   LEU A C   1 
ATOM   445  O O   . LEU A 1 68  ? 13.979  1.949   -7.864  1.00 31.67 ? 68   LEU A O   1 
ATOM   446  C CB  . LEU A 1 68  ? 13.231  3.502   -10.284 1.00 32.84 ? 68   LEU A CB  1 
ATOM   447  C CG  . LEU A 1 68  ? 13.920  4.876   -10.264 1.00 34.13 ? 68   LEU A CG  1 
ATOM   448  C CD1 . LEU A 1 68  ? 14.772  5.044   -11.520 1.00 34.08 ? 68   LEU A CD1 1 
ATOM   449  C CD2 . LEU A 1 68  ? 12.877  5.983   -10.198 1.00 35.20 ? 68   LEU A CD2 1 
ATOM   450  N N   . ASP A 1 69  ? 16.056  2.163   -8.721  1.00 31.28 ? 69   ASP A N   1 
ATOM   451  C CA  . ASP A 1 69  ? 16.755  2.040   -7.451  1.00 30.66 ? 69   ASP A CA  1 
ATOM   452  C C   . ASP A 1 69  ? 16.381  0.837   -6.590  1.00 29.91 ? 69   ASP A C   1 
ATOM   453  O O   . ASP A 1 69  ? 16.336  0.936   -5.360  1.00 29.47 ? 69   ASP A O   1 
ATOM   454  C CB  . ASP A 1 69  ? 16.581  3.331   -6.649  1.00 31.96 ? 69   ASP A CB  1 
ATOM   455  C CG  . ASP A 1 69  ? 17.335  4.496   -7.267  1.00 33.90 ? 69   ASP A CG  1 
ATOM   456  O OD1 . ASP A 1 69  ? 18.586  4.432   -7.326  1.00 33.45 ? 69   ASP A OD1 1 
ATOM   457  O OD2 . ASP A 1 69  ? 16.678  5.470   -7.700  1.00 35.29 ? 69   ASP A OD2 1 
ATOM   458  N N   . GLY A 1 70  ? 16.115  -0.292  -7.239  1.00 29.54 ? 70   GLY A N   1 
ATOM   459  C CA  . GLY A 1 70  ? 15.786  -1.500  -6.504  1.00 28.94 ? 70   GLY A CA  1 
ATOM   460  C C   . GLY A 1 70  ? 14.332  -1.881  -6.330  1.00 29.18 ? 70   GLY A C   1 
ATOM   461  O O   . GLY A 1 70  ? 14.056  -2.987  -5.850  1.00 29.26 ? 70   GLY A O   1 
ATOM   462  N N   . GLN A 1 71  ? 13.402  -0.992  -6.684  1.00 28.53 ? 71   GLN A N   1 
ATOM   463  C CA  . GLN A 1 71  ? 11.985  -1.321  -6.548  1.00 27.99 ? 71   GLN A CA  1 
ATOM   464  C C   . GLN A 1 71  ? 11.305  -1.282  -7.911  1.00 27.95 ? 71   GLN A C   1 
ATOM   465  O O   . GLN A 1 71  ? 11.765  -0.612  -8.832  1.00 28.25 ? 71   GLN A O   1 
ATOM   466  C CB  . GLN A 1 71  ? 11.280  -0.361  -5.580  1.00 28.05 ? 71   GLN A CB  1 
ATOM   467  C CG  . GLN A 1 71  ? 11.115  1.044   -6.090  1.00 26.36 ? 71   GLN A CG  1 
ATOM   468  C CD  . GLN A 1 71  ? 10.524  1.961   -5.046  1.00 24.96 ? 71   GLN A CD  1 
ATOM   469  O OE1 . GLN A 1 71  ? 9.355   1.817   -4.651  1.00 25.84 ? 71   GLN A OE1 1 
ATOM   470  N NE2 . GLN A 1 71  ? 11.332  2.905   -4.575  1.00 24.11 ? 71   GLN A NE2 1 
ATOM   471  N N   . SER A 1 72  ? 10.196  -1.998  -8.037  1.00 28.30 ? 72   SER A N   1 
ATOM   472  C CA  . SER A 1 72  ? 9.502   -2.051  -9.313  1.00 26.36 ? 72   SER A CA  1 
ATOM   473  C C   . SER A 1 72  ? 8.743   -0.770  -9.665  1.00 25.96 ? 72   SER A C   1 
ATOM   474  O O   . SER A 1 72  ? 8.342   0.007   -8.788  1.00 24.15 ? 72   SER A O   1 
ATOM   475  C CB  . SER A 1 72  ? 8.511   -3.225  -9.323  1.00 27.41 ? 72   SER A CB  1 
ATOM   476  O OG  . SER A 1 72  ? 9.139   -4.469  -9.042  1.00 30.43 ? 72   SER A OG  1 
ATOM   477  N N   . ILE A 1 73  ? 8.585   -0.539  -10.965 1.00 24.50 ? 73   ILE A N   1 
ATOM   478  C CA  . ILE A 1 73  ? 7.777   0.571   -11.447 1.00 23.89 ? 73   ILE A CA  1 
ATOM   479  C C   . ILE A 1 73  ? 6.598   -0.251  -11.956 1.00 23.83 ? 73   ILE A C   1 
ATOM   480  O O   . ILE A 1 73  ? 6.775   -1.138  -12.795 1.00 24.67 ? 73   ILE A O   1 
ATOM   481  C CB  . ILE A 1 73  ? 8.392   1.331   -12.641 1.00 22.74 ? 73   ILE A CB  1 
ATOM   482  C CG1 . ILE A 1 73  ? 9.633   2.107   -12.187 1.00 24.20 ? 73   ILE A CG1 1 
ATOM   483  C CG2 . ILE A 1 73  ? 7.351   2.308   -13.226 1.00 24.89 ? 73   ILE A CG2 1 
ATOM   484  C CD1 . ILE A 1 73  ? 10.232  2.990   -13.267 1.00 27.60 ? 73   ILE A CD1 1 
ATOM   485  N N   . TYR A 1 74  ? 5.416   0.011   -11.415 1.00 23.77 ? 74   TYR A N   1 
ATOM   486  C CA  . TYR A 1 74  ? 4.210   -0.719  -11.794 1.00 24.01 ? 74   TYR A CA  1 
ATOM   487  C C   . TYR A 1 74  ? 3.430   0.096   -12.815 1.00 25.28 ? 74   TYR A C   1 
ATOM   488  O O   . TYR A 1 74  ? 3.272   1.305   -12.664 1.00 25.82 ? 74   TYR A O   1 
ATOM   489  C CB  . TYR A 1 74  ? 3.363   -0.978  -10.548 1.00 23.47 ? 74   TYR A CB  1 
ATOM   490  C CG  . TYR A 1 74  ? 4.017   -1.936  -9.576  1.00 24.22 ? 74   TYR A CG  1 
ATOM   491  C CD1 . TYR A 1 74  ? 4.004   -3.312  -9.810  1.00 22.73 ? 74   TYR A CD1 1 
ATOM   492  C CD2 . TYR A 1 74  ? 4.637   -1.468  -8.410  1.00 25.29 ? 74   TYR A CD2 1 
ATOM   493  C CE1 . TYR A 1 74  ? 4.582   -4.202  -8.907  1.00 23.45 ? 74   TYR A CE1 1 
ATOM   494  C CE2 . TYR A 1 74  ? 5.225   -2.353  -7.498  1.00 23.93 ? 74   TYR A CE2 1 
ATOM   495  C CZ  . TYR A 1 74  ? 5.193   -3.713  -7.752  1.00 25.34 ? 74   TYR A CZ  1 
ATOM   496  O OH  . TYR A 1 74  ? 5.784   -4.584  -6.862  1.00 23.71 ? 74   TYR A OH  1 
ATOM   497  N N   . GLY A 1 75  ? 2.934   -0.563  -13.852 1.00 25.97 ? 75   GLY A N   1 
ATOM   498  C CA  . GLY A 1 75  ? 2.222   0.173   -14.875 1.00 27.04 ? 75   GLY A CA  1 
ATOM   499  C C   . GLY A 1 75  ? 0.739   0.372   -14.672 1.00 27.91 ? 75   GLY A C   1 
ATOM   500  O O   . GLY A 1 75  ? 0.036   -0.507  -14.162 1.00 26.80 ? 75   GLY A O   1 
ATOM   501  N N   . LEU A 1 76  ? 0.270   1.551   -15.069 1.00 28.84 ? 76   LEU A N   1 
ATOM   502  C CA  . LEU A 1 76  ? -1.146  1.900   -14.987 1.00 29.95 ? 76   LEU A CA  1 
ATOM   503  C C   . LEU A 1 76  ? -1.636  2.075   -16.423 1.00 31.23 ? 76   LEU A C   1 
ATOM   504  O O   . LEU A 1 76  ? -2.647  1.500   -16.812 1.00 32.59 ? 76   LEU A O   1 
ATOM   505  C CB  . LEU A 1 76  ? -1.345  3.205   -14.208 1.00 28.65 ? 76   LEU A CB  1 
ATOM   506  C CG  . LEU A 1 76  ? -1.164  3.162   -12.690 1.00 26.95 ? 76   LEU A CG  1 
ATOM   507  C CD1 . LEU A 1 76  ? -1.311  4.560   -12.134 1.00 26.62 ? 76   LEU A CD1 1 
ATOM   508  C CD2 . LEU A 1 76  ? -2.186  2.223   -12.066 1.00 27.13 ? 76   LEU A CD2 1 
ATOM   509  N N   . THR A 1 77  ? -0.898  2.870   -17.197 1.00 32.61 ? 77   THR A N   1 
ATOM   510  C CA  . THR A 1 77  ? -1.211  3.129   -18.601 1.00 34.29 ? 77   THR A CA  1 
ATOM   511  C C   . THR A 1 77  ? 0.097   3.094   -19.382 1.00 35.03 ? 77   THR A C   1 
ATOM   512  O O   . THR A 1 77  ? 1.140   2.743   -18.841 1.00 35.43 ? 77   THR A O   1 
ATOM   513  C CB  . THR A 1 77  ? -1.832  4.518   -18.821 1.00 34.24 ? 77   THR A CB  1 
ATOM   514  O OG1 . THR A 1 77  ? -0.834  5.524   -18.606 1.00 34.25 ? 77   THR A OG1 1 
ATOM   515  C CG2 . THR A 1 77  ? -2.997  4.739   -17.882 1.00 34.42 ? 77   THR A CG2 1 
ATOM   516  N N   . GLU A 1 78  ? 0.053   3.471   -20.652 1.00 36.08 ? 78   GLU A N   1 
ATOM   517  C CA  . GLU A 1 78  ? 1.265   3.461   -21.457 1.00 36.56 ? 78   GLU A CA  1 
ATOM   518  C C   . GLU A 1 78  ? 2.191   4.606   -21.045 1.00 36.70 ? 78   GLU A C   1 
ATOM   519  O O   . GLU A 1 78  ? 3.409   4.511   -21.192 1.00 35.87 ? 78   GLU A O   1 
ATOM   520  C CB  . GLU A 1 78  ? 0.918   3.570   -22.946 1.00 38.08 ? 78   GLU A CB  1 
ATOM   521  C CG  . GLU A 1 78  ? 1.983   2.993   -23.866 1.00 40.14 ? 78   GLU A CG  1 
ATOM   522  C CD  . GLU A 1 78  ? 1.657   3.177   -25.341 1.00 41.56 ? 78   GLU A CD  1 
ATOM   523  O OE1 . GLU A 1 78  ? 0.473   3.033   -25.715 1.00 40.77 ? 78   GLU A OE1 1 
ATOM   524  O OE2 . GLU A 1 78  ? 2.593   3.451   -26.128 1.00 43.88 ? 78   GLU A OE2 1 
ATOM   525  N N   . GLU A 1 79  ? 1.621   5.687   -20.519 1.00 36.47 ? 79   GLU A N   1 
ATOM   526  C CA  . GLU A 1 79  ? 2.448   6.814   -20.113 1.00 37.18 ? 79   GLU A CA  1 
ATOM   527  C C   . GLU A 1 79  ? 2.588   7.010   -18.608 1.00 35.38 ? 79   GLU A C   1 
ATOM   528  O O   . GLU A 1 79  ? 3.432   7.795   -18.170 1.00 35.98 ? 79   GLU A O   1 
ATOM   529  C CB  . GLU A 1 79  ? 1.945   8.119   -20.741 1.00 39.36 ? 79   GLU A CB  1 
ATOM   530  C CG  . GLU A 1 79  ? 0.437   8.307   -20.683 1.00 43.95 ? 79   GLU A CG  1 
ATOM   531  C CD  . GLU A 1 79  ? -0.249  7.807   -21.936 1.00 45.58 ? 79   GLU A CD  1 
ATOM   532  O OE1 . GLU A 1 79  ? -1.492  7.665   -21.917 1.00 48.28 ? 79   GLU A OE1 1 
ATOM   533  O OE2 . GLU A 1 79  ? 0.456   7.565   -22.942 1.00 47.42 ? 79   GLU A OE2 1 
ATOM   534  N N   . VAL A 1 80  ? 1.783   6.304   -17.816 1.00 33.40 ? 80   VAL A N   1 
ATOM   535  C CA  . VAL A 1 80  ? 1.858   6.468   -16.365 1.00 31.64 ? 80   VAL A CA  1 
ATOM   536  C C   . VAL A 1 80  ? 2.047   5.180   -15.572 1.00 30.51 ? 80   VAL A C   1 
ATOM   537  O O   . VAL A 1 80  ? 1.369   4.173   -15.812 1.00 30.09 ? 80   VAL A O   1 
ATOM   538  C CB  . VAL A 1 80  ? 0.602   7.173   -15.809 1.00 32.11 ? 80   VAL A CB  1 
ATOM   539  C CG1 . VAL A 1 80  ? 0.791   7.470   -14.325 1.00 30.51 ? 80   VAL A CG1 1 
ATOM   540  C CG2 . VAL A 1 80  ? 0.335   8.456   -16.587 1.00 33.51 ? 80   VAL A CG2 1 
ATOM   541  N N   . GLY A 1 81  ? 2.963   5.253   -14.607 1.00 28.39 ? 81   GLY A N   1 
ATOM   542  C CA  . GLY A 1 81  ? 3.279   4.130   -13.739 1.00 26.21 ? 81   GLY A CA  1 
ATOM   543  C C   . GLY A 1 81  ? 3.388   4.591   -12.292 1.00 24.93 ? 81   GLY A C   1 
ATOM   544  O O   . GLY A 1 81  ? 3.155   5.760   -11.984 1.00 24.40 ? 81   GLY A O   1 
ATOM   545  N N   . LEU A 1 82  ? 3.770   3.687   -11.398 1.00 23.89 ? 82   LEU A N   1 
ATOM   546  C CA  . LEU A 1 82  ? 3.863   4.034   -9.986  1.00 22.27 ? 82   LEU A CA  1 
ATOM   547  C C   . LEU A 1 82  ? 4.976   3.317   -9.250  1.00 20.88 ? 82   LEU A C   1 
ATOM   548  O O   . LEU A 1 82  ? 5.372   2.216   -9.624  1.00 20.96 ? 82   LEU A O   1 
ATOM   549  C CB  . LEU A 1 82  ? 2.591   3.629   -9.264  1.00 24.06 ? 82   LEU A CB  1 
ATOM   550  C CG  . LEU A 1 82  ? 1.190   4.046   -9.675  1.00 22.86 ? 82   LEU A CG  1 
ATOM   551  C CD1 . LEU A 1 82  ? 0.202   3.087   -9.001  1.00 22.97 ? 82   LEU A CD1 1 
ATOM   552  C CD2 . LEU A 1 82  ? 0.946   5.479   -9.273  1.00 24.32 ? 82   LEU A CD2 1 
ATOM   553  N N   . LEU A 1 83  ? 5.445   3.962   -8.185  1.00 21.27 ? 83   LEU A N   1 
ATOM   554  C CA  . LEU A 1 83  ? 6.431   3.390   -7.278  1.00 19.89 ? 83   LEU A CA  1 
ATOM   555  C C   . LEU A 1 83  ? 5.476   3.145   -6.098  1.00 20.62 ? 83   LEU A C   1 
ATOM   556  O O   . LEU A 1 83  ? 4.632   3.998   -5.792  1.00 18.61 ? 83   LEU A O   1 
ATOM   557  C CB  . LEU A 1 83  ? 7.513   4.408   -6.902  1.00 21.66 ? 83   LEU A CB  1 
ATOM   558  C CG  . LEU A 1 83  ? 8.455   4.904   -8.007  1.00 20.27 ? 83   LEU A CG  1 
ATOM   559  C CD1 . LEU A 1 83  ? 9.445   5.919   -7.428  1.00 23.20 ? 83   LEU A CD1 1 
ATOM   560  C CD2 . LEU A 1 83  ? 9.211   3.726   -8.613  1.00 22.69 ? 83   LEU A CD2 1 
ATOM   561  N N   . ILE A 1 84  ? 5.601   2.004   -5.432  1.00 19.39 ? 84   ILE A N   1 
ATOM   562  C CA  . ILE A 1 84  ? 4.661   1.692   -4.356  1.00 19.13 ? 84   ILE A CA  1 
ATOM   563  C C   . ILE A 1 84  ? 5.319   1.203   -3.079  1.00 19.00 ? 84   ILE A C   1 
ATOM   564  O O   . ILE A 1 84  ? 6.306   0.470   -3.134  1.00 18.89 ? 84   ILE A O   1 
ATOM   565  C CB  . ILE A 1 84  ? 3.645   0.615   -4.857  1.00 19.92 ? 84   ILE A CB  1 
ATOM   566  C CG1 . ILE A 1 84  ? 2.865   1.169   -6.056  1.00 20.48 ? 84   ILE A CG1 1 
ATOM   567  C CG2 . ILE A 1 84  ? 2.683   0.186   -3.734  1.00 19.07 ? 84   ILE A CG2 1 
ATOM   568  C CD1 . ILE A 1 84  ? 1.989   0.145   -6.728  1.00 22.06 ? 84   ILE A CD1 1 
ATOM   569  N N   . TRP A 1 85  ? 4.779   1.639   -1.940  1.00 17.52 ? 85   TRP A N   1 
ATOM   570  C CA  . TRP A 1 85  ? 5.253   1.237   -0.618  1.00 19.27 ? 85   TRP A CA  1 
ATOM   571  C C   . TRP A 1 85  ? 4.076   0.727   0.198   1.00 20.06 ? 85   TRP A C   1 
ATOM   572  O O   . TRP A 1 85  ? 2.971   1.292   0.146   1.00 18.57 ? 85   TRP A O   1 
ATOM   573  C CB  . TRP A 1 85  ? 5.860   2.412   0.158   1.00 19.29 ? 85   TRP A CB  1 
ATOM   574  C CG  . TRP A 1 85  ? 7.156   2.941   -0.398  1.00 18.51 ? 85   TRP A CG  1 
ATOM   575  C CD1 . TRP A 1 85  ? 8.428   2.623   0.010   1.00 18.73 ? 85   TRP A CD1 1 
ATOM   576  C CD2 . TRP A 1 85  ? 7.299   3.861   -1.480  1.00 19.08 ? 85   TRP A CD2 1 
ATOM   577  N NE1 . TRP A 1 85  ? 9.356   3.291   -0.763  1.00 17.72 ? 85   TRP A NE1 1 
ATOM   578  C CE2 . TRP A 1 85  ? 8.689   4.059   -1.683  1.00 19.79 ? 85   TRP A CE2 1 
ATOM   579  C CE3 . TRP A 1 85  ? 6.392   4.539   -2.299  1.00 19.04 ? 85   TRP A CE3 1 
ATOM   580  C CZ2 . TRP A 1 85  ? 9.186   4.912   -2.675  1.00 18.72 ? 85   TRP A CZ2 1 
ATOM   581  C CZ3 . TRP A 1 85  ? 6.889   5.385   -3.289  1.00 21.12 ? 85   TRP A CZ3 1 
ATOM   582  C CH2 . TRP A 1 85  ? 8.273   5.563   -3.467  1.00 20.45 ? 85   TRP A CH2 1 
ATOM   583  N N   . MET A 1 86  ? 4.319   -0.352  0.938   1.00 18.98 ? 86   MET A N   1 
ATOM   584  C CA  . MET A 1 86  ? 3.306   -0.928  1.819   1.00 18.96 ? 86   MET A CA  1 
ATOM   585  C C   . MET A 1 86  ? 4.013   -1.215  3.134   1.00 18.42 ? 86   MET A C   1 
ATOM   586  O O   . MET A 1 86  ? 5.215   -1.477  3.156   1.00 18.87 ? 86   MET A O   1 
ATOM   587  C CB  . MET A 1 86  ? 2.738   -2.230  1.243   1.00 18.31 ? 86   MET A CB  1 
ATOM   588  C CG  . MET A 1 86  ? 1.983   -2.060  -0.053  1.00 19.54 ? 86   MET A CG  1 
ATOM   589  S SD  . MET A 1 86  ? 1.436   -3.642  -0.693  1.00 19.57 ? 86   MET A SD  1 
ATOM   590  C CE  . MET A 1 86  ? -0.051  -3.137  -1.620  1.00 19.17 ? 86   MET A CE  1 
ATOM   591  N N   . GLY A 1 87  ? 3.278   -1.158  4.238   1.00 17.29 ? 87   GLY A N   1 
ATOM   592  C CA  . GLY A 1 87  ? 3.915   -1.425  5.510   1.00 18.33 ? 87   GLY A CA  1 
ATOM   593  C C   . GLY A 1 87  ? 3.038   -1.112  6.695   1.00 18.25 ? 87   GLY A C   1 
ATOM   594  O O   . GLY A 1 87  ? 1.805   -1.081  6.590   1.00 18.12 ? 87   GLY A O   1 
ATOM   595  N N   . ASP A 1 88  ? 3.687   -0.880  7.827   1.00 18.43 ? 88   ASP A N   1 
ATOM   596  C CA  . ASP A 1 88  ? 3.003   -0.554  9.074   1.00 18.33 ? 88   ASP A CA  1 
ATOM   597  C C   . ASP A 1 88  ? 2.370   0.835   8.947   1.00 18.75 ? 88   ASP A C   1 
ATOM   598  O O   . ASP A 1 88  ? 2.619   1.555   7.981   1.00 17.89 ? 88   ASP A O   1 
ATOM   599  C CB  . ASP A 1 88  ? 4.015   -0.612  10.219  1.00 17.30 ? 88   ASP A CB  1 
ATOM   600  C CG  . ASP A 1 88  ? 3.368   -0.636  11.591  1.00 20.57 ? 88   ASP A CG  1 
ATOM   601  O OD1 . ASP A 1 88  ? 2.205   -1.090  11.721  1.00 21.25 ? 88   ASP A OD1 1 
ATOM   602  O OD2 . ASP A 1 88  ? 4.048   -0.209  12.542  1.00 18.86 ? 88   ASP A OD2 1 
ATOM   603  N N   . THR A 1 89  ? 1.552   1.202   9.932   1.00 19.49 ? 89   THR A N   1 
ATOM   604  C CA  . THR A 1 89  ? 0.832   2.467   9.935   1.00 19.00 ? 89   THR A CA  1 
ATOM   605  C C   . THR A 1 89  ? 1.620   3.705   9.501   1.00 19.47 ? 89   THR A C   1 
ATOM   606  O O   . THR A 1 89  ? 1.237   4.383   8.555   1.00 20.66 ? 89   THR A O   1 
ATOM   607  C CB  . THR A 1 89  ? 0.249   2.734   11.327  1.00 19.20 ? 89   THR A CB  1 
ATOM   608  O OG1 . THR A 1 89  ? -0.484  1.574   11.748  1.00 21.83 ? 89   THR A OG1 1 
ATOM   609  C CG2 . THR A 1 89  ? -0.676  3.962   11.307  1.00 19.66 ? 89   THR A CG2 1 
ATOM   610  N N   . LYS A 1 90  ? 2.708   4.005   10.200  1.00 19.49 ? 90   LYS A N   1 
ATOM   611  C CA  . LYS A 1 90  ? 3.497   5.188   9.872   1.00 20.05 ? 90   LYS A CA  1 
ATOM   612  C C   . LYS A 1 90  ? 4.129   5.089   8.492   1.00 19.48 ? 90   LYS A C   1 
ATOM   613  O O   . LYS A 1 90  ? 4.828   4.128   8.190   1.00 19.73 ? 90   LYS A O   1 
ATOM   614  C CB  . LYS A 1 90  ? 4.553   5.423   10.961  1.00 21.37 ? 90   LYS A CB  1 
ATOM   615  C CG  . LYS A 1 90  ? 3.905   5.904   12.268  1.00 23.99 ? 90   LYS A CG  1 
ATOM   616  C CD  . LYS A 1 90  ? 4.922   6.274   13.345  1.00 26.32 ? 90   LYS A CD  1 
ATOM   617  N N   . TYR A 1 91  ? 3.875   6.095   7.659   1.00 19.10 ? 91   TYR A N   1 
ATOM   618  C CA  . TYR A 1 91  ? 4.400   6.095   6.301   1.00 18.90 ? 91   TYR A CA  1 
ATOM   619  C C   . TYR A 1 91  ? 5.917   5.909   6.206   1.00 19.33 ? 91   TYR A C   1 
ATOM   620  O O   . TYR A 1 91  ? 6.402   5.293   5.269   1.00 18.11 ? 91   TYR A O   1 
ATOM   621  C CB  . TYR A 1 91  ? 4.002   7.385   5.568   1.00 18.80 ? 91   TYR A CB  1 
ATOM   622  C CG  . TYR A 1 91  ? 2.557   7.418   5.088   1.00 19.99 ? 91   TYR A CG  1 
ATOM   623  C CD1 . TYR A 1 91  ? 1.665   8.375   5.572   1.00 19.07 ? 91   TYR A CD1 1 
ATOM   624  C CD2 . TYR A 1 91  ? 2.097   6.517   4.127   1.00 20.10 ? 91   TYR A CD2 1 
ATOM   625  C CE1 . TYR A 1 91  ? 0.353   8.442   5.111   1.00 20.31 ? 91   TYR A CE1 1 
ATOM   626  C CE2 . TYR A 1 91  ? 0.775   6.573   3.651   1.00 21.79 ? 91   TYR A CE2 1 
ATOM   627  C CZ  . TYR A 1 91  ? -0.089  7.540   4.144   1.00 21.70 ? 91   TYR A CZ  1 
ATOM   628  O OH  . TYR A 1 91  ? -1.386  7.624   3.653   1.00 22.50 ? 91   TYR A OH  1 
ATOM   629  N N   . SER A 1 92  ? 6.677   6.442   7.155   1.00 18.54 ? 92   SER A N   1 
ATOM   630  C CA  . SER A 1 92  ? 8.133   6.296   7.058   1.00 18.69 ? 92   SER A CA  1 
ATOM   631  C C   . SER A 1 92  ? 8.588   4.840   7.221   1.00 18.83 ? 92   SER A C   1 
ATOM   632  O O   . SER A 1 92  ? 9.752   4.520   6.952   1.00 18.15 ? 92   SER A O   1 
ATOM   633  C CB  . SER A 1 92  ? 8.844   7.178   8.094   1.00 17.41 ? 92   SER A CB  1 
ATOM   634  O OG  . SER A 1 92  ? 8.648   6.685   9.404   1.00 21.17 ? 92   SER A OG  1 
ATOM   635  N N   . ARG A 1 93  ? 7.679   3.965   7.662   1.00 18.19 ? 93   ARG A N   1 
ATOM   636  C CA  . ARG A 1 93  ? 7.983   2.536   7.837   1.00 20.92 ? 93   ARG A CA  1 
ATOM   637  C C   . ARG A 1 93  ? 7.686   1.743   6.558   1.00 19.74 ? 93   ARG A C   1 
ATOM   638  O O   . ARG A 1 93  ? 7.857   0.524   6.517   1.00 20.23 ? 93   ARG A O   1 
ATOM   639  C CB  . ARG A 1 93  ? 7.145   1.935   8.980   1.00 24.33 ? 93   ARG A CB  1 
ATOM   640  C CG  . ARG A 1 93  ? 7.200   2.697   10.294  1.00 29.37 ? 93   ARG A CG  1 
ATOM   641  C CD  . ARG A 1 93  ? 8.568   2.630   10.938  1.00 35.28 ? 93   ARG A CD  1 
ATOM   642  N NE  . ARG A 1 93  ? 8.688   3.609   12.020  1.00 42.01 ? 93   ARG A NE  1 
ATOM   643  C CZ  . ARG A 1 93  ? 7.984   3.575   13.151  1.00 44.50 ? 93   ARG A CZ  1 
ATOM   644  N NH1 . ARG A 1 93  ? 8.159   4.519   14.069  1.00 46.29 ? 93   ARG A NH1 1 
ATOM   645  N NH2 . ARG A 1 93  ? 7.117   2.589   13.372  1.00 45.15 ? 93   ARG A NH2 1 
ATOM   646  N N   . GLY A 1 94  ? 7.239   2.441   5.517   1.00 20.08 ? 94   GLY A N   1 
ATOM   647  C CA  . GLY A 1 94  ? 6.906   1.788   4.261   1.00 19.63 ? 94   GLY A CA  1 
ATOM   648  C C   . GLY A 1 94  ? 8.010   0.954   3.628   1.00 19.78 ? 94   GLY A C   1 
ATOM   649  O O   . GLY A 1 94  ? 9.190   1.310   3.663   1.00 18.49 ? 94   GLY A O   1 
ATOM   650  N N   . THR A 1 95  ? 7.619   -0.185  3.066   1.00 18.22 ? 95   THR A N   1 
ATOM   651  C CA  . THR A 1 95  ? 8.565   -1.080  2.409   1.00 17.76 ? 95   THR A CA  1 
ATOM   652  C C   . THR A 1 95  ? 8.355   -0.941  0.909   1.00 17.18 ? 95   THR A C   1 
ATOM   653  O O   . THR A 1 95  ? 7.236   -1.085  0.425   1.00 18.07 ? 95   THR A O   1 
ATOM   654  C CB  . THR A 1 95  ? 8.322   -2.540  2.842   1.00 18.70 ? 95   THR A CB  1 
ATOM   655  O OG1 . THR A 1 95  ? 8.566   -2.668  4.256   1.00 18.99 ? 95   THR A OG1 1 
ATOM   656  C CG2 . THR A 1 95  ? 9.244   -3.493  2.072   1.00 17.60 ? 95   THR A CG2 1 
ATOM   657  N N   . ALA A 1 96  ? 9.423   -0.639  0.175   1.00 17.58 ? 96   ALA A N   1 
ATOM   658  C CA  . ALA A 1 96  ? 9.317   -0.468  -1.270  1.00 18.11 ? 96   ALA A CA  1 
ATOM   659  C C   . ALA A 1 96  ? 8.939   -1.809  -1.897  1.00 18.53 ? 96   ALA A C   1 
ATOM   660  O O   . ALA A 1 96  ? 9.546   -2.824  -1.598  1.00 18.74 ? 96   ALA A O   1 
ATOM   661  C CB  . ALA A 1 96  ? 10.643  0.042   -1.828  1.00 19.11 ? 96   ALA A CB  1 
ATOM   662  N N   . MET A 1 97  ? 7.936   -1.810  -2.772  1.00 19.38 ? 97   MET A N   1 
ATOM   663  C CA  . MET A 1 97  ? 7.478   -3.059  -3.385  1.00 19.30 ? 97   MET A CA  1 
ATOM   664  C C   . MET A 1 97  ? 8.128   -3.418  -4.713  1.00 19.70 ? 97   MET A C   1 
ATOM   665  O O   . MET A 1 97  ? 8.427   -2.537  -5.519  1.00 20.15 ? 97   MET A O   1 
ATOM   666  C CB  . MET A 1 97  ? 5.956   -3.016  -3.591  1.00 19.86 ? 97   MET A CB  1 
ATOM   667  C CG  . MET A 1 97  ? 5.139   -2.874  -2.313  1.00 18.36 ? 97   MET A CG  1 
ATOM   668  S SD  . MET A 1 97  ? 5.428   -4.174  -1.129  1.00 18.97 ? 97   MET A SD  1 
ATOM   669  C CE  . MET A 1 97  ? 4.656   -5.577  -1.967  1.00 17.81 ? 97   MET A CE  1 
ATOM   670  N N   . SER A 1 98  ? 8.358   -4.716  -4.924  1.00 19.95 ? 98   SER A N   1 
ATOM   671  C CA  . SER A 1 98  ? 8.906   -5.234  -6.182  1.00 22.70 ? 98   SER A CA  1 
ATOM   672  C C   . SER A 1 98  ? 8.129   -6.509  -6.491  1.00 23.11 ? 98   SER A C   1 
ATOM   673  O O   . SER A 1 98  ? 7.672   -7.201  -5.581  1.00 23.99 ? 98   SER A O   1 
ATOM   674  C CB  . SER A 1 98  ? 10.408  -5.575  -6.067  1.00 24.65 ? 98   SER A CB  1 
ATOM   675  O OG  . SER A 1 98  ? 11.222  -4.413  -5.972  1.00 27.37 ? 98   SER A OG  1 
ATOM   676  N N   . GLY A 1 99  ? 7.952   -6.808  -7.770  1.00 24.32 ? 99   GLY A N   1 
ATOM   677  C CA  . GLY A 1 99  ? 7.256   -8.025  -8.148  1.00 23.26 ? 99   GLY A CA  1 
ATOM   678  C C   . GLY A 1 99  ? 5.796   -8.142  -7.771  1.00 22.63 ? 99   GLY A C   1 
ATOM   679  O O   . GLY A 1 99  ? 5.179   -7.188  -7.296  1.00 22.92 ? 99   GLY A O   1 
ATOM   680  N N   . ASN A 1 100 ? 5.247   -9.334  -7.972  1.00 22.16 ? 100  ASN A N   1 
ATOM   681  C CA  . ASN A 1 100 ? 3.834   -9.585  -7.704  1.00 23.59 ? 100  ASN A CA  1 
ATOM   682  C C   . ASN A 1 100 ? 3.568   -10.695 -6.697  1.00 24.07 ? 100  ASN A C   1 
ATOM   683  O O   . ASN A 1 100 ? 2.478   -11.270 -6.694  1.00 23.82 ? 100  ASN A O   1 
ATOM   684  C CB  . ASN A 1 100 ? 3.107   -9.948  -9.006  1.00 24.62 ? 100  ASN A CB  1 
ATOM   685  C CG  . ASN A 1 100 ? 3.286   -8.907  -10.091 1.00 25.54 ? 100  ASN A CG  1 
ATOM   686  O OD1 . ASN A 1 100 ? 3.989   -9.136  -11.071 1.00 26.93 ? 100  ASN A OD1 1 
ATOM   687  N ND2 . ASN A 1 100 ? 2.649   -7.754  -9.923  1.00 25.66 ? 100  ASN A ND2 1 
ATOM   688  N N   . SER A 1 101 ? 4.553   -11.008 -5.860  1.00 23.98 ? 101  SER A N   1 
ATOM   689  C CA  . SER A 1 101 ? 4.382   -12.052 -4.852  1.00 23.48 ? 101  SER A CA  1 
ATOM   690  C C   . SER A 1 101 ? 4.121   -11.423 -3.491  1.00 23.20 ? 101  SER A C   1 
ATOM   691  O O   . SER A 1 101 ? 4.319   -10.223 -3.306  1.00 23.26 ? 101  SER A O   1 
ATOM   692  C CB  . SER A 1 101 ? 5.650   -12.913 -4.756  1.00 23.86 ? 101  SER A CB  1 
ATOM   693  O OG  . SER A 1 101 ? 5.889   -13.608 -5.963  1.00 26.72 ? 101  SER A OG  1 
ATOM   694  N N   . TRP A 1 102 ? 3.658   -12.223 -2.538  1.00 22.54 ? 102  TRP A N   1 
ATOM   695  C CA  . TRP A 1 102 ? 3.452   -11.697 -1.199  1.00 22.12 ? 102  TRP A CA  1 
ATOM   696  C C   . TRP A 1 102 ? 4.852   -11.391 -0.674  1.00 23.27 ? 102  TRP A C   1 
ATOM   697  O O   . TRP A 1 102 ? 5.759   -12.209 -0.796  1.00 23.68 ? 102  TRP A O   1 
ATOM   698  C CB  . TRP A 1 102 ? 2.772   -12.731 -0.303  1.00 21.88 ? 102  TRP A CB  1 
ATOM   699  C CG  . TRP A 1 102 ? 1.286   -12.830 -0.519  1.00 22.73 ? 102  TRP A CG  1 
ATOM   700  C CD1 . TRP A 1 102 ? 0.608   -13.832 -1.164  1.00 22.79 ? 102  TRP A CD1 1 
ATOM   701  C CD2 . TRP A 1 102 ? 0.295   -11.890 -0.084  1.00 22.51 ? 102  TRP A CD2 1 
ATOM   702  N NE1 . TRP A 1 102 ? -0.746  -13.572 -1.157  1.00 23.48 ? 102  TRP A NE1 1 
ATOM   703  C CE2 . TRP A 1 102 ? -0.966  -12.387 -0.500  1.00 22.45 ? 102  TRP A CE2 1 
ATOM   704  C CE3 . TRP A 1 102 ? 0.347   -10.677 0.616   1.00 20.98 ? 102  TRP A CE3 1 
ATOM   705  C CZ2 . TRP A 1 102 ? -2.159  -11.709 -0.239  1.00 23.71 ? 102  TRP A CZ2 1 
ATOM   706  C CZ3 . TRP A 1 102 ? -0.835  -10.008 0.872   1.00 22.02 ? 102  TRP A CZ3 1 
ATOM   707  C CH2 . TRP A 1 102 ? -2.076  -10.525 0.445   1.00 21.37 ? 102  TRP A CH2 1 
ATOM   708  N N   . GLU A 1 103 ? 5.037   -10.195 -0.130  1.00 22.71 ? 103  GLU A N   1 
ATOM   709  C CA  . GLU A 1 103 ? 6.325   -9.813  0.415   1.00 22.48 ? 103  GLU A CA  1 
ATOM   710  C C   . GLU A 1 103 ? 6.142   -9.350  1.856   1.00 22.25 ? 103  GLU A C   1 
ATOM   711  O O   . GLU A 1 103 ? 5.100   -8.788  2.214   1.00 21.24 ? 103  GLU A O   1 
ATOM   712  C CB  . GLU A 1 103 ? 6.948   -8.690  -0.425  1.00 24.66 ? 103  GLU A CB  1 
ATOM   713  C CG  . GLU A 1 103 ? 7.281   -9.062  -1.876  1.00 26.71 ? 103  GLU A CG  1 
ATOM   714  C CD  . GLU A 1 103 ? 8.286   -10.214 -1.992  1.00 30.65 ? 103  GLU A CD  1 
ATOM   715  O OE1 . GLU A 1 103 ? 9.201   -10.304 -1.146  1.00 31.02 ? 103  GLU A OE1 1 
ATOM   716  O OE2 . GLU A 1 103 ? 8.172   -11.026 -2.940  1.00 30.32 ? 103  GLU A OE2 1 
ATOM   717  N N   . ASN A 1 104 ? 7.150   -9.609  2.690   1.00 21.49 ? 104  ASN A N   1 
ATOM   718  C CA  . ASN A 1 104 ? 7.117   -9.188  4.094   1.00 19.79 ? 104  ASN A CA  1 
ATOM   719  C C   . ASN A 1 104 ? 7.278   -7.673  4.097   1.00 19.91 ? 104  ASN A C   1 
ATOM   720  O O   . ASN A 1 104 ? 8.336   -7.170  3.705   1.00 20.15 ? 104  ASN A O   1 
ATOM   721  C CB  . ASN A 1 104 ? 8.293   -9.810  4.853   1.00 22.26 ? 104  ASN A CB  1 
ATOM   722  C CG  . ASN A 1 104 ? 8.189   -9.629  6.362   1.00 23.87 ? 104  ASN A CG  1 
ATOM   723  O OD1 . ASN A 1 104 ? 7.665   -8.628  6.859   1.00 21.37 ? 104  ASN A OD1 1 
ATOM   724  N ND2 . ASN A 1 104 ? 8.712   -10.603 7.101   1.00 27.98 ? 104  ASN A ND2 1 
ATOM   725  N N   . VAL A 1 105 ? 6.253   -6.940  4.531   1.00 17.36 ? 105  VAL A N   1 
ATOM   726  C CA  . VAL A 1 105 ? 6.350   -5.485  4.544   1.00 17.54 ? 105  VAL A CA  1 
ATOM   727  C C   . VAL A 1 105 ? 6.414   -4.859  5.935   1.00 17.77 ? 105  VAL A C   1 
ATOM   728  O O   . VAL A 1 105 ? 6.554   -3.636  6.059   1.00 17.12 ? 105  VAL A O   1 
ATOM   729  C CB  . VAL A 1 105 ? 5.209   -4.836  3.710   1.00 15.92 ? 105  VAL A CB  1 
ATOM   730  C CG1 . VAL A 1 105 ? 5.302   -5.337  2.263   1.00 18.66 ? 105  VAL A CG1 1 
ATOM   731  C CG2 . VAL A 1 105 ? 3.856   -5.167  4.304   1.00 16.90 ? 105  VAL A CG2 1 
ATOM   732  N N   . PHE A 1 106 ? 6.309   -5.707  6.968   1.00 18.53 ? 106  PHE A N   1 
ATOM   733  C CA  . PHE A 1 106 ? 6.420   -5.288  8.370   1.00 17.58 ? 106  PHE A CA  1 
ATOM   734  C C   . PHE A 1 106 ? 6.795   -6.523  9.199   1.00 18.60 ? 106  PHE A C   1 
ATOM   735  O O   . PHE A 1 106 ? 5.985   -7.447  9.359   1.00 17.90 ? 106  PHE A O   1 
ATOM   736  C CB  . PHE A 1 106 ? 5.108   -4.664  8.883   1.00 19.01 ? 106  PHE A CB  1 
ATOM   737  C CG  . PHE A 1 106 ? 5.130   -4.347  10.361  1.00 18.90 ? 106  PHE A CG  1 
ATOM   738  C CD1 . PHE A 1 106 ? 6.231   -3.696  10.932  1.00 19.69 ? 106  PHE A CD1 1 
ATOM   739  C CD2 . PHE A 1 106 ? 4.062   -4.704  11.186  1.00 20.16 ? 106  PHE A CD2 1 
ATOM   740  C CE1 . PHE A 1 106 ? 6.265   -3.406  12.304  1.00 21.16 ? 106  PHE A CE1 1 
ATOM   741  C CE2 . PHE A 1 106 ? 4.087   -4.416  12.558  1.00 19.76 ? 106  PHE A CE2 1 
ATOM   742  C CZ  . PHE A 1 106 ? 5.190   -3.766  13.119  1.00 20.61 ? 106  PHE A CZ  1 
ATOM   743  N N   . SER A 1 107 ? 8.028   -6.544  9.708   1.00 18.28 ? 107  SER A N   1 
ATOM   744  C CA  . SER A 1 107 ? 8.516   -7.682  10.480  1.00 21.33 ? 107  SER A CA  1 
ATOM   745  C C   . SER A 1 107 ? 7.580   -8.088  11.612  1.00 20.86 ? 107  SER A C   1 
ATOM   746  O O   . SER A 1 107 ? 7.540   -9.262  11.989  1.00 21.89 ? 107  SER A O   1 
ATOM   747  C CB  . SER A 1 107 ? 9.923   -7.401  11.033  1.00 23.32 ? 107  SER A CB  1 
ATOM   748  O OG  . SER A 1 107 ? 9.901   -6.348  11.978  1.00 29.83 ? 107  SER A OG  1 
ATOM   749  N N   . GLY A 1 108 ? 6.836   -7.121  12.146  1.00 20.85 ? 108  GLY A N   1 
ATOM   750  C CA  . GLY A 1 108 ? 5.878   -7.404  13.201  1.00 21.79 ? 108  GLY A CA  1 
ATOM   751  C C   . GLY A 1 108 ? 6.261   -7.093  14.637  1.00 21.71 ? 108  GLY A C   1 
ATOM   752  O O   . GLY A 1 108 ? 7.410   -6.769  14.950  1.00 20.80 ? 108  GLY A O   1 
ATOM   753  N N   . TRP A 1 109 ? 5.272   -7.187  15.518  1.00 20.97 ? 109  TRP A N   1 
ATOM   754  C CA  . TRP A 1 109 ? 5.481   -6.946  16.935  1.00 22.55 ? 109  TRP A CA  1 
ATOM   755  C C   . TRP A 1 109 ? 4.501   -7.812  17.727  1.00 22.88 ? 109  TRP A C   1 
ATOM   756  O O   . TRP A 1 109 ? 3.581   -8.413  17.159  1.00 23.32 ? 109  TRP A O   1 
ATOM   757  C CB  . TRP A 1 109 ? 5.288   -5.456  17.275  1.00 23.44 ? 109  TRP A CB  1 
ATOM   758  C CG  . TRP A 1 109 ? 3.859   -5.001  17.303  1.00 23.55 ? 109  TRP A CG  1 
ATOM   759  C CD1 . TRP A 1 109 ? 2.972   -4.994  16.261  1.00 25.14 ? 109  TRP A CD1 1 
ATOM   760  C CD2 . TRP A 1 109 ? 3.153   -4.490  18.439  1.00 24.03 ? 109  TRP A CD2 1 
ATOM   761  N NE1 . TRP A 1 109 ? 1.752   -4.507  16.682  1.00 24.83 ? 109  TRP A NE1 1 
ATOM   762  C CE2 . TRP A 1 109 ? 1.838   -4.193  18.016  1.00 24.91 ? 109  TRP A CE2 1 
ATOM   763  C CE3 . TRP A 1 109 ? 3.505   -4.254  19.779  1.00 24.00 ? 109  TRP A CE3 1 
ATOM   764  C CZ2 . TRP A 1 109 ? 0.870   -3.671  18.886  1.00 25.10 ? 109  TRP A CZ2 1 
ATOM   765  C CZ3 . TRP A 1 109 ? 2.537   -3.730  20.648  1.00 23.62 ? 109  TRP A CZ3 1 
ATOM   766  C CH2 . TRP A 1 109 ? 1.239   -3.445  20.195  1.00 23.40 ? 109  TRP A CH2 1 
ATOM   767  N N   . CYS A 1 110 ? 4.723   -7.896  19.034  1.00 22.67 ? 110  CYS A N   1 
ATOM   768  C CA  . CYS A 1 110 ? 3.862   -8.681  19.905  1.00 22.94 ? 110  CYS A CA  1 
ATOM   769  C C   . CYS A 1 110 ? 3.278   -7.802  20.997  1.00 22.95 ? 110  CYS A C   1 
ATOM   770  O O   . CYS A 1 110 ? 4.018   -7.162  21.745  1.00 22.91 ? 110  CYS A O   1 
ATOM   771  C CB  . CYS A 1 110 ? 4.645   -9.801  20.570  1.00 23.26 ? 110  CYS A CB  1 
ATOM   772  S SG  . CYS A 1 110 ? 5.456   -11.018 19.481  1.00 25.14 ? 110  CYS A SG  1 
ATOM   773  N N   . VAL A 1 111 ? 1.953   -7.769  21.091  1.00 21.29 ? 111  VAL A N   1 
ATOM   774  C CA  . VAL A 1 111 ? 1.314   -6.965  22.116  1.00 21.65 ? 111  VAL A CA  1 
ATOM   775  C C   . VAL A 1 111 ? 1.523   -7.633  23.484  1.00 22.52 ? 111  VAL A C   1 
ATOM   776  O O   . VAL A 1 111 ? 1.717   -8.850  23.570  1.00 21.83 ? 111  VAL A O   1 
ATOM   777  C CB  . VAL A 1 111 ? -0.192  -6.790  21.808  1.00 20.51 ? 111  VAL A CB  1 
ATOM   778  C CG1 . VAL A 1 111 ? -0.907  -8.148  21.872  1.00 21.26 ? 111  VAL A CG1 1 
ATOM   779  C CG2 . VAL A 1 111 ? -0.804  -5.795  22.784  1.00 23.05 ? 111  VAL A CG2 1 
ATOM   780  N N   . GLY A 1 112 ? 1.491   -6.836  24.556  1.00 24.03 ? 112  GLY A N   1 
ATOM   781  C CA  . GLY A 1 112 ? 1.712   -7.373  25.892  1.00 24.08 ? 112  GLY A CA  1 
ATOM   782  C C   . GLY A 1 112 ? 0.742   -8.465  26.323  1.00 24.51 ? 112  GLY A C   1 
ATOM   783  O O   . GLY A 1 112 ? -0.418  -8.490  25.906  1.00 24.32 ? 112  GLY A O   1 
ATOM   784  N N   . ALA A 1 113 ? 1.227   -9.364  27.173  1.00 24.20 ? 113  ALA A N   1 
ATOM   785  C CA  . ALA A 1 113 ? 0.431   -10.475 27.679  1.00 24.58 ? 113  ALA A CA  1 
ATOM   786  C C   . ALA A 1 113 ? -0.846  -10.015 28.381  1.00 25.76 ? 113  ALA A C   1 
ATOM   787  O O   . ALA A 1 113 ? -1.833  -10.752 28.436  1.00 25.67 ? 113  ALA A O   1 
ATOM   788  C CB  . ALA A 1 113 ? 1.280   -11.327 28.640  1.00 24.15 ? 113  ALA A CB  1 
ATOM   789  N N   . ASN A 1 114 ? -0.833  -8.794  28.909  1.00 26.33 ? 114  ASN A N   1 
ATOM   790  C CA  . ASN A 1 114 ? -2.002  -8.274  29.620  1.00 27.80 ? 114  ASN A CA  1 
ATOM   791  C C   . ASN A 1 114 ? -2.480  -6.961  29.026  1.00 28.21 ? 114  ASN A C   1 
ATOM   792  O O   . ASN A 1 114 ? -3.117  -6.150  29.707  1.00 28.64 ? 114  ASN A O   1 
ATOM   793  C CB  . ASN A 1 114 ? -1.648  -8.083  31.097  1.00 30.45 ? 114  ASN A CB  1 
ATOM   794  C CG  . ASN A 1 114 ? -1.242  -9.382  31.763  1.00 32.92 ? 114  ASN A CG  1 
ATOM   795  O OD1 . ASN A 1 114 ? -2.042  -10.315 31.870  1.00 34.91 ? 114  ASN A OD1 1 
ATOM   796  N ND2 . ASN A 1 114 ? 0.006   -9.456  32.209  1.00 33.57 ? 114  ASN A ND2 1 
ATOM   797  N N   . THR A 1 115 ? -2.204  -6.772  27.740  1.00 28.04 ? 115  THR A N   1 
ATOM   798  C CA  . THR A 1 115 ? -2.547  -5.536  27.052  1.00 28.01 ? 115  THR A CA  1 
ATOM   799  C C   . THR A 1 115 ? -3.366  -5.771  25.796  1.00 28.09 ? 115  THR A C   1 
ATOM   800  O O   . THR A 1 115 ? -3.366  -6.863  25.222  1.00 27.56 ? 115  THR A O   1 
ATOM   801  C CB  . THR A 1 115 ? -1.256  -4.785  26.639  1.00 28.84 ? 115  THR A CB  1 
ATOM   802  O OG1 . THR A 1 115 ? -0.362  -4.727  27.756  1.00 30.46 ? 115  THR A OG1 1 
ATOM   803  C CG2 . THR A 1 115 ? -1.571  -3.361  26.162  1.00 30.12 ? 115  THR A CG2 1 
ATOM   804  N N   . ALA A 1 116 ? -4.072  -4.728  25.385  1.00 28.35 ? 116  ALA A N   1 
ATOM   805  C CA  . ALA A 1 116 ? -4.877  -4.769  24.184  1.00 28.69 ? 116  ALA A CA  1 
ATOM   806  C C   . ALA A 1 116 ? -4.432  -3.571  23.366  1.00 28.53 ? 116  ALA A C   1 
ATOM   807  O O   . ALA A 1 116 ? -4.275  -2.472  23.892  1.00 30.41 ? 116  ALA A O   1 
ATOM   808  C CB  . ALA A 1 116 ? -6.347  -4.664  24.524  1.00 28.38 ? 116  ALA A CB  1 
ATOM   809  N N   . SER A 1 117 ? -4.208  -3.783  22.080  1.00 27.24 ? 117  SER A N   1 
ATOM   810  C CA  . SER A 1 117 ? -3.786  -2.693  21.224  1.00 27.31 ? 117  SER A CA  1 
ATOM   811  C C   . SER A 1 117 ? -4.345  -2.940  19.836  1.00 27.52 ? 117  SER A C   1 
ATOM   812  O O   . SER A 1 117 ? -5.232  -3.769  19.661  1.00 27.88 ? 117  SER A O   1 
ATOM   813  C CB  . SER A 1 117 ? -2.262  -2.622  21.175  1.00 27.40 ? 117  SER A CB  1 
ATOM   814  O OG  . SER A 1 117 ? -1.842  -1.419  20.550  1.00 31.12 ? 117  SER A OG  1 
ATOM   815  N N   . THR A 1 118 ? -3.827  -2.222  18.850  1.00 26.91 ? 118  THR A N   1 
ATOM   816  C CA  . THR A 1 118 ? -4.295  -2.381  17.480  1.00 25.28 ? 118  THR A CA  1 
ATOM   817  C C   . THR A 1 118 ? -3.099  -2.534  16.557  1.00 24.67 ? 118  THR A C   1 
ATOM   818  O O   . THR A 1 118 ? -1.961  -2.232  16.938  1.00 22.49 ? 118  THR A O   1 
ATOM   819  C CB  . THR A 1 118 ? -5.116  -1.151  17.010  1.00 25.79 ? 118  THR A CB  1 
ATOM   820  O OG1 . THR A 1 118 ? -4.285  0.020   17.022  1.00 26.31 ? 118  THR A OG1 1 
ATOM   821  C CG2 . THR A 1 118 ? -6.326  -0.919  17.928  1.00 27.42 ? 118  THR A CG2 1 
ATOM   822  N N   . GLN A 1 119 ? -3.367  -3.038  15.356  1.00 23.31 ? 119  GLN A N   1 
ATOM   823  C CA  . GLN A 1 119 ? -2.345  -3.208  14.331  1.00 22.48 ? 119  GLN A CA  1 
ATOM   824  C C   . GLN A 1 119 ? -2.923  -2.518  13.106  1.00 22.63 ? 119  GLN A C   1 
ATOM   825  O O   . GLN A 1 119 ? -4.068  -2.788  12.726  1.00 21.50 ? 119  GLN A O   1 
ATOM   826  C CB  . GLN A 1 119 ? -2.097  -4.681  14.017  1.00 22.05 ? 119  GLN A CB  1 
ATOM   827  C CG  . GLN A 1 119 ? -1.207  -4.876  12.792  1.00 20.41 ? 119  GLN A CG  1 
ATOM   828  C CD  . GLN A 1 119 ? 0.143   -4.181  12.944  1.00 22.51 ? 119  GLN A CD  1 
ATOM   829  O OE1 . GLN A 1 119 ? 0.825   -4.352  13.955  1.00 24.28 ? 119  GLN A OE1 1 
ATOM   830  N NE2 . GLN A 1 119 ? 0.533   -3.405  11.939  1.00 20.70 ? 119  GLN A NE2 1 
ATOM   831  N N   . GLY A 1 120 ? -2.138  -1.625  12.506  1.00 21.45 ? 120  GLY A N   1 
ATOM   832  C CA  . GLY A 1 120 ? -2.602  -0.890  11.343  1.00 21.15 ? 120  GLY A CA  1 
ATOM   833  C C   . GLY A 1 120 ? -1.761  -1.118  10.099  1.00 20.71 ? 120  GLY A C   1 
ATOM   834  O O   . GLY A 1 120 ? -1.009  -2.087  10.028  1.00 20.32 ? 120  GLY A O   1 
ATOM   835  N N   . LEU A 1 121 ? -1.900  -0.243  9.106   1.00 19.56 ? 121  LEU A N   1 
ATOM   836  C CA  . LEU A 1 121 ? -1.120  -0.394  7.878   1.00 19.81 ? 121  LEU A CA  1 
ATOM   837  C C   . LEU A 1 121 ? -1.140  0.878   7.054   1.00 20.19 ? 121  LEU A C   1 
ATOM   838  O O   . LEU A 1 121 ? -1.903  1.788   7.345   1.00 19.82 ? 121  LEU A O   1 
ATOM   839  C CB  . LEU A 1 121 ? -1.686  -1.553  7.036   1.00 19.51 ? 121  LEU A CB  1 
ATOM   840  C CG  . LEU A 1 121 ? -3.203  -1.542  6.796   1.00 20.60 ? 121  LEU A CG  1 
ATOM   841  C CD1 . LEU A 1 121 ? -3.569  -0.467  5.758   1.00 21.42 ? 121  LEU A CD1 1 
ATOM   842  C CD2 . LEU A 1 121 ? -3.657  -2.919  6.324   1.00 19.24 ? 121  LEU A CD2 1 
ATOM   843  N N   . SER A 1 122 ? -0.281  0.933   6.042   1.00 19.36 ? 122  SER A N   1 
ATOM   844  C CA  . SER A 1 122 ? -0.251  2.064   5.129   1.00 19.32 ? 122  SER A CA  1 
ATOM   845  C C   . SER A 1 122 ? 0.168   1.623   3.735   1.00 19.37 ? 122  SER A C   1 
ATOM   846  O O   . SER A 1 122 ? 0.904   0.640   3.550   1.00 19.55 ? 122  SER A O   1 
ATOM   847  C CB  . SER A 1 122 ? 0.684   3.182   5.619   1.00 21.64 ? 122  SER A CB  1 
ATOM   848  O OG  . SER A 1 122 ? 2.044   2.828   5.515   1.00 20.97 ? 122  SER A OG  1 
ATOM   849  N N   . VAL A 1 123 ? -0.345  2.353   2.754   1.00 18.99 ? 123  VAL A N   1 
ATOM   850  C CA  . VAL A 1 123 ? -0.028  2.133   1.362   1.00 19.52 ? 123  VAL A CA  1 
ATOM   851  C C   . VAL A 1 123 ? 0.245   3.522   0.813   1.00 19.57 ? 123  VAL A C   1 
ATOM   852  O O   . VAL A 1 123 ? -0.501  4.465   1.080   1.00 19.61 ? 123  VAL A O   1 
ATOM   853  C CB  . VAL A 1 123 ? -1.201  1.495   0.606   1.00 19.96 ? 123  VAL A CB  1 
ATOM   854  C CG1 . VAL A 1 123 ? -0.875  1.411   -0.874  1.00 19.88 ? 123  VAL A CG1 1 
ATOM   855  C CG2 . VAL A 1 123 ? -1.464  0.108   1.167   1.00 20.16 ? 123  VAL A CG2 1 
ATOM   856  N N   . ARG A 1 124 ? 1.321   3.659   0.055   1.00 20.40 ? 124  ARG A N   1 
ATOM   857  C CA  . ARG A 1 124 ? 1.657   4.955   -0.492  1.00 20.97 ? 124  ARG A CA  1 
ATOM   858  C C   . ARG A 1 124 ? 2.251   4.746   -1.878  1.00 21.21 ? 124  ARG A C   1 
ATOM   859  O O   . ARG A 1 124 ? 3.037   3.824   -2.076  1.00 20.39 ? 124  ARG A O   1 
ATOM   860  C CB  . ARG A 1 124 ? 2.670   5.635   0.434   1.00 22.32 ? 124  ARG A CB  1 
ATOM   861  C CG  . ARG A 1 124 ? 3.066   7.038   0.019   1.00 24.72 ? 124  ARG A CG  1 
ATOM   862  C CD  . ARG A 1 124 ? 4.088   7.612   0.998   1.00 25.92 ? 124  ARG A CD  1 
ATOM   863  N NE  . ARG A 1 124 ? 5.431   7.069   0.808   1.00 26.90 ? 124  ARG A NE  1 
ATOM   864  C CZ  . ARG A 1 124 ? 6.300   7.508   -0.099  1.00 27.94 ? 124  ARG A CZ  1 
ATOM   865  N NH1 . ARG A 1 124 ? 5.976   8.502   -0.915  1.00 29.21 ? 124  ARG A NH1 1 
ATOM   866  N NH2 . ARG A 1 124 ? 7.502   6.962   -0.182  1.00 29.06 ? 124  ARG A NH2 1 
ATOM   867  N N   . VAL A 1 125 ? 1.854   5.578   -2.836  1.00 20.15 ? 125  VAL A N   1 
ATOM   868  C CA  . VAL A 1 125 ? 2.391   5.473   -4.186  1.00 20.81 ? 125  VAL A CA  1 
ATOM   869  C C   . VAL A 1 125 ? 2.812   6.850   -4.684  1.00 20.38 ? 125  VAL A C   1 
ATOM   870  O O   . VAL A 1 125 ? 2.335   7.868   -4.189  1.00 20.26 ? 125  VAL A O   1 
ATOM   871  C CB  . VAL A 1 125 ? 1.349   4.898   -5.185  1.00 21.48 ? 125  VAL A CB  1 
ATOM   872  C CG1 . VAL A 1 125 ? 0.666   3.657   -4.575  1.00 20.60 ? 125  VAL A CG1 1 
ATOM   873  C CG2 . VAL A 1 125 ? 0.311   5.969   -5.543  1.00 20.86 ? 125  VAL A CG2 1 
ATOM   874  N N   . THR A 1 126 ? 3.732   6.879   -5.645  1.00 21.58 ? 126  THR A N   1 
ATOM   875  C CA  . THR A 1 126 ? 4.162   8.132   -6.238  1.00 23.08 ? 126  THR A CA  1 
ATOM   876  C C   . THR A 1 126 ? 4.098   7.895   -7.740  1.00 23.48 ? 126  THR A C   1 
ATOM   877  O O   . THR A 1 126 ? 4.629   6.904   -8.246  1.00 21.81 ? 126  THR A O   1 
ATOM   878  C CB  . THR A 1 126 ? 5.601   8.534   -5.819  1.00 24.51 ? 126  THR A CB  1 
ATOM   879  O OG1 . THR A 1 126 ? 6.524   7.533   -6.245  1.00 28.21 ? 126  THR A OG1 1 
ATOM   880  C CG2 . THR A 1 126 ? 5.693   8.694   -4.304  1.00 25.54 ? 126  THR A CG2 1 
ATOM   881  N N   . PRO A 1 127 ? 3.421   8.796   -8.472  1.00 23.90 ? 127  PRO A N   1 
ATOM   882  C CA  . PRO A 1 127 ? 3.278   8.686   -9.929  1.00 25.08 ? 127  PRO A CA  1 
ATOM   883  C C   . PRO A 1 127 ? 4.604   8.841   -10.667 1.00 26.10 ? 127  PRO A C   1 
ATOM   884  O O   . PRO A 1 127 ? 5.495   9.584   -10.225 1.00 24.48 ? 127  PRO A O   1 
ATOM   885  C CB  . PRO A 1 127 ? 2.303   9.817   -10.277 1.00 26.14 ? 127  PRO A CB  1 
ATOM   886  C CG  . PRO A 1 127 ? 1.604   10.111  -8.982  1.00 24.58 ? 127  PRO A CG  1 
ATOM   887  C CD  . PRO A 1 127 ? 2.694   9.969   -7.962  1.00 23.99 ? 127  PRO A CD  1 
ATOM   888  N N   . VAL A 1 128 ? 4.711   8.138   -11.793 1.00 27.00 ? 128  VAL A N   1 
ATOM   889  C CA  . VAL A 1 128 ? 5.904   8.157   -12.637 1.00 28.91 ? 128  VAL A CA  1 
ATOM   890  C C   . VAL A 1 128 ? 5.494   8.247   -14.107 1.00 30.77 ? 128  VAL A C   1 
ATOM   891  O O   . VAL A 1 128 ? 4.659   7.468   -14.562 1.00 29.61 ? 128  VAL A O   1 
ATOM   892  C CB  . VAL A 1 128 ? 6.751   6.861   -12.452 1.00 28.22 ? 128  VAL A CB  1 
ATOM   893  C CG1 . VAL A 1 128 ? 7.981   6.895   -13.362 1.00 28.61 ? 128  VAL A CG1 1 
ATOM   894  C CG2 . VAL A 1 128 ? 7.187   6.729   -10.998 1.00 28.65 ? 128  VAL A CG2 1 
ATOM   895  N N   . ILE A 1 129 ? 6.073   9.192   -14.843 1.00 33.24 ? 129  ILE A N   1 
ATOM   896  C CA  . ILE A 1 129 ? 5.749   9.327   -16.263 1.00 36.55 ? 129  ILE A CA  1 
ATOM   897  C C   . ILE A 1 129 ? 6.693   8.410   -17.034 1.00 38.23 ? 129  ILE A C   1 
ATOM   898  O O   . ILE A 1 129 ? 7.916   8.547   -16.946 1.00 39.78 ? 129  ILE A O   1 
ATOM   899  C CB  . ILE A 1 129 ? 5.954   10.772  -16.796 1.00 37.84 ? 129  ILE A CB  1 
ATOM   900  C CG1 . ILE A 1 129 ? 5.215   11.788  -15.918 1.00 37.11 ? 129  ILE A CG1 1 
ATOM   901  C CG2 . ILE A 1 129 ? 5.452   10.859  -18.242 1.00 38.52 ? 129  ILE A CG2 1 
ATOM   902  C CD1 . ILE A 1 129 ? 3.727   11.625  -15.893 1.00 38.63 ? 129  ILE A CD1 1 
ATOM   903  N N   . LEU A 1 130 ? 6.117   7.485   -17.792 1.00 39.79 ? 130  LEU A N   1 
ATOM   904  C CA  . LEU A 1 130 ? 6.893   6.530   -18.572 1.00 41.89 ? 130  LEU A CA  1 
ATOM   905  C C   . LEU A 1 130 ? 7.168   7.085   -19.972 1.00 44.36 ? 130  LEU A C   1 
ATOM   906  O O   . LEU A 1 130 ? 8.319   7.141   -20.409 1.00 44.98 ? 130  LEU A O   1 
ATOM   907  C CB  . LEU A 1 130 ? 6.125   5.211   -18.651 1.00 41.14 ? 130  LEU A CB  1 
ATOM   908  C CG  . LEU A 1 130 ? 5.633   4.703   -17.286 1.00 39.74 ? 130  LEU A CG  1 
ATOM   909  C CD1 . LEU A 1 130 ? 4.744   3.491   -17.470 1.00 40.23 ? 130  LEU A CD1 1 
ATOM   910  C CD2 . LEU A 1 130 ? 6.830   4.378   -16.396 1.00 38.46 ? 130  LEU A CD2 1 
ATOM   911  N N   . LYS A 1 131 ? 6.104   7.478   -20.669 1.00 46.68 ? 131  LYS A N   1 
ATOM   912  C CA  . LYS A 1 131 ? 6.208   8.061   -22.013 1.00 49.50 ? 131  LYS A CA  1 
ATOM   913  C C   . LYS A 1 131 ? 5.353   9.338   -22.035 1.00 50.67 ? 131  LYS A C   1 
ATOM   914  O O   . LYS A 1 131 ? 4.620   9.605   -21.082 1.00 50.92 ? 131  LYS A O   1 
ATOM   915  C CB  . LYS A 1 131 ? 5.717   7.071   -23.084 1.00 50.42 ? 131  LYS A CB  1 
ATOM   916  C CG  . LYS A 1 131 ? 6.595   5.821   -23.271 1.00 51.88 ? 131  LYS A CG  1 
ATOM   917  C CD  . LYS A 1 131 ? 6.503   4.878   -22.075 1.00 52.48 ? 131  LYS A CD  1 
ATOM   918  C CE  . LYS A 1 131 ? 7.334   3.607   -22.257 1.00 53.07 ? 131  LYS A CE  1 
ATOM   919  N NZ  . LYS A 1 131 ? 8.804   3.838   -22.266 1.00 52.98 ? 131  LYS A NZ  1 
ATOM   920  N N   . ARG A 1 132 ? 5.431   10.123  -23.108 1.00 52.09 ? 132  ARG A N   1 
ATOM   921  C CA  . ARG A 1 132 ? 4.661   11.369  -23.179 1.00 53.47 ? 132  ARG A CA  1 
ATOM   922  C C   . ARG A 1 132 ? 3.626   11.462  -24.299 1.00 54.52 ? 132  ARG A C   1 
ATOM   923  O O   . ARG A 1 132 ? 3.017   10.463  -24.695 1.00 55.13 ? 132  ARG A O   1 
ATOM   924  C CB  . ARG A 1 132 ? 5.607   12.563  -23.300 1.00 53.32 ? 132  ARG A CB  1 
ATOM   925  C CG  . ARG A 1 132 ? 6.484   12.809  -22.094 1.00 53.94 ? 132  ARG A CG  1 
ATOM   926  C CD  . ARG A 1 132 ? 7.302   14.075  -22.300 1.00 55.03 ? 132  ARG A CD  1 
ATOM   927  N NE  . ARG A 1 132 ? 8.248   14.316  -21.212 1.00 56.07 ? 132  ARG A NE  1 
ATOM   928  C CZ  . ARG A 1 132 ? 7.899   14.501  -19.943 1.00 56.17 ? 132  ARG A CZ  1 
ATOM   929  N NH1 . ARG A 1 132 ? 8.831   14.715  -19.018 1.00 55.87 ? 132  ARG A NH1 1 
ATOM   930  N NH2 . ARG A 1 132 ? 6.618   14.473  -19.598 1.00 56.84 ? 132  ARG A NH2 1 
ATOM   931  N N   . ASN A 1 133 ? 3.432   12.687  -24.790 1.00 55.36 ? 133  ASN A N   1 
ATOM   932  C CA  . ASN A 1 133 ? 2.487   12.985  -25.865 1.00 56.39 ? 133  ASN A CA  1 
ATOM   933  C C   . ASN A 1 133 ? 3.167   13.731  -27.007 1.00 56.82 ? 133  ASN A C   1 
ATOM   934  O O   . ASN A 1 133 ? 2.835   14.889  -27.285 1.00 57.57 ? 133  ASN A O   1 
ATOM   935  C CB  . ASN A 1 133 ? 1.344   13.842  -25.333 1.00 56.36 ? 133  ASN A CB  1 
ATOM   936  C CG  . ASN A 1 133 ? 0.643   13.200  -24.165 1.00 56.57 ? 133  ASN A CG  1 
ATOM   937  O OD1 . ASN A 1 133 ? -0.007  12.163  -24.309 1.00 56.21 ? 133  ASN A OD1 1 
ATOM   938  N ND2 . ASN A 1 133 ? 0.783   13.804  -22.989 1.00 56.22 ? 133  ASN A ND2 1 
ATOM   939  N N   . SER A 1 135 ? -2.012  16.234  -26.208 1.00 52.92 ? 135  SER A N   1 
ATOM   940  C CA  . SER A 1 135 ? -2.053  17.084  -25.023 1.00 52.91 ? 135  SER A CA  1 
ATOM   941  C C   . SER A 1 135 ? -0.791  16.897  -24.196 1.00 52.05 ? 135  SER A C   1 
ATOM   942  O O   . SER A 1 135 ? 0.256   16.526  -24.731 1.00 52.34 ? 135  SER A O   1 
ATOM   943  C CB  . SER A 1 135 ? -3.288  16.759  -24.172 1.00 53.21 ? 135  SER A CB  1 
ATOM   944  O OG  . SER A 1 135 ? -3.288  15.403  -23.760 1.00 54.57 ? 135  SER A OG  1 
ATOM   945  N N   . SER A 1 136 ? -0.895  17.162  -22.894 1.00 51.20 ? 136  SER A N   1 
ATOM   946  C CA  . SER A 1 136 ? 0.241   17.020  -21.985 1.00 50.38 ? 136  SER A CA  1 
ATOM   947  C C   . SER A 1 136 ? -0.196  16.665  -20.564 1.00 49.70 ? 136  SER A C   1 
ATOM   948  O O   . SER A 1 136 ? 0.589   16.762  -19.618 1.00 49.85 ? 136  SER A O   1 
ATOM   949  C CB  . SER A 1 136 ? 1.070   18.303  -21.960 1.00 50.44 ? 136  SER A CB  1 
ATOM   950  O OG  . SER A 1 136 ? 2.150   18.178  -21.051 1.00 50.18 ? 136  SER A OG  1 
ATOM   951  N N   . ARG A 1 137 ? -1.465  16.297  -20.410 1.00 48.65 ? 137  ARG A N   1 
ATOM   952  C CA  . ARG A 1 137 ? -1.975  15.874  -19.113 1.00 46.92 ? 137  ARG A CA  1 
ATOM   953  C C   . ARG A 1 137 ? -2.072  14.360  -19.200 1.00 45.62 ? 137  ARG A C   1 
ATOM   954  O O   . ARG A 1 137 ? -2.004  13.782  -20.291 1.00 45.96 ? 137  ARG A O   1 
ATOM   955  C CB  . ARG A 1 137 ? -3.361  16.463  -18.813 1.00 47.61 ? 137  ARG A CB  1 
ATOM   956  C CG  . ARG A 1 137 ? -3.362  17.959  -18.523 1.00 49.25 ? 137  ARG A CG  1 
ATOM   957  C CD  . ARG A 1 137 ? -4.466  18.349  -17.540 1.00 50.05 ? 137  ARG A CD  1 
ATOM   958  N NE  . ARG A 1 137 ? -5.772  17.835  -17.939 1.00 50.84 ? 137  ARG A NE  1 
ATOM   959  C CZ  . ARG A 1 137 ? -6.920  18.179  -17.361 1.00 52.15 ? 137  ARG A CZ  1 
ATOM   960  N NH1 . ARG A 1 137 ? -6.925  19.041  -16.354 1.00 52.82 ? 137  ARG A NH1 1 
ATOM   961  N NH2 . ARG A 1 137 ? -8.065  17.664  -17.792 1.00 52.44 ? 137  ARG A NH2 1 
ATOM   962  N N   . TYR A 1 138 ? -2.225  13.712  -18.056 1.00 43.07 ? 138  TYR A N   1 
ATOM   963  C CA  . TYR A 1 138 ? -2.326  12.268  -18.021 1.00 40.99 ? 138  TYR A CA  1 
ATOM   964  C C   . TYR A 1 138 ? -3.347  11.907  -16.960 1.00 39.31 ? 138  TYR A C   1 
ATOM   965  O O   . TYR A 1 138 ? -3.185  12.252  -15.791 1.00 38.48 ? 138  TYR A O   1 
ATOM   966  C CB  . TYR A 1 138 ? -0.963  11.667  -17.673 1.00 41.51 ? 138  TYR A CB  1 
ATOM   967  C CG  . TYR A 1 138 ? 0.170   12.165  -18.552 1.00 43.75 ? 138  TYR A CG  1 
ATOM   968  C CD1 . TYR A 1 138 ? 0.341   11.683  -19.851 1.00 45.04 ? 138  TYR A CD1 1 
ATOM   969  C CD2 . TYR A 1 138 ? 1.074   13.114  -18.081 1.00 44.20 ? 138  TYR A CD2 1 
ATOM   970  C CE1 . TYR A 1 138 ? 1.395   12.134  -20.652 1.00 46.49 ? 138  TYR A CE1 1 
ATOM   971  C CE2 . TYR A 1 138 ? 2.126   13.571  -18.872 1.00 45.69 ? 138  TYR A CE2 1 
ATOM   972  C CZ  . TYR A 1 138 ? 2.283   13.076  -20.153 1.00 46.41 ? 138  TYR A CZ  1 
ATOM   973  O OH  . TYR A 1 138 ? 3.339   13.515  -20.921 1.00 48.11 ? 138  TYR A OH  1 
ATOM   974  N N   . SER A 1 139 ? -4.410  11.229  -17.364 1.00 37.75 ? 139  SER A N   1 
ATOM   975  C CA  . SER A 1 139 ? -5.435  10.837  -16.412 1.00 37.21 ? 139  SER A CA  1 
ATOM   976  C C   . SER A 1 139 ? -5.458  9.332   -16.229 1.00 36.59 ? 139  SER A C   1 
ATOM   977  O O   . SER A 1 139 ? -5.239  8.578   -17.176 1.00 36.56 ? 139  SER A O   1 
ATOM   978  C CB  . SER A 1 139 ? -6.813  11.327  -16.874 1.00 37.94 ? 139  SER A CB  1 
ATOM   979  O OG  . SER A 1 139 ? -6.854  12.743  -16.899 1.00 38.24 ? 139  SER A OG  1 
ATOM   980  N N   . VAL A 1 140 ? -5.708  8.904   -14.998 1.00 35.33 ? 140  VAL A N   1 
ATOM   981  C CA  . VAL A 1 140 ? -5.783  7.491   -14.682 1.00 33.79 ? 140  VAL A CA  1 
ATOM   982  C C   . VAL A 1 140 ? -7.091  7.246   -13.959 1.00 33.31 ? 140  VAL A C   1 
ATOM   983  O O   . VAL A 1 140 ? -7.518  8.067   -13.145 1.00 31.63 ? 140  VAL A O   1 
ATOM   984  C CB  . VAL A 1 140 ? -4.610  7.056   -13.774 1.00 35.00 ? 140  VAL A CB  1 
ATOM   985  C CG1 . VAL A 1 140 ? -4.737  5.589   -13.427 1.00 34.85 ? 140  VAL A CG1 1 
ATOM   986  C CG2 . VAL A 1 140 ? -3.293  7.307   -14.484 1.00 35.87 ? 140  VAL A CG2 1 
ATOM   987  N N   . GLN A 1 141 ? -7.737  6.125   -14.266 1.00 32.23 ? 141  GLN A N   1 
ATOM   988  C CA  . GLN A 1 141 ? -9.005  5.787   -13.630 1.00 32.55 ? 141  GLN A CA  1 
ATOM   989  C C   . GLN A 1 141 ? -8.765  4.921   -12.408 1.00 31.49 ? 141  GLN A C   1 
ATOM   990  O O   . GLN A 1 141 ? -7.649  4.462   -12.173 1.00 32.09 ? 141  GLN A O   1 
ATOM   991  C CB  . GLN A 1 141 ? -9.916  5.035   -14.612 1.00 33.17 ? 141  GLN A CB  1 
ATOM   992  C CG  . GLN A 1 141 ? -10.240 5.823   -15.874 1.00 33.97 ? 141  GLN A CG  1 
ATOM   993  C CD  . GLN A 1 141 ? -10.661 7.241   -15.554 1.00 33.69 ? 141  GLN A CD  1 
ATOM   994  O OE1 . GLN A 1 141 ? -11.524 7.464   -14.704 1.00 36.60 ? 141  GLN A OE1 1 
ATOM   995  N NE2 . GLN A 1 141 ? -10.055 8.208   -16.228 1.00 33.83 ? 141  GLN A NE2 1 
ATOM   996  N N   . LYS A 1 142 ? -9.815  4.704   -11.629 1.00 31.49 ? 142  LYS A N   1 
ATOM   997  C CA  . LYS A 1 142 ? -9.702  3.871   -10.446 1.00 30.84 ? 142  LYS A CA  1 
ATOM   998  C C   . LYS A 1 142 ? -9.121  2.536   -10.903 1.00 30.71 ? 142  LYS A C   1 
ATOM   999  O O   . LYS A 1 142 ? -9.602  1.938   -11.871 1.00 31.17 ? 142  LYS A O   1 
ATOM   1000 C CB  . LYS A 1 142 ? -11.072 3.664   -9.807  1.00 31.36 ? 142  LYS A CB  1 
ATOM   1001 C CG  . LYS A 1 142 ? -11.004 3.050   -8.425  1.00 32.28 ? 142  LYS A CG  1 
ATOM   1002 C CD  . LYS A 1 142 ? -12.270 3.341   -7.650  1.00 34.20 ? 142  LYS A CD  1 
ATOM   1003 C CE  . LYS A 1 142 ? -12.043 3.192   -6.158  1.00 36.03 ? 142  LYS A CE  1 
ATOM   1004 N NZ  . LYS A 1 142 ? -13.189 3.732   -5.355  1.00 36.93 ? 142  LYS A NZ  1 
ATOM   1005 N N   . THR A 1 143 ? -8.076  2.083   -10.217 1.00 29.06 ? 143  THR A N   1 
ATOM   1006 C CA  . THR A 1 143 ? -7.414  0.833   -10.571 1.00 27.60 ? 143  THR A CA  1 
ATOM   1007 C C   . THR A 1 143 ? -7.056  0.039   -9.311  1.00 26.56 ? 143  THR A C   1 
ATOM   1008 O O   . THR A 1 143 ? -6.625  0.610   -8.305  1.00 25.30 ? 143  THR A O   1 
ATOM   1009 C CB  . THR A 1 143 ? -6.109  1.109   -11.365 1.00 28.97 ? 143  THR A CB  1 
ATOM   1010 O OG1 . THR A 1 143 ? -6.394  1.932   -12.511 1.00 28.67 ? 143  THR A OG1 1 
ATOM   1011 C CG2 . THR A 1 143 ? -5.470  -0.199  -11.821 1.00 28.66 ? 143  THR A CG2 1 
ATOM   1012 N N   . SER A 1 144 ? -7.252  -1.275  -9.360  1.00 25.14 ? 144  SER A N   1 
ATOM   1013 C CA  . SER A 1 144 ? -6.911  -2.124  -8.226  1.00 24.68 ? 144  SER A CA  1 
ATOM   1014 C C   . SER A 1 144 ? -5.386  -2.157  -8.107  1.00 24.07 ? 144  SER A C   1 
ATOM   1015 O O   . SER A 1 144 ? -4.684  -2.285  -9.111  1.00 22.67 ? 144  SER A O   1 
ATOM   1016 C CB  . SER A 1 144 ? -7.436  -3.543  -8.446  1.00 27.11 ? 144  SER A CB  1 
ATOM   1017 O OG  . SER A 1 144 ? -7.000  -4.400  -7.403  1.00 30.69 ? 144  SER A OG  1 
ATOM   1018 N N   . ILE A 1 145 ? -4.879  -2.030  -6.879  1.00 22.26 ? 145  ILE A N   1 
ATOM   1019 C CA  . ILE A 1 145 ? -3.431  -2.029  -6.632  1.00 22.13 ? 145  ILE A CA  1 
ATOM   1020 C C   . ILE A 1 145 ? -2.941  -3.385  -6.133  1.00 21.52 ? 145  ILE A C   1 
ATOM   1021 O O   . ILE A 1 145 ? -1.970  -3.955  -6.640  1.00 20.60 ? 145  ILE A O   1 
ATOM   1022 C CB  . ILE A 1 145 ? -3.060  -0.990  -5.545  1.00 21.96 ? 145  ILE A CB  1 
ATOM   1023 C CG1 . ILE A 1 145 ? -3.325  0.428   -6.059  1.00 23.58 ? 145  ILE A CG1 1 
ATOM   1024 C CG2 . ILE A 1 145 ? -1.603  -1.177  -5.109  1.00 22.34 ? 145  ILE A CG2 1 
ATOM   1025 C CD1 . ILE A 1 145 ? -3.213  1.492   -4.974  1.00 24.32 ? 145  ILE A CD1 1 
ATOM   1026 N N   . GLY A 1 146 ? -3.611  -3.891  -5.105  1.00 21.11 ? 146  GLY A N   1 
ATOM   1027 C CA  . GLY A 1 146 ? -3.192  -5.151  -4.532  1.00 21.00 ? 146  GLY A CA  1 
ATOM   1028 C C   . GLY A 1 146 ? -3.803  -5.324  -3.164  1.00 21.76 ? 146  GLY A C   1 
ATOM   1029 O O   . GLY A 1 146 ? -4.893  -4.818  -2.916  1.00 22.29 ? 146  GLY A O   1 
ATOM   1030 N N   . SER A 1 147 ? -3.080  -5.989  -2.264  1.00 20.96 ? 147  SER A N   1 
ATOM   1031 C CA  . SER A 1 147 ? -3.590  -6.277  -0.927  1.00 21.05 ? 147  SER A CA  1 
ATOM   1032 C C   . SER A 1 147 ? -2.516  -6.362  0.148   1.00 21.10 ? 147  SER A C   1 
ATOM   1033 O O   . SER A 1 147 ? -1.329  -6.389  -0.150  1.00 20.93 ? 147  SER A O   1 
ATOM   1034 C CB  . SER A 1 147 ? -4.305  -7.631  -0.936  1.00 21.73 ? 147  SER A CB  1 
ATOM   1035 O OG  . SER A 1 147 ? -5.256  -7.714  -1.972  1.00 26.44 ? 147  SER A OG  1 
ATOM   1036 N N   . ILE A 1 148 ? -2.964  -6.428  1.398   1.00 20.43 ? 148  ILE A N   1 
ATOM   1037 C CA  . ILE A 1 148 ? -2.086  -6.579  2.559   1.00 19.86 ? 148  ILE A CA  1 
ATOM   1038 C C   . ILE A 1 148 ? -2.813  -7.557  3.472   1.00 20.77 ? 148  ILE A C   1 
ATOM   1039 O O   . ILE A 1 148 ? -4.035  -7.485  3.619   1.00 20.71 ? 148  ILE A O   1 
ATOM   1040 C CB  . ILE A 1 148 ? -1.860  -5.240  3.324   1.00 19.22 ? 148  ILE A CB  1 
ATOM   1041 C CG1 . ILE A 1 148 ? -0.871  -4.368  2.548   1.00 19.32 ? 148  ILE A CG1 1 
ATOM   1042 C CG2 . ILE A 1 148 ? -1.363  -5.507  4.752   1.00 20.28 ? 148  ILE A CG2 1 
ATOM   1043 C CD1 . ILE A 1 148 ? -0.646  -3.010  3.156   1.00 18.40 ? 148  ILE A CD1 1 
ATOM   1044 N N   . ARG A 1 149 ? -2.068  -8.484  4.060   1.00 19.66 ? 149  ARG A N   1 
ATOM   1045 C CA  . ARG A 1 149 ? -2.658  -9.462  4.958   1.00 19.55 ? 149  ARG A CA  1 
ATOM   1046 C C   . ARG A 1 149 ? -1.839  -9.502  6.228   1.00 20.31 ? 149  ARG A C   1 
ATOM   1047 O O   . ARG A 1 149 ? -0.614  -9.350  6.198   1.00 21.78 ? 149  ARG A O   1 
ATOM   1048 C CB  . ARG A 1 149 ? -2.668  -10.864 4.330   1.00 21.35 ? 149  ARG A CB  1 
ATOM   1049 C CG  . ARG A 1 149 ? -1.286  -11.458 4.125   1.00 21.82 ? 149  ARG A CG  1 
ATOM   1050 C CD  . ARG A 1 149 ? -1.339  -12.846 3.473   1.00 23.74 ? 149  ARG A CD  1 
ATOM   1051 N NE  . ARG A 1 149 ? 0.007   -13.358 3.228   1.00 23.69 ? 149  ARG A NE  1 
ATOM   1052 C CZ  . ARG A 1 149 ? 0.289   -14.438 2.504   1.00 24.42 ? 149  ARG A CZ  1 
ATOM   1053 N NH1 . ARG A 1 149 ? -0.684  -15.140 1.941   1.00 24.89 ? 149  ARG A NH1 1 
ATOM   1054 N NH2 . ARG A 1 149 ? 1.552   -14.814 2.346   1.00 25.10 ? 149  ARG A NH2 1 
ATOM   1055 N N   . MET A 1 150 ? -2.510  -9.697  7.352   1.00 19.07 ? 150  MET A N   1 
ATOM   1056 C CA  . MET A 1 150 ? -1.776  -9.787  8.590   1.00 19.75 ? 150  MET A CA  1 
ATOM   1057 C C   . MET A 1 150 ? -1.065  -11.134 8.558   1.00 20.23 ? 150  MET A C   1 
ATOM   1058 O O   . MET A 1 150 ? -1.513  -12.069 7.876   1.00 20.48 ? 150  MET A O   1 
ATOM   1059 C CB  . MET A 1 150 ? -2.723  -9.718  9.784   1.00 21.98 ? 150  MET A CB  1 
ATOM   1060 C CG  . MET A 1 150 ? -3.782  -10.803 9.808   1.00 21.81 ? 150  MET A CG  1 
ATOM   1061 S SD  . MET A 1 150 ? -4.291  -11.077 11.511  1.00 26.57 ? 150  MET A SD  1 
ATOM   1062 C CE  . MET A 1 150 ? -5.718  -12.134 11.263  1.00 25.76 ? 150  MET A CE  1 
ATOM   1063 N N   . ARG A 1 151 ? 0.057   -11.213 9.260   1.00 19.40 ? 151  ARG A N   1 
ATOM   1064 C CA  . ARG A 1 151 ? 0.830   -12.441 9.333   1.00 20.64 ? 151  ARG A CA  1 
ATOM   1065 C C   . ARG A 1 151 ? 1.087   -12.745 10.805  1.00 20.82 ? 151  ARG A C   1 
ATOM   1066 O O   . ARG A 1 151 ? 1.977   -12.156 11.417  1.00 22.03 ? 151  ARG A O   1 
ATOM   1067 C CB  . ARG A 1 151 ? 2.168   -12.273 8.599   1.00 19.18 ? 151  ARG A CB  1 
ATOM   1068 C CG  . ARG A 1 151 ? 3.049   -13.515 8.625   1.00 20.72 ? 151  ARG A CG  1 
ATOM   1069 C CD  . ARG A 1 151 ? 4.453   -13.252 8.059   1.00 20.05 ? 151  ARG A CD  1 
ATOM   1070 N NE  . ARG A 1 151 ? 5.231   -12.325 8.886   1.00 21.27 ? 151  ARG A NE  1 
ATOM   1071 C CZ  . ARG A 1 151 ? 5.539   -11.076 8.540   1.00 22.01 ? 151  ARG A CZ  1 
ATOM   1072 N NH1 . ARG A 1 151 ? 5.143   -10.582 7.373   1.00 23.08 ? 151  ARG A NH1 1 
ATOM   1073 N NH2 . ARG A 1 151 ? 6.248   -10.313 9.361   1.00 22.67 ? 151  ARG A NH2 1 
ATOM   1074 N N   . PRO A 1 152 ? 0.278   -13.627 11.412  1.00 20.56 ? 152  PRO A N   1 
ATOM   1075 C CA  . PRO A 1 152 ? 0.540   -13.919 12.823  1.00 20.27 ? 152  PRO A CA  1 
ATOM   1076 C C   . PRO A 1 152 ? 1.854   -14.702 12.912  1.00 20.51 ? 152  PRO A C   1 
ATOM   1077 O O   . PRO A 1 152 ? 2.288   -15.299 11.933  1.00 19.99 ? 152  PRO A O   1 
ATOM   1078 C CB  . PRO A 1 152 ? -0.639  -14.806 13.226  1.00 20.07 ? 152  PRO A CB  1 
ATOM   1079 C CG  . PRO A 1 152 ? -1.748  -14.378 12.277  1.00 21.85 ? 152  PRO A CG  1 
ATOM   1080 C CD  . PRO A 1 152 ? -1.001  -14.218 10.969  1.00 20.08 ? 152  PRO A CD  1 
ATOM   1081 N N   . TYR A 1 153 ? 2.492   -14.698 14.070  1.00 21.15 ? 153  TYR A N   1 
ATOM   1082 C CA  . TYR A 1 153 ? 3.707   -15.486 14.235  1.00 21.24 ? 153  TYR A CA  1 
ATOM   1083 C C   . TYR A 1 153 ? 3.837   -15.864 15.694  1.00 22.51 ? 153  TYR A C   1 
ATOM   1084 O O   . TYR A 1 153 ? 2.946   -15.550 16.497  1.00 20.80 ? 153  TYR A O   1 
ATOM   1085 C CB  . TYR A 1 153 ? 4.950   -14.744 13.696  1.00 21.34 ? 153  TYR A CB  1 
ATOM   1086 C CG  . TYR A 1 153 ? 5.389   -13.471 14.412  1.00 23.80 ? 153  TYR A CG  1 
ATOM   1087 C CD1 . TYR A 1 153 ? 6.337   -13.509 15.441  1.00 24.80 ? 153  TYR A CD1 1 
ATOM   1088 C CD2 . TYR A 1 153 ? 4.912   -12.224 14.012  1.00 23.84 ? 153  TYR A CD2 1 
ATOM   1089 C CE1 . TYR A 1 153 ? 6.799   -12.338 16.042  1.00 25.41 ? 153  TYR A CE1 1 
ATOM   1090 C CE2 . TYR A 1 153 ? 5.367   -11.053 14.607  1.00 24.77 ? 153  TYR A CE2 1 
ATOM   1091 C CZ  . TYR A 1 153 ? 6.310   -11.115 15.616  1.00 25.02 ? 153  TYR A CZ  1 
ATOM   1092 O OH  . TYR A 1 153 ? 6.772   -9.944  16.187  1.00 28.30 ? 153  TYR A OH  1 
ATOM   1093 N N   . ASN A 1 154 ? 4.910   -16.575 16.031  1.00 22.84 ? 154  ASN A N   1 
ATOM   1094 C CA  . ASN A 1 154 ? 5.135   -17.015 17.401  1.00 23.34 ? 154  ASN A CA  1 
ATOM   1095 C C   . ASN A 1 154 ? 4.026   -17.945 17.886  1.00 23.76 ? 154  ASN A C   1 
ATOM   1096 O O   . ASN A 1 154 ? 3.743   -18.018 19.086  1.00 23.17 ? 154  ASN A O   1 
ATOM   1097 C CB  . ASN A 1 154 ? 5.232   -15.808 18.330  1.00 24.91 ? 154  ASN A CB  1 
ATOM   1098 C CG  . ASN A 1 154 ? 5.817   -16.162 19.686  1.00 28.27 ? 154  ASN A CG  1 
ATOM   1099 O OD1 . ASN A 1 154 ? 6.924   -16.697 19.774  1.00 29.71 ? 154  ASN A OD1 1 
ATOM   1100 N ND2 . ASN A 1 154 ? 5.079   -15.856 20.754  1.00 29.15 ? 154  ASN A ND2 1 
ATOM   1101 N N   . GLY A 1 155 ? 3.391   -18.652 16.960  1.00 22.26 ? 155  GLY A N   1 
ATOM   1102 C CA  . GLY A 1 155 ? 2.340   -19.573 17.355  1.00 21.31 ? 155  GLY A CA  1 
ATOM   1103 C C   . GLY A 1 155 ? 0.965   -18.941 17.412  1.00 22.07 ? 155  GLY A C   1 
ATOM   1104 O O   . GLY A 1 155 ? -0.027  -19.635 17.653  1.00 22.34 ? 155  GLY A O   1 
ATOM   1105 N N   . SER A 1 156 ? 0.894   -17.627 17.213  1.00 21.14 ? 156  SER A N   1 
ATOM   1106 C CA  . SER A 1 156 ? -0.397  -16.946 17.214  1.00 20.85 ? 156  SER A CA  1 
ATOM   1107 C C   . SER A 1 156 ? -1.201  -17.483 16.043  1.00 22.33 ? 156  SER A C   1 
ATOM   1108 O O   . SER A 1 156 ? -0.636  -17.952 15.056  1.00 22.12 ? 156  SER A O   1 
ATOM   1109 C CB  . SER A 1 156 ? -0.215  -15.430 17.088  1.00 20.00 ? 156  SER A CB  1 
ATOM   1110 O OG  . SER A 1 156 ? 0.220   -14.882 18.327  1.00 19.45 ? 156  SER A OG  1 
ATOM   1111 N N   . SER A 1 157 ? -2.520  -17.425 16.161  1.00 23.58 ? 157  SER A N   1 
ATOM   1112 C CA  . SER A 1 157 ? -3.395  -17.930 15.112  1.00 25.91 ? 157  SER A CA  1 
ATOM   1113 C C   . SER A 1 157 ? -4.497  -16.948 14.762  1.00 25.61 ? 157  SER A C   1 
ATOM   1114 O O   . SER A 1 157 ? -5.062  -16.292 15.635  1.00 25.97 ? 157  SER A O   1 
ATOM   1115 C CB  . SER A 1 157 ? -4.033  -19.243 15.547  1.00 26.06 ? 157  SER A CB  1 
ATOM   1116 O OG  . SER A 1 157 ? -5.010  -19.659 14.603  1.00 28.73 ? 157  SER A OG  1 
ATOM   1117 N N   . ALA A 1 158 ? -4.803  -16.868 13.473  1.00 27.30 ? 158  ALA A N   1 
ATOM   1118 C CA  . ALA A 1 158 ? -5.845  -15.979 12.989  1.00 27.54 ? 158  ALA A CA  1 
ATOM   1119 C C   . ALA A 1 158 ? -7.236  -16.574 13.229  1.00 28.10 ? 158  ALA A C   1 
ATOM   1120 O O   . ALA A 1 158 ? -8.229  -15.850 13.277  1.00 27.77 ? 158  ALA A O   1 
ATOM   1121 C CB  . ALA A 1 158 ? -5.641  -15.725 11.498  1.00 28.64 ? 158  ALA A CB  1 
ATOM   1122 N N   . GLY A 1 159 ? -7.316  -17.888 13.403  1.00 28.03 ? 159  GLY A N   1 
ATOM   1123 C CA  . GLY A 1 159 ? -8.629  -18.486 13.579  1.00 26.60 ? 159  GLY A CA  1 
ATOM   1124 C C   . GLY A 1 159 ? -9.338  -18.253 12.252  1.00 26.23 ? 159  GLY A C   1 
ATOM   1125 O O   . GLY A 1 159 ? -8.755  -18.504 11.206  1.00 26.70 ? 159  GLY A O   1 
ATOM   1126 N N   . SER A 1 160 ? -10.575 -17.769 12.273  1.00 25.77 ? 160  SER A N   1 
ATOM   1127 C CA  . SER A 1 160 ? -11.281 -17.502 11.018  1.00 26.12 ? 160  SER A CA  1 
ATOM   1128 C C   . SER A 1 160 ? -11.415 -15.993 10.799  1.00 24.93 ? 160  SER A C   1 
ATOM   1129 O O   . SER A 1 160 ? -12.261 -15.535 10.031  1.00 25.19 ? 160  SER A O   1 
ATOM   1130 C CB  . SER A 1 160 ? -12.673 -18.156 11.032  1.00 28.05 ? 160  SER A CB  1 
ATOM   1131 O OG  . SER A 1 160 ? -13.411 -17.754 12.169  1.00 31.03 ? 160  SER A OG  1 
ATOM   1132 N N   . VAL A 1 161 ? -10.584 -15.228 11.498  1.00 21.83 ? 161  VAL A N   1 
ATOM   1133 C CA  . VAL A 1 161 ? -10.597 -13.770 11.396  1.00 21.72 ? 161  VAL A CA  1 
ATOM   1134 C C   . VAL A 1 161 ? -10.134 -13.341 10.007  1.00 22.14 ? 161  VAL A C   1 
ATOM   1135 O O   . VAL A 1 161 ? -9.187  -13.908 9.457   1.00 19.97 ? 161  VAL A O   1 
ATOM   1136 C CB  . VAL A 1 161 ? -9.654  -13.151 12.457  1.00 21.62 ? 161  VAL A CB  1 
ATOM   1137 C CG1 . VAL A 1 161 ? -9.599  -11.625 12.307  1.00 19.80 ? 161  VAL A CG1 1 
ATOM   1138 C CG2 . VAL A 1 161 ? -10.126 -13.530 13.847  1.00 22.03 ? 161  VAL A CG2 1 
ATOM   1139 N N   . GLN A 1 162 ? -10.806 -12.345 9.432   1.00 22.85 ? 162  GLN A N   1 
ATOM   1140 C CA  . GLN A 1 162 ? -10.415 -11.867 8.112   1.00 22.72 ? 162  GLN A CA  1 
ATOM   1141 C C   . GLN A 1 162 ? -8.949  -11.451 8.194   1.00 22.21 ? 162  GLN A C   1 
ATOM   1142 O O   . GLN A 1 162 ? -8.569  -10.707 9.091   1.00 22.88 ? 162  GLN A O   1 
ATOM   1143 C CB  . GLN A 1 162 ? -11.259 -10.660 7.701   1.00 23.88 ? 162  GLN A CB  1 
ATOM   1144 C CG  . GLN A 1 162 ? -10.971 -10.193 6.278   1.00 23.41 ? 162  GLN A CG  1 
ATOM   1145 C CD  . GLN A 1 162 ? -11.911 -9.100  5.840   1.00 24.83 ? 162  GLN A CD  1 
ATOM   1146 O OE1 . GLN A 1 162 ? -13.097 -9.122  6.179   1.00 27.02 ? 162  GLN A OE1 1 
ATOM   1147 N NE2 . GLN A 1 162 ? -11.396 -8.138  5.079   1.00 25.01 ? 162  GLN A NE2 1 
ATOM   1148 N N   . THR A 1 163 ? -8.132  -11.922 7.260   1.00 22.80 ? 163  THR A N   1 
ATOM   1149 C CA  . THR A 1 163 ? -6.707  -11.596 7.276   1.00 22.42 ? 163  THR A CA  1 
ATOM   1150 C C   . THR A 1 163 ? -6.292  -10.589 6.223   1.00 21.72 ? 163  THR A C   1 
ATOM   1151 O O   . THR A 1 163 ? -5.248  -9.949  6.354   1.00 21.11 ? 163  THR A O   1 
ATOM   1152 C CB  . THR A 1 163 ? -5.845  -12.832 6.988   1.00 24.03 ? 163  THR A CB  1 
ATOM   1153 O OG1 . THR A 1 163 ? -6.028  -13.202 5.610   1.00 24.36 ? 163  THR A OG1 1 
ATOM   1154 C CG2 . THR A 1 163 ? -6.233  -13.993 7.902   1.00 22.33 ? 163  THR A CG2 1 
ATOM   1155 N N   . THR A 1 164 ? -7.099  -10.453 5.172   1.00 21.60 ? 164  THR A N   1 
ATOM   1156 C CA  . THR A 1 164 ? -6.734  -9.582  4.065   1.00 22.50 ? 164  THR A CA  1 
ATOM   1157 C C   . THR A 1 164 ? -7.626  -8.384  3.730   1.00 21.73 ? 164  THR A C   1 
ATOM   1158 O O   . THR A 1 164 ? -8.856  -8.464  3.806   1.00 22.56 ? 164  THR A O   1 
ATOM   1159 C CB  . THR A 1 164 ? -6.585  -10.439 2.778   1.00 21.85 ? 164  THR A CB  1 
ATOM   1160 O OG1 . THR A 1 164 ? -5.762  -11.582 3.062   1.00 24.48 ? 164  THR A OG1 1 
ATOM   1161 C CG2 . THR A 1 164 ? -5.932  -9.638  1.658   1.00 23.61 ? 164  THR A CG2 1 
ATOM   1162 N N   . VAL A 1 165 ? -6.986  -7.272  3.363   1.00 20.43 ? 165  VAL A N   1 
ATOM   1163 C CA  . VAL A 1 165 ? -7.712  -6.081  2.925   1.00 20.06 ? 165  VAL A CA  1 
ATOM   1164 C C   . VAL A 1 165 ? -7.141  -5.689  1.567   1.00 20.28 ? 165  VAL A C   1 
ATOM   1165 O O   . VAL A 1 165 ? -5.988  -6.014  1.256   1.00 20.42 ? 165  VAL A O   1 
ATOM   1166 C CB  . VAL A 1 165 ? -7.618  -4.895  3.926   1.00 19.50 ? 165  VAL A CB  1 
ATOM   1167 C CG1 . VAL A 1 165 ? -8.320  -5.279  5.238   1.00 19.49 ? 165  VAL A CG1 1 
ATOM   1168 C CG2 . VAL A 1 165 ? -6.179  -4.503  4.181   1.00 21.02 ? 165  VAL A CG2 1 
ATOM   1169 N N   . ASN A 1 166 ? -7.957  -5.014  0.757   1.00 19.92 ? 166  ASN A N   1 
ATOM   1170 C CA  . ASN A 1 166 ? -7.573  -4.606  -0.588  1.00 19.91 ? 166  ASN A CA  1 
ATOM   1171 C C   . ASN A 1 166 ? -7.487  -3.099  -0.769  1.00 19.13 ? 166  ASN A C   1 
ATOM   1172 O O   . ASN A 1 166 ? -8.118  -2.341  -0.037  1.00 18.81 ? 166  ASN A O   1 
ATOM   1173 C CB  . ASN A 1 166 ? -8.572  -5.182  -1.601  1.00 20.63 ? 166  ASN A CB  1 
ATOM   1174 C CG  . ASN A 1 166 ? -8.831  -6.652  -1.370  1.00 23.88 ? 166  ASN A CG  1 
ATOM   1175 O OD1 . ASN A 1 166 ? -7.891  -7.448  -1.257  1.00 23.29 ? 166  ASN A OD1 1 
ATOM   1176 N ND2 . ASN A 1 166 ? -10.115 -7.029  -1.285  1.00 24.65 ? 166  ASN A ND2 1 
ATOM   1177 N N   . PHE A 1 167 ? -6.718  -2.683  -1.768  1.00 19.35 ? 167  PHE A N   1 
ATOM   1178 C CA  . PHE A 1 167 ? -6.521  -1.266  -2.068  1.00 20.40 ? 167  PHE A CA  1 
ATOM   1179 C C   . PHE A 1 167 ? -6.730  -0.948  -3.536  1.00 21.59 ? 167  PHE A C   1 
ATOM   1180 O O   . PHE A 1 167 ? -6.283  -1.688  -4.419  1.00 22.52 ? 167  PHE A O   1 
ATOM   1181 C CB  . PHE A 1 167 ? -5.104  -0.839  -1.666  1.00 19.01 ? 167  PHE A CB  1 
ATOM   1182 C CG  . PHE A 1 167 ? -4.793  -1.131  -0.246  1.00 18.61 ? 167  PHE A CG  1 
ATOM   1183 C CD1 . PHE A 1 167 ? -5.191  -0.253  0.760   1.00 17.02 ? 167  PHE A CD1 1 
ATOM   1184 C CD2 . PHE A 1 167 ? -4.197  -2.343  0.109   1.00 18.55 ? 167  PHE A CD2 1 
ATOM   1185 C CE1 . PHE A 1 167 ? -5.007  -0.580  2.099   1.00 19.16 ? 167  PHE A CE1 1 
ATOM   1186 C CE2 . PHE A 1 167 ? -4.011  -2.678  1.438   1.00 18.05 ? 167  PHE A CE2 1 
ATOM   1187 C CZ  . PHE A 1 167 ? -4.417  -1.797  2.444   1.00 18.21 ? 167  PHE A CZ  1 
ATOM   1188 N N   . SER A 1 168 ? -7.414  0.166   -3.771  1.00 21.58 ? 168  SER A N   1 
ATOM   1189 C CA  . SER A 1 168 ? -7.681  0.651   -5.115  1.00 23.19 ? 168  SER A CA  1 
ATOM   1190 C C   . SER A 1 168 ? -7.165  2.074   -5.222  1.00 22.81 ? 168  SER A C   1 
ATOM   1191 O O   . SER A 1 168 ? -7.350  2.893   -4.317  1.00 22.15 ? 168  SER A O   1 
ATOM   1192 C CB  . SER A 1 168 ? -9.182  0.648   -5.413  1.00 24.77 ? 168  SER A CB  1 
ATOM   1193 O OG  . SER A 1 168 ? -9.706  -0.662  -5.334  1.00 30.35 ? 168  SER A OG  1 
ATOM   1194 N N   . LEU A 1 169 ? -6.514  2.358   -6.336  1.00 22.44 ? 169  LEU A N   1 
ATOM   1195 C CA  . LEU A 1 169 ? -5.988  3.684   -6.606  1.00 23.23 ? 169  LEU A CA  1 
ATOM   1196 C C   . LEU A 1 169 ? -7.144  4.570   -7.087  1.00 23.93 ? 169  LEU A C   1 
ATOM   1197 O O   . LEU A 1 169 ? -7.831  4.223   -8.056  1.00 25.14 ? 169  LEU A O   1 
ATOM   1198 C CB  . LEU A 1 169 ? -4.951  3.598   -7.712  1.00 22.13 ? 169  LEU A CB  1 
ATOM   1199 C CG  . LEU A 1 169 ? -4.288  4.909   -8.120  1.00 23.99 ? 169  LEU A CG  1 
ATOM   1200 C CD1 . LEU A 1 169 ? -3.282  5.304   -7.036  1.00 23.49 ? 169  LEU A CD1 1 
ATOM   1201 C CD2 . LEU A 1 169 ? -3.610  4.739   -9.478  1.00 24.57 ? 169  LEU A CD2 1 
ATOM   1202 N N   . ASN A 1 170 ? -7.382  5.688   -6.412  1.00 22.94 ? 170  ASN A N   1 
ATOM   1203 C CA  . ASN A 1 170 ? -8.442  6.583   -6.863  1.00 23.76 ? 170  ASN A CA  1 
ATOM   1204 C C   . ASN A 1 170 ? -7.971  7.251   -8.153  1.00 23.66 ? 170  ASN A C   1 
ATOM   1205 O O   . ASN A 1 170 ? -6.774  7.396   -8.389  1.00 22.68 ? 170  ASN A O   1 
ATOM   1206 C CB  . ASN A 1 170 ? -8.753  7.652   -5.814  1.00 23.93 ? 170  ASN A CB  1 
ATOM   1207 C CG  . ASN A 1 170 ? -10.012 7.341   -5.027  1.00 24.69 ? 170  ASN A CG  1 
ATOM   1208 O OD1 . ASN A 1 170 ? -10.889 6.633   -5.512  1.00 25.44 ? 170  ASN A OD1 1 
ATOM   1209 N ND2 . ASN A 1 170 ? -10.116 7.886   -3.820  1.00 24.51 ? 170  ASN A ND2 1 
ATOM   1210 N N   . PRO A 1 171 ? -8.907  7.688   -9.000  1.00 24.07 ? 171  PRO A N   1 
ATOM   1211 C CA  . PRO A 1 171 ? -8.474  8.328   -10.242 1.00 24.35 ? 171  PRO A CA  1 
ATOM   1212 C C   . PRO A 1 171 ? -7.711  9.620   -9.936  1.00 23.66 ? 171  PRO A C   1 
ATOM   1213 O O   . PRO A 1 171 ? -7.981  10.269  -8.924  1.00 23.73 ? 171  PRO A O   1 
ATOM   1214 C CB  . PRO A 1 171 ? -9.791  8.634   -10.964 1.00 25.00 ? 171  PRO A CB  1 
ATOM   1215 C CG  . PRO A 1 171 ? -10.842 7.858   -10.214 1.00 28.08 ? 171  PRO A CG  1 
ATOM   1216 C CD  . PRO A 1 171 ? -10.361 7.810   -8.810  1.00 25.80 ? 171  PRO A CD  1 
ATOM   1217 N N   . PHE A 1 172 ? -6.757  9.975   -10.792 1.00 24.19 ? 172  PHE A N   1 
ATOM   1218 C CA  . PHE A 1 172 ? -6.020  11.225  -10.630 1.00 25.16 ? 172  PHE A CA  1 
ATOM   1219 C C   . PHE A 1 172 ? -5.507  11.735  -11.971 1.00 25.79 ? 172  PHE A C   1 
ATOM   1220 O O   . PHE A 1 172 ? -5.521  11.027  -12.986 1.00 25.72 ? 172  PHE A O   1 
ATOM   1221 C CB  . PHE A 1 172 ? -4.873  11.101  -9.594  1.00 25.22 ? 172  PHE A CB  1 
ATOM   1222 C CG  . PHE A 1 172 ? -3.733  10.195  -10.010 1.00 26.01 ? 172  PHE A CG  1 
ATOM   1223 C CD1 . PHE A 1 172 ? -2.912  10.521  -11.084 1.00 26.89 ? 172  PHE A CD1 1 
ATOM   1224 C CD2 . PHE A 1 172 ? -3.474  9.019   -9.305  1.00 26.49 ? 172  PHE A CD2 1 
ATOM   1225 C CE1 . PHE A 1 172 ? -1.853  9.696   -11.454 1.00 27.32 ? 172  PHE A CE1 1 
ATOM   1226 C CE2 . PHE A 1 172 ? -2.417  8.184   -9.664  1.00 25.85 ? 172  PHE A CE2 1 
ATOM   1227 C CZ  . PHE A 1 172 ? -1.604  8.525   -10.743 1.00 27.75 ? 172  PHE A CZ  1 
ATOM   1228 N N   . THR A 1 173 ? -5.086  12.988  -11.978 1.00 25.84 ? 173  THR A N   1 
ATOM   1229 C CA  . THR A 1 173 ? -4.580  13.602  -13.183 1.00 26.67 ? 173  THR A CA  1 
ATOM   1230 C C   . THR A 1 173 ? -3.216  14.203  -12.909 1.00 27.12 ? 173  THR A C   1 
ATOM   1231 O O   . THR A 1 173 ? -2.980  14.782  -11.842 1.00 26.81 ? 173  THR A O   1 
ATOM   1232 C CB  . THR A 1 173 ? -5.516  14.723  -13.662 1.00 27.87 ? 173  THR A CB  1 
ATOM   1233 O OG1 . THR A 1 173 ? -6.779  14.160  -14.044 1.00 30.00 ? 173  THR A OG1 1 
ATOM   1234 C CG2 . THR A 1 173 ? -4.906  15.453  -14.839 1.00 27.53 ? 173  THR A CG2 1 
ATOM   1235 N N   . LEU A 1 174 ? -2.318  14.035  -13.871 1.00 27.59 ? 174  LEU A N   1 
ATOM   1236 C CA  . LEU A 1 174 ? -0.980  14.581  -13.774 1.00 28.83 ? 174  LEU A CA  1 
ATOM   1237 C C   . LEU A 1 174 ? -0.886  15.702  -14.790 1.00 29.82 ? 174  LEU A C   1 
ATOM   1238 O O   . LEU A 1 174 ? -1.240  15.527  -15.956 1.00 28.71 ? 174  LEU A O   1 
ATOM   1239 C CB  . LEU A 1 174 ? 0.075   13.510  -14.090 1.00 28.90 ? 174  LEU A CB  1 
ATOM   1240 C CG  . LEU A 1 174 ? 0.095   12.238  -13.228 1.00 27.27 ? 174  LEU A CG  1 
ATOM   1241 C CD1 . LEU A 1 174 ? 1.286   11.379  -13.635 1.00 27.27 ? 174  LEU A CD1 1 
ATOM   1242 C CD2 . LEU A 1 174 ? 0.186   12.598  -11.743 1.00 27.65 ? 174  LEU A CD2 1 
ATOM   1243 N N   . ASN A 1 175 ? -0.435  16.858  -14.333 1.00 32.53 ? 175  ASN A N   1 
ATOM   1244 C CA  . ASN A 1 175 ? -0.270  18.013  -15.198 1.00 36.82 ? 175  ASN A CA  1 
ATOM   1245 C C   . ASN A 1 175 ? 1.219   18.006  -15.485 1.00 39.27 ? 175  ASN A C   1 
ATOM   1246 O O   . ASN A 1 175 ? 2.025   18.039  -14.557 1.00 38.43 ? 175  ASN A O   1 
ATOM   1247 C CB  . ASN A 1 175 ? -0.654  19.293  -14.456 1.00 37.59 ? 175  ASN A CB  1 
ATOM   1248 C CG  . ASN A 1 175 ? -2.050  19.225  -13.856 1.00 38.72 ? 175  ASN A CG  1 
ATOM   1249 O OD1 . ASN A 1 175 ? -2.254  19.562  -12.689 1.00 40.38 ? 175  ASN A OD1 1 
ATOM   1250 N ND2 . ASN A 1 175 ? -3.013  18.792  -14.650 1.00 39.68 ? 175  ASN A ND2 1 
ATOM   1251 N N   . ASP A 1 176 ? 1.594   17.948  -16.756 1.00 43.22 ? 176  ASP A N   1 
ATOM   1252 C CA  . ASP A 1 176 ? 3.013   17.913  -17.085 1.00 47.17 ? 176  ASP A CA  1 
ATOM   1253 C C   . ASP A 1 176 ? 3.590   19.275  -17.443 1.00 49.40 ? 176  ASP A C   1 
ATOM   1254 O O   . ASP A 1 176 ? 4.808   19.424  -17.553 1.00 49.80 ? 176  ASP A O   1 
ATOM   1255 C CB  . ASP A 1 176 ? 3.268   16.921  -18.222 1.00 47.94 ? 176  ASP A CB  1 
ATOM   1256 C CG  . ASP A 1 176 ? 4.749   16.670  -18.452 1.00 49.51 ? 176  ASP A CG  1 
ATOM   1257 O OD1 . ASP A 1 176 ? 5.480   16.457  -17.457 1.00 48.93 ? 176  ASP A OD1 1 
ATOM   1258 O OD2 . ASP A 1 176 ? 5.177   16.678  -19.630 1.00 50.84 ? 176  ASP A OD2 1 
ATOM   1259 N N   . THR A 1 177 ? 2.709   20.261  -17.615 1.00 52.17 ? 177  THR A N   1 
ATOM   1260 C CA  . THR A 1 177 ? 3.088   21.639  -17.952 1.00 54.39 ? 177  THR A CA  1 
ATOM   1261 C C   . THR A 1 177 ? 1.879   22.473  -18.363 1.00 55.27 ? 177  THR A C   1 
ATOM   1262 O O   . THR A 1 177 ? 0.734   22.087  -18.034 1.00 56.42 ? 177  THR A O   1 
ATOM   1263 C CB  . THR A 1 177 ? 4.134   21.718  -19.109 1.00 55.40 ? 177  THR A CB  1 
ATOM   1264 O OG1 . THR A 1 177 ? 4.019   20.564  -19.957 1.00 56.89 ? 177  THR A OG1 1 
ATOM   1265 C CG2 . THR A 1 177 ? 5.557   21.834  -18.547 1.00 55.91 ? 177  THR A CG2 1 
ATOM   1266 O OXT . THR A 1 177 ? 2.100   23.522  -18.999 1.00 56.66 ? 177  THR A OXT 1 
HETATM 1267 O O   . HOH B 2 .   ? -6.768  -13.902 23.744  1.00 33.67 ? 2001 HOH A O   1 
HETATM 1268 O O   . HOH B 2 .   ? -3.505  -13.683 21.834  1.00 27.60 ? 2002 HOH A O   1 
HETATM 1269 O O   . HOH B 2 .   ? -9.166  -14.166 18.070  1.00 35.49 ? 2003 HOH A O   1 
HETATM 1270 O O   . HOH B 2 .   ? -16.095 -0.831  -2.208  1.00 42.10 ? 2004 HOH A O   1 
HETATM 1271 O O   . HOH B 2 .   ? -13.085 -6.276  17.946  1.00 40.50 ? 2005 HOH A O   1 
HETATM 1272 O O   . HOH B 2 .   ? -12.891 -10.379 13.190  1.00 30.53 ? 2006 HOH A O   1 
HETATM 1273 O O   . HOH B 2 .   ? -14.421 1.169   -1.575  1.00 35.06 ? 2007 HOH A O   1 
HETATM 1274 O O   . HOH B 2 .   ? -10.464 8.741   -0.115  1.00 42.89 ? 2008 HOH A O   1 
HETATM 1275 O O   . HOH B 2 .   ? -15.887 -0.944  7.689   1.00 30.47 ? 2009 HOH A O   1 
HETATM 1276 O O   . HOH B 2 .   ? -14.049 1.697   2.818   1.00 37.44 ? 2010 HOH A O   1 
HETATM 1277 O O   . HOH B 2 .   ? -9.029  -0.747  6.557   1.00 31.53 ? 2011 HOH A O   1 
HETATM 1278 O O   . HOH B 2 .   ? -15.251 -2.336  2.299   1.00 33.72 ? 2012 HOH A O   1 
HETATM 1279 O O   . HOH B 2 .   ? -14.784 -6.850  -1.022  1.00 30.75 ? 2013 HOH A O   1 
HETATM 1280 O O   . HOH B 2 .   ? -10.779 -4.980  -4.533  1.00 43.11 ? 2014 HOH A O   1 
HETATM 1281 O O   . HOH B 2 .   ? -14.585 2.140   0.493   1.00 38.84 ? 2015 HOH A O   1 
HETATM 1282 O O   . HOH B 2 .   ? -11.538 2.330   3.462   1.00 28.16 ? 2016 HOH A O   1 
HETATM 1283 O O   . HOH B 2 .   ? -12.419 7.739   -2.061  1.00 42.79 ? 2017 HOH A O   1 
HETATM 1284 O O   . HOH B 2 .   ? -14.606 3.519   -2.966  1.00 38.61 ? 2018 HOH A O   1 
HETATM 1285 O O   . HOH B 2 .   ? -9.206  6.718   1.223   1.00 41.93 ? 2019 HOH A O   1 
HETATM 1286 O O   . HOH B 2 .   ? -13.215 4.622   0.091   1.00 51.79 ? 2020 HOH A O   1 
HETATM 1287 O O   . HOH B 2 .   ? -11.968 0.572   -2.924  1.00 26.66 ? 2021 HOH A O   1 
HETATM 1288 O O   . HOH B 2 .   ? -11.183 4.218   1.811   1.00 31.59 ? 2022 HOH A O   1 
HETATM 1289 O O   . HOH B 2 .   ? -11.491 11.168  -1.944  1.00 32.06 ? 2023 HOH A O   1 
HETATM 1290 O O   . HOH B 2 .   ? -10.983 15.048  -3.855  1.00 41.59 ? 2024 HOH A O   1 
HETATM 1291 O O   . HOH B 2 .   ? 2.489   9.289   11.722  1.00 42.03 ? 2025 HOH A O   1 
HETATM 1292 O O   . HOH B 2 .   ? -5.739  9.114   7.743   1.00 52.88 ? 2026 HOH A O   1 
HETATM 1293 O O   . HOH B 2 .   ? 5.209   -1.167  17.483  1.00 44.91 ? 2027 HOH A O   1 
HETATM 1294 O O   . HOH B 2 .   ? 0.985   0.133   17.062  1.00 56.85 ? 2028 HOH A O   1 
HETATM 1295 O O   . HOH B 2 .   ? -5.272  6.956   14.115  1.00 42.71 ? 2029 HOH A O   1 
HETATM 1296 O O   . HOH B 2 .   ? -9.033  17.967  -10.714 1.00 40.24 ? 2030 HOH A O   1 
HETATM 1297 O O   . HOH B 2 .   ? -5.285  11.222  -6.000  1.00 20.16 ? 2031 HOH A O   1 
HETATM 1298 O O   . HOH B 2 .   ? 1.242   18.980  -7.241  1.00 20.50 ? 2032 HOH A O   1 
HETATM 1299 O O   . HOH B 2 .   ? 0.628   23.686  -10.638 1.00 24.18 ? 2033 HOH A O   1 
HETATM 1300 O O   . HOH B 2 .   ? 3.523   20.842  -7.253  1.00 33.66 ? 2034 HOH A O   1 
HETATM 1301 O O   . HOH B 2 .   ? 6.521   18.544  -13.679 1.00 41.02 ? 2035 HOH A O   1 
HETATM 1302 O O   . HOH B 2 .   ? 15.320  14.345  -18.480 1.00 54.87 ? 2036 HOH A O   1 
HETATM 1303 O O   . HOH B 2 .   ? 13.053  11.867  -7.570  1.00 49.61 ? 2037 HOH A O   1 
HETATM 1304 O O   . HOH B 2 .   ? 9.058   12.121  -4.970  1.00 34.86 ? 2038 HOH A O   1 
HETATM 1305 O O   . HOH B 2 .   ? 8.230   17.164  -3.222  1.00 35.41 ? 2039 HOH A O   1 
HETATM 1306 O O   . HOH B 2 .   ? 2.310   17.027  -5.877  1.00 36.66 ? 2040 HOH A O   1 
HETATM 1307 O O   . HOH B 2 .   ? 1.833   10.138  -2.648  1.00 23.56 ? 2041 HOH A O   1 
HETATM 1308 O O   . HOH B 2 .   ? -2.865  11.731  2.741   1.00 46.24 ? 2042 HOH A O   1 
HETATM 1309 O O   . HOH B 2 .   ? 1.577   14.944  1.800   1.00 33.39 ? 2043 HOH A O   1 
HETATM 1310 O O   . HOH B 2 .   ? 1.013   -1.188  -18.498 1.00 51.91 ? 2044 HOH A O   1 
HETATM 1311 O O   . HOH B 2 .   ? 6.353   14.060  3.929   1.00 46.98 ? 2045 HOH A O   1 
HETATM 1312 O O   . HOH B 2 .   ? -10.894 3.384   6.134   1.00 40.36 ? 2046 HOH A O   1 
HETATM 1313 O O   . HOH B 2 .   ? -5.729  7.563   4.829   1.00 25.47 ? 2047 HOH A O   1 
HETATM 1314 O O   . HOH B 2 .   ? -4.521  7.979   9.706   1.00 35.16 ? 2048 HOH A O   1 
HETATM 1315 O O   . HOH B 2 .   ? 2.620   8.467   9.096   1.00 21.58 ? 2049 HOH A O   1 
HETATM 1316 O O   . HOH B 2 .   ? -7.898  5.918   7.758   1.00 40.93 ? 2050 HOH A O   1 
HETATM 1317 O O   . HOH B 2 .   ? 3.440   -0.067  16.157  1.00 50.97 ? 2051 HOH A O   1 
HETATM 1318 O O   . HOH B 2 .   ? -12.196 1.653   8.339   1.00 33.98 ? 2052 HOH A O   1 
HETATM 1319 O O   . HOH B 2 .   ? -9.421  4.433   11.335  1.00 29.92 ? 2053 HOH A O   1 
HETATM 1320 O O   . HOH B 2 .   ? 6.971   -1.521  15.931  1.00 47.21 ? 2054 HOH A O   1 
HETATM 1321 O O   . HOH B 2 .   ? -1.626  1.283   15.273  1.00 39.46 ? 2055 HOH A O   1 
HETATM 1322 O O   . HOH B 2 .   ? -5.509  5.955   11.624  1.00 30.10 ? 2056 HOH A O   1 
HETATM 1323 O O   . HOH B 2 .   ? -8.391  6.167   15.509  1.00 33.32 ? 2057 HOH A O   1 
HETATM 1324 O O   . HOH B 2 .   ? -10.652 0.957   11.246  1.00 26.86 ? 2058 HOH A O   1 
HETATM 1325 O O   . HOH B 2 .   ? 8.973   -11.485 -6.953  1.00 38.34 ? 2059 HOH A O   1 
HETATM 1326 O O   . HOH B 2 .   ? 3.198   -8.950  -15.446 1.00 36.40 ? 2060 HOH A O   1 
HETATM 1327 O O   . HOH B 2 .   ? 7.196   -9.113  -13.951 1.00 43.41 ? 2061 HOH A O   1 
HETATM 1328 O O   . HOH B 2 .   ? 8.705   -1.637  9.639   1.00 36.13 ? 2062 HOH A O   1 
HETATM 1329 O O   . HOH B 2 .   ? -8.268  -8.711  20.483  1.00 35.48 ? 2063 HOH A O   1 
HETATM 1330 O O   . HOH B 2 .   ? 6.146   -6.561  25.020  1.00 45.82 ? 2064 HOH A O   1 
HETATM 1331 O O   . HOH B 2 .   ? -8.134  -8.393  26.064  1.00 42.60 ? 2065 HOH A O   1 
HETATM 1332 O O   . HOH B 2 .   ? 3.883   -13.196 23.005  1.00 34.75 ? 2066 HOH A O   1 
HETATM 1333 O O   . HOH B 2 .   ? 2.413   -15.157 5.485   1.00 45.50 ? 2067 HOH A O   1 
HETATM 1334 O O   . HOH B 2 .   ? -0.205  -10.493 -7.570  1.00 25.16 ? 2068 HOH A O   1 
HETATM 1335 O O   . HOH B 2 .   ? 8.736   -6.279  -16.231 1.00 40.45 ? 2069 HOH A O   1 
HETATM 1336 O O   . HOH B 2 .   ? -3.413  -16.087 8.651   1.00 32.12 ? 2070 HOH A O   1 
HETATM 1337 O O   . HOH B 2 .   ? -0.064  -17.111 22.133  1.00 42.14 ? 2071 HOH A O   1 
HETATM 1338 O O   . HOH B 2 .   ? -8.244  -23.444 12.792  0.50 43.71 ? 2072 HOH A O   1 
HETATM 1339 O O   . HOH B 2 .   ? 12.929  1.471   -16.475 1.00 36.60 ? 2073 HOH A O   1 
HETATM 1340 O O   . HOH B 2 .   ? -5.857  -17.565 8.382   1.00 33.69 ? 2074 HOH A O   1 
HETATM 1341 O O   . HOH B 2 .   ? 17.856  2.683   -10.553 1.00 34.56 ? 2075 HOH A O   1 
HETATM 1342 O O   . HOH B 2 .   ? 12.965  -4.045  -8.258  1.00 35.38 ? 2076 HOH A O   1 
HETATM 1343 O O   . HOH B 2 .   ? 12.691  4.767   -5.640  1.00 41.55 ? 2077 HOH A O   1 
HETATM 1344 O O   . HOH B 2 .   ? 7.613   0.102   -6.190  1.00 21.82 ? 2078 HOH A O   1 
HETATM 1345 O O   . HOH B 2 .   ? 10.224  -7.354  -10.241 1.00 42.02 ? 2079 HOH A O   1 
HETATM 1346 O O   . HOH B 2 .   ? -2.647  -1.700  -14.601 1.00 37.03 ? 2080 HOH A O   1 
HETATM 1347 O O   . HOH B 2 .   ? -2.544  7.785   -18.674 1.00 40.62 ? 2081 HOH A O   1 
HETATM 1348 O O   . HOH B 2 .   ? 2.787   0.999   -18.299 1.00 40.16 ? 2082 HOH A O   1 
HETATM 1349 O O   . HOH B 2 .   ? -0.367  2.350   -28.353 1.00 29.98 ? 2083 HOH A O   1 
HETATM 1350 O O   . HOH B 2 .   ? 4.829   2.504   -21.651 1.00 33.91 ? 2084 HOH A O   1 
HETATM 1351 O O   . HOH B 2 .   ? 12.062  3.099   -0.073  1.00 35.29 ? 2085 HOH A O   1 
HETATM 1352 O O   . HOH B 2 .   ? 3.839   2.521   12.690  1.00 22.12 ? 2086 HOH A O   1 
HETATM 1353 O O   . HOH B 2 .   ? 2.805   -1.963  14.601  1.00 26.46 ? 2087 HOH A O   1 
HETATM 1354 O O   . HOH B 2 .   ? 5.393   4.571   2.807   1.00 22.13 ? 2088 HOH A O   1 
HETATM 1355 O O   . HOH B 2 .   ? -3.256  9.306   4.578   1.00 28.94 ? 2089 HOH A O   1 
HETATM 1356 O O   . HOH B 2 .   ? 11.947  2.935   6.950   1.00 21.03 ? 2090 HOH A O   1 
HETATM 1357 O O   . HOH B 2 .   ? 6.861   0.044   12.691  1.00 39.23 ? 2091 HOH A O   1 
HETATM 1358 O O   . HOH B 2 .   ? 10.418  5.139   10.908  1.00 26.17 ? 2092 HOH A O   1 
HETATM 1359 O O   . HOH B 2 .   ? 11.206  0.672   5.524   1.00 27.39 ? 2093 HOH A O   1 
HETATM 1360 O O   . HOH B 2 .   ? 10.251  -4.266  5.421   1.00 34.67 ? 2094 HOH A O   1 
HETATM 1361 O O   . HOH B 2 .   ? 12.170  -3.073  -0.277  1.00 27.49 ? 2095 HOH A O   1 
HETATM 1362 O O   . HOH B 2 .   ? 11.659  -4.103  -3.142  1.00 39.79 ? 2096 HOH A O   1 
HETATM 1363 O O   . HOH B 2 .   ? 11.277  -8.562  -4.429  1.00 39.99 ? 2097 HOH A O   1 
HETATM 1364 O O   . HOH B 2 .   ? 4.020   -7.716  -4.762  1.00 22.57 ? 2098 HOH A O   1 
HETATM 1365 O O   . HOH B 2 .   ? 1.308   -13.874 -6.847  1.00 36.58 ? 2099 HOH A O   1 
HETATM 1366 O O   . HOH B 2 .   ? 4.567   -8.197  -13.631 1.00 29.22 ? 2100 HOH A O   1 
HETATM 1367 O O   . HOH B 2 .   ? 6.872   -11.384 -9.425  1.00 33.27 ? 2101 HOH A O   1 
HETATM 1368 O O   . HOH B 2 .   ? 3.481   -15.463 -2.933  1.00 31.70 ? 2102 HOH A O   1 
HETATM 1369 O O   . HOH B 2 .   ? 5.608   -15.040 -1.682  1.00 44.53 ? 2103 HOH A O   1 
HETATM 1370 O O   . HOH B 2 .   ? 9.538   -13.074 -3.515  1.00 40.51 ? 2104 HOH A O   1 
HETATM 1371 O O   . HOH B 2 .   ? 7.218   -10.124 -5.249  1.00 23.28 ? 2105 HOH A O   1 
HETATM 1372 O O   . HOH B 2 .   ? 10.072  -7.285  1.493   1.00 37.70 ? 2106 HOH A O   1 
HETATM 1373 O O   . HOH B 2 .   ? 6.521   -1.572  7.802   1.00 17.78 ? 2107 HOH A O   1 
HETATM 1374 O O   . HOH B 2 .   ? 9.875   -7.839  14.097  1.00 37.97 ? 2108 HOH A O   1 
HETATM 1375 O O   . HOH B 2 .   ? 9.526   -4.186  9.353   1.00 25.94 ? 2109 HOH A O   1 
HETATM 1376 O O   . HOH B 2 .   ? 7.236   -6.972  20.062  1.00 33.63 ? 2110 HOH A O   1 
HETATM 1377 O O   . HOH B 2 .   ? 4.338   -5.285  23.863  1.00 35.03 ? 2111 HOH A O   1 
HETATM 1378 O O   . HOH B 2 .   ? 3.869   -10.401 24.554  1.00 38.11 ? 2112 HOH A O   1 
HETATM 1379 O O   . HOH B 2 .   ? 1.748   -4.154  24.416  1.00 26.85 ? 2113 HOH A O   1 
HETATM 1380 O O   . HOH B 2 .   ? 3.543   -8.487  28.597  1.00 36.68 ? 2114 HOH A O   1 
HETATM 1381 O O   . HOH B 2 .   ? 2.698   -9.366  31.877  1.00 43.90 ? 2115 HOH A O   1 
HETATM 1382 O O   . HOH B 2 .   ? 1.333   -6.638  28.987  1.00 36.08 ? 2116 HOH A O   1 
HETATM 1383 O O   . HOH B 2 .   ? -5.755  -6.959  27.650  1.00 38.58 ? 2117 HOH A O   1 
HETATM 1384 O O   . HOH B 2 .   ? -1.463  -2.318  29.145  1.00 34.20 ? 2118 HOH A O   1 
HETATM 1385 O O   . HOH B 2 .   ? -4.118  -2.359  27.284  1.00 39.12 ? 2119 HOH A O   1 
HETATM 1386 O O   . HOH B 2 .   ? -6.345  -4.526  28.017  1.00 41.51 ? 2120 HOH A O   1 
HETATM 1387 O O   . HOH B 2 .   ? -3.859  0.934   20.350  1.00 34.49 ? 2121 HOH A O   1 
HETATM 1388 O O   . HOH B 2 .   ? 0.204   -0.684  13.674  1.00 24.95 ? 2122 HOH A O   1 
HETATM 1389 O O   . HOH B 2 .   ? 3.652   2.401   3.333   1.00 28.02 ? 2123 HOH A O   1 
HETATM 1390 O O   . HOH B 2 .   ? 9.025   8.585   -2.135  1.00 31.39 ? 2124 HOH A O   1 
HETATM 1391 O O   . HOH B 2 .   ? 11.349  13.048  -22.014 1.00 45.56 ? 2125 HOH A O   1 
HETATM 1392 O O   . HOH B 2 .   ? -4.222  10.235  -20.567 1.00 44.59 ? 2126 HOH A O   1 
HETATM 1393 O O   . HOH B 2 .   ? -8.713  7.518   -18.469 1.00 42.44 ? 2127 HOH A O   1 
HETATM 1394 O O   . HOH B 2 .   ? -6.505  4.146   -15.877 1.00 35.32 ? 2128 HOH A O   1 
HETATM 1395 O O   . HOH B 2 .   ? -11.287 1.829   -14.096 1.00 45.56 ? 2129 HOH A O   1 
HETATM 1396 O O   . HOH B 2 .   ? -8.381  -2.641  -11.621 1.00 28.24 ? 2130 HOH A O   1 
HETATM 1397 O O   . HOH B 2 .   ? -7.075  -4.837  -4.961  1.00 34.68 ? 2131 HOH A O   1 
HETATM 1398 O O   . HOH B 2 .   ? -4.056  -4.518  -10.684 1.00 37.23 ? 2132 HOH A O   1 
HETATM 1399 O O   . HOH B 2 .   ? -5.861  -6.520  -7.968  1.00 41.27 ? 2133 HOH A O   1 
HETATM 1400 O O   . HOH B 2 .   ? -4.836  -9.176  -4.077  1.00 39.51 ? 2134 HOH A O   1 
HETATM 1401 O O   . HOH B 2 .   ? 0.639   -17.412 0.189   1.00 33.77 ? 2135 HOH A O   1 
HETATM 1402 O O   . HOH B 2 .   ? -2.353  -14.438 6.907   1.00 29.35 ? 2136 HOH A O   1 
HETATM 1403 O O   . HOH B 2 .   ? 8.493   -9.719  18.068  1.00 34.51 ? 2137 HOH A O   1 
HETATM 1404 O O   . HOH B 2 .   ? -2.416  -19.667 18.983  1.00 27.43 ? 2138 HOH A O   1 
HETATM 1405 O O   . HOH B 2 .   ? -1.574  -15.403 20.356  1.00 23.87 ? 2139 HOH A O   1 
HETATM 1406 O O   . HOH B 2 .   ? 2.163   -15.248 20.294  1.00 28.17 ? 2140 HOH A O   1 
HETATM 1407 O O   . HOH B 2 .   ? -3.418  -16.955 18.996  1.00 22.15 ? 2141 HOH A O   1 
HETATM 1408 O O   . HOH B 2 .   ? -7.467  -20.874 15.098  1.00 41.15 ? 2142 HOH A O   1 
HETATM 1409 O O   . HOH B 2 .   ? -7.440  -16.233 16.830  1.00 40.27 ? 2143 HOH A O   1 
HETATM 1410 O O   . HOH B 2 .   ? -8.440  -16.579 9.233   1.00 27.34 ? 2144 HOH A O   1 
HETATM 1411 O O   . HOH B 2 .   ? -14.593 -19.551 13.360  1.00 33.51 ? 2145 HOH A O   1 
HETATM 1412 O O   . HOH B 2 .   ? -13.352 -11.213 10.626  1.00 24.73 ? 2146 HOH A O   1 
HETATM 1413 O O   . HOH B 2 .   ? -15.158 -7.588  6.630   1.00 39.71 ? 2147 HOH A O   1 
HETATM 1414 O O   . HOH B 2 .   ? -9.394  -14.133 5.616   1.00 33.42 ? 2148 HOH A O   1 
HETATM 1415 O O   . HOH B 2 .   ? -5.463  -13.404 1.287   1.00 27.00 ? 2149 HOH A O   1 
HETATM 1416 O O   . HOH B 2 .   ? -9.377  -12.476 4.039   1.00 30.66 ? 2150 HOH A O   1 
HETATM 1417 O O   . HOH B 2 .   ? -10.569 -10.367 2.470   1.00 32.81 ? 2151 HOH A O   1 
HETATM 1418 O O   . HOH B 2 .   ? -7.809  -10.201 -1.694  1.00 24.65 ? 2152 HOH A O   1 
HETATM 1419 O O   . HOH B 2 .   ? -10.184 -1.547  -2.786  1.00 25.16 ? 2153 HOH A O   1 
HETATM 1420 O O   . HOH B 2 .   ? -10.931 -1.401  -7.615  1.00 35.30 ? 2154 HOH A O   1 
HETATM 1421 O O   . HOH B 2 .   ? -9.005  -3.291  -4.950  1.00 44.04 ? 2155 HOH A O   1 
HETATM 1422 O O   . HOH B 2 .   ? -5.275  8.461   -6.318  1.00 21.35 ? 2156 HOH A O   1 
HETATM 1423 O O   . HOH B 2 .   ? -13.556 6.539   -5.263  1.00 39.50 ? 2157 HOH A O   1 
HETATM 1424 O O   . HOH B 2 .   ? -5.706  18.601  -13.620 1.00 42.45 ? 2158 HOH A O   1 
HETATM 1425 O O   . HOH B 2 .   ? 3.267   25.456  -20.358 1.00 27.07 ? 2159 HOH A O   1 
# 
